data_1U27
# 
_entry.id   1U27 
# 
_audit_conform.dict_name       mmcif_pdbx.dic 
_audit_conform.dict_version    5.376 
_audit_conform.dict_location   http://mmcif.pdb.org/dictionaries/ascii/mmcif_pdbx.dic 
# 
loop_
_database_2.database_id 
_database_2.database_code 
_database_2.pdbx_database_accession 
_database_2.pdbx_DOI 
PDB   1U27         pdb_00001u27 10.2210/pdb1u27/pdb 
RCSB  RCSB023153   ?            ?                   
WWPDB D_1000023153 ?            ?                   
# 
_pdbx_database_status.status_code                     REL 
_pdbx_database_status.entry_id                        1U27 
_pdbx_database_status.recvd_initial_deposition_date   2004-07-16 
_pdbx_database_status.deposit_site                    RCSB 
_pdbx_database_status.process_site                    RCSB 
_pdbx_database_status.status_code_sf                  REL 
_pdbx_database_status.status_code_mr                  ? 
_pdbx_database_status.SG_entry                        ? 
_pdbx_database_status.pdb_format_compatible           Y 
_pdbx_database_status.status_code_cs                  ? 
_pdbx_database_status.status_code_nmr_data            ? 
_pdbx_database_status.methods_development_category    ? 
# 
loop_
_audit_author.name 
_audit_author.pdbx_ordinal 
'Cronin, T.C.'    1 
'DiNitto, J.P.'   2 
'Czech, M.P.'     3 
'Lambright, D.G.' 4 
# 
_citation.id                        primary 
_citation.title                     
'Structural determinants of phosphoinositide selectivity in splice variants of Grp1 family PH domains' 
_citation.journal_abbrev            'Embo J.' 
_citation.journal_volume            23 
_citation.page_first                3711 
_citation.page_last                 3720 
_citation.year                      2004 
_citation.journal_id_ASTM           EMJODG 
_citation.country                   UK 
_citation.journal_id_ISSN           0261-4189 
_citation.journal_id_CSD            0897 
_citation.book_publisher            ? 
_citation.pdbx_database_id_PubMed   15359279 
_citation.pdbx_database_id_DOI      10.1038/sj.emboj.7600388 
# 
loop_
_citation_author.citation_id 
_citation_author.name 
_citation_author.ordinal 
_citation_author.identifier_ORCID 
primary 'Cronin, T.C.'    1 ? 
primary 'DiNitto, J.P.'   2 ? 
primary 'Czech, M.P.'     3 ? 
primary 'Lambright, D.G.' 4 ? 
# 
_cell.entry_id           1U27 
_cell.length_a           41.917 
_cell.length_b           56.024 
_cell.length_c           59.533 
_cell.angle_alpha        90.00 
_cell.angle_beta         90.00 
_cell.angle_gamma        90.00 
_cell.Z_PDB              4 
_cell.pdbx_unique_axis   ? 
# 
_symmetry.entry_id                         1U27 
_symmetry.space_group_name_H-M             'P 21 21 21' 
_symmetry.pdbx_full_space_group_name_H-M   ? 
_symmetry.cell_setting                     ? 
_symmetry.Int_Tables_number                19 
_symmetry.space_group_name_Hall            ? 
# 
loop_
_entity.id 
_entity.type 
_entity.src_method 
_entity.pdbx_description 
_entity.formula_weight 
_entity.pdbx_number_of_molecules 
_entity.pdbx_ec 
_entity.pdbx_mutation 
_entity.pdbx_fragment 
_entity.details 
1 polymer     man 'Cytohesin 2'                          15054.076 1  ? ? ? ? 
2 non-polymer syn 'INOSITOL-(1,3,4,5)-TETRAKISPHOSPHATE' 500.075   1  ? ? ? ? 
3 water       nat water                                  18.015    26 ? ? ? ? 
# 
_entity_name_com.entity_id   1 
_entity_name_com.name        'ARF nucleotide-binding site opener, ARNO protein, CLM2, SEC7 homolog B, msec7-2' 
# 
_entity_poly.entity_id                      1 
_entity_poly.type                           'polypeptide(L)' 
_entity_poly.nstd_linkage                   no 
_entity_poly.nstd_monomer                   no 
_entity_poly.pdbx_seq_one_letter_code       
;MGHHHHHHGSPDREGWLLKLGGGRVKTWKRRWFILTDNCLYYFEYTTDKEPRGIIPLENLSIREVDDPRKPNCFELYIPN
NKGQLIKACKTEADGRVVEGNHMVYRISAPTQEEKDEWIKSIQAAVSVD
;
_entity_poly.pdbx_seq_one_letter_code_can   
;MGHHHHHHGSPDREGWLLKLGGGRVKTWKRRWFILTDNCLYYFEYTTDKEPRGIIPLENLSIREVDDPRKPNCFELYIPN
NKGQLIKACKTEADGRVVEGNHMVYRISAPTQEEKDEWIKSIQAAVSVD
;
_entity_poly.pdbx_strand_id                 A 
_entity_poly.pdbx_target_identifier         ? 
# 
loop_
_entity_poly_seq.entity_id 
_entity_poly_seq.num 
_entity_poly_seq.mon_id 
_entity_poly_seq.hetero 
1 1   MET n 
1 2   GLY n 
1 3   HIS n 
1 4   HIS n 
1 5   HIS n 
1 6   HIS n 
1 7   HIS n 
1 8   HIS n 
1 9   GLY n 
1 10  SER n 
1 11  PRO n 
1 12  ASP n 
1 13  ARG n 
1 14  GLU n 
1 15  GLY n 
1 16  TRP n 
1 17  LEU n 
1 18  LEU n 
1 19  LYS n 
1 20  LEU n 
1 21  GLY n 
1 22  GLY n 
1 23  GLY n 
1 24  ARG n 
1 25  VAL n 
1 26  LYS n 
1 27  THR n 
1 28  TRP n 
1 29  LYS n 
1 30  ARG n 
1 31  ARG n 
1 32  TRP n 
1 33  PHE n 
1 34  ILE n 
1 35  LEU n 
1 36  THR n 
1 37  ASP n 
1 38  ASN n 
1 39  CYS n 
1 40  LEU n 
1 41  TYR n 
1 42  TYR n 
1 43  PHE n 
1 44  GLU n 
1 45  TYR n 
1 46  THR n 
1 47  THR n 
1 48  ASP n 
1 49  LYS n 
1 50  GLU n 
1 51  PRO n 
1 52  ARG n 
1 53  GLY n 
1 54  ILE n 
1 55  ILE n 
1 56  PRO n 
1 57  LEU n 
1 58  GLU n 
1 59  ASN n 
1 60  LEU n 
1 61  SER n 
1 62  ILE n 
1 63  ARG n 
1 64  GLU n 
1 65  VAL n 
1 66  ASP n 
1 67  ASP n 
1 68  PRO n 
1 69  ARG n 
1 70  LYS n 
1 71  PRO n 
1 72  ASN n 
1 73  CYS n 
1 74  PHE n 
1 75  GLU n 
1 76  LEU n 
1 77  TYR n 
1 78  ILE n 
1 79  PRO n 
1 80  ASN n 
1 81  ASN n 
1 82  LYS n 
1 83  GLY n 
1 84  GLN n 
1 85  LEU n 
1 86  ILE n 
1 87  LYS n 
1 88  ALA n 
1 89  CYS n 
1 90  LYS n 
1 91  THR n 
1 92  GLU n 
1 93  ALA n 
1 94  ASP n 
1 95  GLY n 
1 96  ARG n 
1 97  VAL n 
1 98  VAL n 
1 99  GLU n 
1 100 GLY n 
1 101 ASN n 
1 102 HIS n 
1 103 MET n 
1 104 VAL n 
1 105 TYR n 
1 106 ARG n 
1 107 ILE n 
1 108 SER n 
1 109 ALA n 
1 110 PRO n 
1 111 THR n 
1 112 GLN n 
1 113 GLU n 
1 114 GLU n 
1 115 LYS n 
1 116 ASP n 
1 117 GLU n 
1 118 TRP n 
1 119 ILE n 
1 120 LYS n 
1 121 SER n 
1 122 ILE n 
1 123 GLN n 
1 124 ALA n 
1 125 ALA n 
1 126 VAL n 
1 127 SER n 
1 128 VAL n 
1 129 ASP n 
# 
_entity_src_gen.entity_id                          1 
_entity_src_gen.pdbx_src_id                        1 
_entity_src_gen.pdbx_alt_source_flag               sample 
_entity_src_gen.pdbx_seq_type                      ? 
_entity_src_gen.pdbx_beg_seq_num                   ? 
_entity_src_gen.pdbx_end_seq_num                   ? 
_entity_src_gen.gene_src_common_name               'house mouse' 
_entity_src_gen.gene_src_genus                     Mus 
_entity_src_gen.pdbx_gene_src_gene                 'Pscd2, Sec7b' 
_entity_src_gen.gene_src_species                   ? 
_entity_src_gen.gene_src_strain                    ? 
_entity_src_gen.gene_src_tissue                    ? 
_entity_src_gen.gene_src_tissue_fraction           ? 
_entity_src_gen.gene_src_details                   ? 
_entity_src_gen.pdbx_gene_src_fragment             ? 
_entity_src_gen.pdbx_gene_src_scientific_name      'Mus musculus' 
_entity_src_gen.pdbx_gene_src_ncbi_taxonomy_id     10090 
_entity_src_gen.pdbx_gene_src_variant              ? 
_entity_src_gen.pdbx_gene_src_cell_line            ? 
_entity_src_gen.pdbx_gene_src_atcc                 ? 
_entity_src_gen.pdbx_gene_src_organ                ? 
_entity_src_gen.pdbx_gene_src_organelle            ? 
_entity_src_gen.pdbx_gene_src_cell                 ? 
_entity_src_gen.pdbx_gene_src_cellular_location    ? 
_entity_src_gen.host_org_common_name               ? 
_entity_src_gen.pdbx_host_org_scientific_name      'Escherichia coli BL21(DE3)' 
_entity_src_gen.pdbx_host_org_ncbi_taxonomy_id     469008 
_entity_src_gen.host_org_genus                     Escherichia 
_entity_src_gen.pdbx_host_org_gene                 ? 
_entity_src_gen.pdbx_host_org_organ                ? 
_entity_src_gen.host_org_species                   'Escherichia coli' 
_entity_src_gen.pdbx_host_org_tissue               ? 
_entity_src_gen.pdbx_host_org_tissue_fraction      ? 
_entity_src_gen.pdbx_host_org_strain               'BL21(DE3)' 
_entity_src_gen.pdbx_host_org_variant              ? 
_entity_src_gen.pdbx_host_org_cell_line            ? 
_entity_src_gen.pdbx_host_org_atcc                 ? 
_entity_src_gen.pdbx_host_org_culture_collection   ? 
_entity_src_gen.pdbx_host_org_cell                 ? 
_entity_src_gen.pdbx_host_org_organelle            ? 
_entity_src_gen.pdbx_host_org_cellular_location    ? 
_entity_src_gen.pdbx_host_org_vector_type          Plasmid 
_entity_src_gen.pdbx_host_org_vector               ? 
_entity_src_gen.host_org_details                   ? 
_entity_src_gen.expression_system_id               ? 
_entity_src_gen.plasmid_name                       pET15b 
_entity_src_gen.plasmid_details                    ? 
_entity_src_gen.pdbx_description                   ? 
# 
_struct_ref.id                         1 
_struct_ref.db_name                    UNP 
_struct_ref.db_code                    CYH2_MOUSE 
_struct_ref.pdbx_db_accession          P63034 
_struct_ref.entity_id                  1 
_struct_ref.pdbx_seq_one_letter_code   
;PDREGWLLKLGGGRVKTWKRRWFILTDNCLYYFEYTTDKEPRGIIPLENLSIREVDDPRKPNCFELYIPNNKGQLIKACK
TEADGRVVEGNHMVYRISAPTQEEKDEWIKSIQAAVSVD
;
_struct_ref.pdbx_align_begin           260 
_struct_ref.pdbx_db_isoform            ? 
# 
_struct_ref_seq.align_id                      1 
_struct_ref_seq.ref_id                        1 
_struct_ref_seq.pdbx_PDB_id_code              1U27 
_struct_ref_seq.pdbx_strand_id                A 
_struct_ref_seq.seq_align_beg                 11 
_struct_ref_seq.pdbx_seq_align_beg_ins_code   ? 
_struct_ref_seq.seq_align_end                 129 
_struct_ref_seq.pdbx_seq_align_end_ins_code   ? 
_struct_ref_seq.pdbx_db_accession             P63034 
_struct_ref_seq.db_align_beg                  260 
_struct_ref_seq.pdbx_db_align_beg_ins_code    ? 
_struct_ref_seq.db_align_end                  378 
_struct_ref_seq.pdbx_db_align_end_ins_code    ? 
_struct_ref_seq.pdbx_auth_seq_align_beg       260 
_struct_ref_seq.pdbx_auth_seq_align_end       378 
# 
loop_
_struct_ref_seq_dif.align_id 
_struct_ref_seq_dif.pdbx_pdb_id_code 
_struct_ref_seq_dif.mon_id 
_struct_ref_seq_dif.pdbx_pdb_strand_id 
_struct_ref_seq_dif.seq_num 
_struct_ref_seq_dif.pdbx_pdb_ins_code 
_struct_ref_seq_dif.pdbx_seq_db_name 
_struct_ref_seq_dif.pdbx_seq_db_accession_code 
_struct_ref_seq_dif.db_mon_id 
_struct_ref_seq_dif.pdbx_seq_db_seq_num 
_struct_ref_seq_dif.details 
_struct_ref_seq_dif.pdbx_auth_seq_num 
_struct_ref_seq_dif.pdbx_ordinal 
1 1U27 MET A 1  ? UNP P63034 ? ? 'cloning artifact' 250 1  
1 1U27 GLY A 2  ? UNP P63034 ? ? 'cloning artifact' 251 2  
1 1U27 HIS A 3  ? UNP P63034 ? ? 'cloning artifact' 252 3  
1 1U27 HIS A 4  ? UNP P63034 ? ? 'cloning artifact' 253 4  
1 1U27 HIS A 5  ? UNP P63034 ? ? 'cloning artifact' 254 5  
1 1U27 HIS A 6  ? UNP P63034 ? ? 'cloning artifact' 255 6  
1 1U27 HIS A 7  ? UNP P63034 ? ? 'cloning artifact' 256 7  
1 1U27 HIS A 8  ? UNP P63034 ? ? 'cloning artifact' 257 8  
1 1U27 GLY A 9  ? UNP P63034 ? ? 'cloning artifact' 258 9  
1 1U27 SER A 10 ? UNP P63034 ? ? 'cloning artifact' 259 10 
# 
loop_
_chem_comp.id 
_chem_comp.type 
_chem_comp.mon_nstd_flag 
_chem_comp.name 
_chem_comp.pdbx_synonyms 
_chem_comp.formula 
_chem_comp.formula_weight 
4IP non-polymer         . 'INOSITOL-(1,3,4,5)-TETRAKISPHOSPHATE' ? 'C6 H16 O18 P4'  500.075 
ALA 'L-peptide linking' y ALANINE                                ? 'C3 H7 N O2'     89.093  
ARG 'L-peptide linking' y ARGININE                               ? 'C6 H15 N4 O2 1' 175.209 
ASN 'L-peptide linking' y ASPARAGINE                             ? 'C4 H8 N2 O3'    132.118 
ASP 'L-peptide linking' y 'ASPARTIC ACID'                        ? 'C4 H7 N O4'     133.103 
CYS 'L-peptide linking' y CYSTEINE                               ? 'C3 H7 N O2 S'   121.158 
GLN 'L-peptide linking' y GLUTAMINE                              ? 'C5 H10 N2 O3'   146.144 
GLU 'L-peptide linking' y 'GLUTAMIC ACID'                        ? 'C5 H9 N O4'     147.129 
GLY 'peptide linking'   y GLYCINE                                ? 'C2 H5 N O2'     75.067  
HIS 'L-peptide linking' y HISTIDINE                              ? 'C6 H10 N3 O2 1' 156.162 
HOH non-polymer         . WATER                                  ? 'H2 O'           18.015  
ILE 'L-peptide linking' y ISOLEUCINE                             ? 'C6 H13 N O2'    131.173 
LEU 'L-peptide linking' y LEUCINE                                ? 'C6 H13 N O2'    131.173 
LYS 'L-peptide linking' y LYSINE                                 ? 'C6 H15 N2 O2 1' 147.195 
MET 'L-peptide linking' y METHIONINE                             ? 'C5 H11 N O2 S'  149.211 
PHE 'L-peptide linking' y PHENYLALANINE                          ? 'C9 H11 N O2'    165.189 
PRO 'L-peptide linking' y PROLINE                                ? 'C5 H9 N O2'     115.130 
SER 'L-peptide linking' y SERINE                                 ? 'C3 H7 N O3'     105.093 
THR 'L-peptide linking' y THREONINE                              ? 'C4 H9 N O3'     119.119 
TRP 'L-peptide linking' y TRYPTOPHAN                             ? 'C11 H12 N2 O2'  204.225 
TYR 'L-peptide linking' y TYROSINE                               ? 'C9 H11 N O3'    181.189 
VAL 'L-peptide linking' y VALINE                                 ? 'C5 H11 N O2'    117.146 
# 
_exptl.entry_id          1U27 
_exptl.method            'X-RAY DIFFRACTION' 
_exptl.crystals_number   1 
# 
_exptl_crystal.id                    1 
_exptl_crystal.density_meas          ? 
_exptl_crystal.density_Matthews      2.3 
_exptl_crystal.density_percent_sol   47.1 
_exptl_crystal.description           ? 
_exptl_crystal.F_000                 ? 
_exptl_crystal.preparation           ? 
# 
_exptl_crystal_grow.crystal_id      1 
_exptl_crystal_grow.method          'VAPOR DIFFUSION, HANGING DROP' 
_exptl_crystal_grow.temp            293 
_exptl_crystal_grow.temp_details    ? 
_exptl_crystal_grow.pH              6.0 
_exptl_crystal_grow.pdbx_details    'PEG 4000, sodium MES, 10% glycerol, pH 6.0, VAPOR DIFFUSION, HANGING DROP, temperature 293K' 
_exptl_crystal_grow.pdbx_pH_range   . 
# 
_diffrn.id                     1 
_diffrn.ambient_temp           100.00 
_diffrn.ambient_temp_details   ? 
_diffrn.crystal_id             1 
# 
_diffrn_detector.diffrn_id              1 
_diffrn_detector.detector               'IMAGE PLATE' 
_diffrn_detector.type                   'RIGAKU RAXIS IV' 
_diffrn_detector.pdbx_collection_date   2002-07-01 
_diffrn_detector.details                ? 
# 
_diffrn_radiation.diffrn_id                        1 
_diffrn_radiation.wavelength_id                    1 
_diffrn_radiation.pdbx_monochromatic_or_laue_m_l   M 
_diffrn_radiation.monochromator                    ? 
_diffrn_radiation.pdbx_diffrn_protocol             'SINGLE WAVELENGTH' 
_diffrn_radiation.pdbx_scattering_type             x-ray 
# 
_diffrn_radiation_wavelength.id           1 
_diffrn_radiation_wavelength.wavelength   1.54 
_diffrn_radiation_wavelength.wt           1.0 
# 
_diffrn_source.diffrn_id                   1 
_diffrn_source.source                      'ROTATING ANODE' 
_diffrn_source.type                        ? 
_diffrn_source.pdbx_synchrotron_site       ? 
_diffrn_source.pdbx_synchrotron_beamline   ? 
_diffrn_source.pdbx_wavelength             ? 
_diffrn_source.pdbx_wavelength_list        1.54 
# 
_reflns.entry_id                     1U27 
_reflns.observed_criterion_sigma_F   0 
_reflns.observed_criterion_sigma_I   -3 
_reflns.d_resolution_high            2.3 
_reflns.d_resolution_low             20.0 
_reflns.number_all                   5810 
_reflns.number_obs                   5810 
_reflns.percent_possible_obs         88.1 
_reflns.pdbx_Rmerge_I_obs            ? 
_reflns.pdbx_Rsym_value              ? 
_reflns.pdbx_netI_over_sigmaI        ? 
_reflns.B_iso_Wilson_estimate        ? 
_reflns.pdbx_redundancy              ? 
_reflns.R_free_details               ? 
_reflns.limit_h_max                  ? 
_reflns.limit_h_min                  ? 
_reflns.limit_k_max                  ? 
_reflns.limit_k_min                  ? 
_reflns.limit_l_max                  ? 
_reflns.limit_l_min                  ? 
_reflns.observed_criterion_F_max     ? 
_reflns.observed_criterion_F_min     ? 
_reflns.pdbx_chi_squared             ? 
_reflns.pdbx_scaling_rejects         ? 
_reflns.pdbx_diffrn_id               1 
_reflns.pdbx_ordinal                 1 
# 
_reflns_shell.d_res_high             2.30 
_reflns_shell.d_res_low              2.37 
_reflns_shell.percent_possible_all   99.2 
_reflns_shell.Rmerge_I_obs           ? 
_reflns_shell.pdbx_Rsym_value        ? 
_reflns_shell.meanI_over_sigI_obs    ? 
_reflns_shell.pdbx_redundancy        ? 
_reflns_shell.percent_possible_obs   ? 
_reflns_shell.number_unique_all      ? 
_reflns_shell.number_measured_all    ? 
_reflns_shell.number_measured_obs    ? 
_reflns_shell.number_unique_obs      ? 
_reflns_shell.pdbx_chi_squared       ? 
_reflns_shell.pdbx_diffrn_id         ? 
_reflns_shell.pdbx_ordinal           1 
# 
_refine.entry_id                                 1U27 
_refine.ls_d_res_high                            2.3 
_refine.ls_d_res_low                             20.0 
_refine.pdbx_ls_sigma_F                          0 
_refine.pdbx_ls_sigma_I                          0 
_refine.ls_number_reflns_all                     5810 
_refine.ls_number_reflns_obs                     5810 
_refine.ls_number_reflns_R_free                  330 
_refine.ls_percent_reflns_obs                    ? 
_refine.ls_R_factor_all                          0.2342 
_refine.ls_R_factor_obs                          0.23425 
_refine.ls_R_factor_R_work                       0.2314 
_refine.ls_R_factor_R_free                       0.2884 
_refine.ls_redundancy_reflns_obs                 ? 
_refine.pdbx_data_cutoff_high_absF               ? 
_refine.pdbx_data_cutoff_low_absF                ? 
_refine.ls_number_parameters                     ? 
_refine.ls_number_restraints                     ? 
_refine.ls_percent_reflns_R_free                 ? 
_refine.ls_R_factor_R_free_error                 ? 
_refine.ls_R_factor_R_free_error_details         ? 
_refine.pdbx_method_to_determine_struct          'MOLECULAR REPLACEMENT' 
_refine.pdbx_starting_model                      1FGY 
_refine.pdbx_ls_cross_valid_method               ? 
_refine.pdbx_R_Free_selection_details            RANDOM 
_refine.pdbx_stereochem_target_val_spec_case     ? 
_refine.pdbx_stereochemistry_target_values       'Engh & Huber' 
_refine.solvent_model_details                    ? 
_refine.solvent_model_param_bsol                 35.3169 
_refine.solvent_model_param_ksol                 0.306501 
_refine.occupancy_max                            ? 
_refine.occupancy_min                            ? 
_refine.pdbx_isotropic_thermal_model             ? 
_refine.B_iso_mean                               ? 
_refine.aniso_B[1][1]                            -30.653 
_refine.aniso_B[1][2]                            0.000 
_refine.aniso_B[1][3]                            0.000 
_refine.aniso_B[2][2]                            25.388 
_refine.aniso_B[2][3]                            0.000 
_refine.aniso_B[3][3]                            5.265 
_refine.details                                  
;Residues 377 and 388, and several atoms for residues
286, 298, 318, 331 and 336 were modeled into this 
structure with zero occupancy because they are part
of the PH domain and were not deleted or mutated.
;
_refine.B_iso_min                                ? 
_refine.B_iso_max                                ? 
_refine.correlation_coeff_Fo_to_Fc               ? 
_refine.correlation_coeff_Fo_to_Fc_free          ? 
_refine.pdbx_solvent_vdw_probe_radii             ? 
_refine.pdbx_solvent_ion_probe_radii             ? 
_refine.pdbx_solvent_shrinkage_radii             ? 
_refine.overall_SU_R_Cruickshank_DPI             ? 
_refine.overall_SU_R_free                        ? 
_refine.overall_SU_B                             ? 
_refine.overall_SU_ML                            ? 
_refine.pdbx_overall_ESU_R                       ? 
_refine.pdbx_overall_ESU_R_Free                  ? 
_refine.pdbx_data_cutoff_high_rms_absF           ? 
_refine.ls_wR_factor_R_free                      ? 
_refine.ls_wR_factor_R_work                      ? 
_refine.overall_FOM_free_R_set                   ? 
_refine.overall_FOM_work_R_set                   ? 
_refine.pdbx_refine_id                           'X-RAY DIFFRACTION' 
_refine.pdbx_diffrn_id                           1 
_refine.pdbx_TLS_residual_ADP_flag               ? 
_refine.pdbx_overall_phase_error                 ? 
_refine.pdbx_overall_SU_R_free_Cruickshank_DPI   ? 
_refine.pdbx_overall_SU_R_Blow_DPI               ? 
_refine.pdbx_overall_SU_R_free_Blow_DPI          ? 
# 
_refine_hist.pdbx_refine_id                   'X-RAY DIFFRACTION' 
_refine_hist.cycle_id                         LAST 
_refine_hist.pdbx_number_atoms_protein        977 
_refine_hist.pdbx_number_atoms_nucleic_acid   0 
_refine_hist.pdbx_number_atoms_ligand         28 
_refine_hist.number_atoms_solvent             26 
_refine_hist.number_atoms_total               1031 
_refine_hist.d_res_high                       2.3 
_refine_hist.d_res_low                        20.0 
# 
loop_
_refine_ls_restr.type 
_refine_ls_restr.dev_ideal 
_refine_ls_restr.dev_ideal_target 
_refine_ls_restr.weight 
_refine_ls_restr.number 
_refine_ls_restr.pdbx_refine_id 
_refine_ls_restr.pdbx_restraint_function 
c_angle_deg 1.4   ? ? ? 'X-RAY DIFFRACTION' ? 
c_bond_d    0.008 ? ? ? 'X-RAY DIFFRACTION' ? 
# 
loop_
_pdbx_xplor_file.serial_no 
_pdbx_xplor_file.param_file 
_pdbx_xplor_file.topol_file 
_pdbx_xplor_file.pdbx_refine_id 
1 CNS_TOPPAR:protein_rep.param ? 'X-RAY DIFFRACTION' 
2 CNS_TOPPAR:water_rep.param   ? 'X-RAY DIFFRACTION' 
3 CNS_TOPPAR:ion.param         ? 'X-RAY DIFFRACTION' 
4 ip4.param                    ? 'X-RAY DIFFRACTION' 
# 
_struct.entry_id                  1U27 
_struct.title                     'Triglycine variant of the ARNO Pleckstrin Homology Domain in complex with Ins(1,3,4,5)P4' 
_struct.pdbx_model_details        ? 
_struct.pdbx_CASP_flag            ? 
_struct.pdbx_model_type_details   ? 
# 
_struct_keywords.entry_id        1U27 
_struct_keywords.pdbx_keywords   'LIPID BINDING PROTEIN' 
_struct_keywords.text            'Pleckstrin Homology domain, lipid binding, phosphoinositide, LIPID BINDING PROTEIN' 
# 
loop_
_struct_asym.id 
_struct_asym.pdbx_blank_PDB_chainid_flag 
_struct_asym.pdbx_modified 
_struct_asym.entity_id 
_struct_asym.details 
A N N 1 ? 
B N N 2 ? 
C N N 3 ? 
# 
_struct_biol.id                    1 
_struct_biol.pdbx_parent_biol_id   ? 
_struct_biol.details               ? 
# 
_struct_conf.conf_type_id            HELX_P 
_struct_conf.id                      HELX_P1 
_struct_conf.pdbx_PDB_helix_id       1 
_struct_conf.beg_label_comp_id       THR 
_struct_conf.beg_label_asym_id       A 
_struct_conf.beg_label_seq_id        111 
_struct_conf.pdbx_beg_PDB_ins_code   ? 
_struct_conf.end_label_comp_id       SER 
_struct_conf.end_label_asym_id       A 
_struct_conf.end_label_seq_id        127 
_struct_conf.pdbx_end_PDB_ins_code   ? 
_struct_conf.beg_auth_comp_id        THR 
_struct_conf.beg_auth_asym_id        A 
_struct_conf.beg_auth_seq_id         360 
_struct_conf.end_auth_comp_id        SER 
_struct_conf.end_auth_asym_id        A 
_struct_conf.end_auth_seq_id         376 
_struct_conf.pdbx_PDB_helix_class    1 
_struct_conf.details                 ? 
_struct_conf.pdbx_PDB_helix_length   17 
# 
_struct_conf_type.id          HELX_P 
_struct_conf_type.criteria    ? 
_struct_conf_type.reference   ? 
# 
_struct_sheet.id               A 
_struct_sheet.type             ? 
_struct_sheet.number_strands   9 
_struct_sheet.details          ? 
# 
loop_
_struct_sheet_order.sheet_id 
_struct_sheet_order.range_id_1 
_struct_sheet_order.range_id_2 
_struct_sheet_order.offset 
_struct_sheet_order.sense 
A 1 2 ? anti-parallel 
A 2 3 ? anti-parallel 
A 3 4 ? anti-parallel 
A 4 5 ? anti-parallel 
A 5 6 ? anti-parallel 
A 6 7 ? anti-parallel 
A 7 8 ? anti-parallel 
A 8 9 ? anti-parallel 
# 
loop_
_struct_sheet_range.sheet_id 
_struct_sheet_range.id 
_struct_sheet_range.beg_label_comp_id 
_struct_sheet_range.beg_label_asym_id 
_struct_sheet_range.beg_label_seq_id 
_struct_sheet_range.pdbx_beg_PDB_ins_code 
_struct_sheet_range.end_label_comp_id 
_struct_sheet_range.end_label_asym_id 
_struct_sheet_range.end_label_seq_id 
_struct_sheet_range.pdbx_end_PDB_ins_code 
_struct_sheet_range.beg_auth_comp_id 
_struct_sheet_range.beg_auth_asym_id 
_struct_sheet_range.beg_auth_seq_id 
_struct_sheet_range.end_auth_comp_id 
_struct_sheet_range.end_auth_asym_id 
_struct_sheet_range.end_auth_seq_id 
A 1 SER A 61  ? GLU A 64  ? SER A 310 GLU A 313 
A 2 CYS A 73  ? TYR A 77  ? CYS A 322 TYR A 326 
A 3 VAL A 104 ? SER A 108 ? VAL A 353 SER A 357 
A 4 ARG A 13  ? LEU A 20  ? ARG A 262 LEU A 269 
A 5 TRP A 28  ? LEU A 35  ? TRP A 277 LEU A 284 
A 6 CYS A 39  ? PHE A 43  ? CYS A 288 PHE A 292 
A 7 GLY A 53  ? PRO A 56  ? GLY A 302 PRO A 305 
A 8 CYS A 89  ? THR A 91  ? CYS A 338 THR A 340 
A 9 VAL A 97  ? GLU A 99  ? VAL A 346 GLU A 348 
# 
loop_
_pdbx_struct_sheet_hbond.sheet_id 
_pdbx_struct_sheet_hbond.range_id_1 
_pdbx_struct_sheet_hbond.range_id_2 
_pdbx_struct_sheet_hbond.range_1_label_atom_id 
_pdbx_struct_sheet_hbond.range_1_label_comp_id 
_pdbx_struct_sheet_hbond.range_1_label_asym_id 
_pdbx_struct_sheet_hbond.range_1_label_seq_id 
_pdbx_struct_sheet_hbond.range_1_PDB_ins_code 
_pdbx_struct_sheet_hbond.range_1_auth_atom_id 
_pdbx_struct_sheet_hbond.range_1_auth_comp_id 
_pdbx_struct_sheet_hbond.range_1_auth_asym_id 
_pdbx_struct_sheet_hbond.range_1_auth_seq_id 
_pdbx_struct_sheet_hbond.range_2_label_atom_id 
_pdbx_struct_sheet_hbond.range_2_label_comp_id 
_pdbx_struct_sheet_hbond.range_2_label_asym_id 
_pdbx_struct_sheet_hbond.range_2_label_seq_id 
_pdbx_struct_sheet_hbond.range_2_PDB_ins_code 
_pdbx_struct_sheet_hbond.range_2_auth_atom_id 
_pdbx_struct_sheet_hbond.range_2_auth_comp_id 
_pdbx_struct_sheet_hbond.range_2_auth_asym_id 
_pdbx_struct_sheet_hbond.range_2_auth_seq_id 
A 1 2 N ARG A 63  ? N ARG A 312 O GLU A 75  ? O GLU A 324 
A 2 3 N PHE A 74  ? N PHE A 323 O ILE A 107 ? O ILE A 356 
A 3 4 O SER A 108 ? O SER A 357 N LEU A 18  ? N LEU A 267 
A 4 5 N ARG A 13  ? N ARG A 262 O LEU A 35  ? O LEU A 284 
A 5 6 N ILE A 34  ? N ILE A 283 O TYR A 41  ? O TYR A 290 
A 6 7 N LEU A 40  ? N LEU A 289 O ILE A 55  ? O ILE A 304 
A 7 8 N ILE A 54  ? N ILE A 303 O CYS A 89  ? O CYS A 338 
A 8 9 N LYS A 90  ? N LYS A 339 O VAL A 98  ? O VAL A 347 
# 
_struct_site.id                   AC1 
_struct_site.pdbx_evidence_code   Software 
_struct_site.pdbx_auth_asym_id    A 
_struct_site.pdbx_auth_comp_id    4IP 
_struct_site.pdbx_auth_seq_id     101 
_struct_site.pdbx_auth_ins_code   ? 
_struct_site.pdbx_num_residues    11 
_struct_site.details              'BINDING SITE FOR RESIDUE 4IP A 101' 
# 
loop_
_struct_site_gen.id 
_struct_site_gen.site_id 
_struct_site_gen.pdbx_num_res 
_struct_site_gen.label_comp_id 
_struct_site_gen.label_asym_id 
_struct_site_gen.label_seq_id 
_struct_site_gen.pdbx_auth_ins_code 
_struct_site_gen.auth_comp_id 
_struct_site_gen.auth_asym_id 
_struct_site_gen.auth_seq_id 
_struct_site_gen.label_atom_id 
_struct_site_gen.label_alt_id 
_struct_site_gen.symmetry 
_struct_site_gen.details 
1  AC1 11 HOH C .   ? HOH A 20  . ? 1_555 ? 
2  AC1 11 HOH C .   ? HOH A 24  . ? 1_555 ? 
3  AC1 11 LYS A 19  ? LYS A 268 . ? 1_555 ? 
4  AC1 11 GLY A 22  ? GLY A 271 . ? 1_555 ? 
5  AC1 11 THR A 27  ? THR A 276 . ? 1_555 ? 
6  AC1 11 LYS A 29  ? LYS A 278 . ? 1_555 ? 
7  AC1 11 ARG A 31  ? ARG A 280 . ? 1_555 ? 
8  AC1 11 TYR A 42  ? TYR A 291 . ? 1_555 ? 
9  AC1 11 ARG A 52  ? ARG A 301 . ? 1_555 ? 
10 AC1 11 LYS A 90  ? LYS A 339 . ? 1_555 ? 
11 AC1 11 HIS A 102 ? HIS A 351 . ? 1_555 ? 
# 
_atom_sites.entry_id                    1U27 
_atom_sites.fract_transf_matrix[1][1]   -0.01451102 
_atom_sites.fract_transf_matrix[1][2]   -0.01279744 
_atom_sites.fract_transf_matrix[1][3]   0.01395752 
_atom_sites.fract_transf_matrix[2][1]   -0.01094455 
_atom_sites.fract_transf_matrix[2][2]   -0.00268623 
_atom_sites.fract_transf_matrix[2][3]   -0.01384153 
_atom_sites.fract_transf_matrix[3][1]   0.00846625 
_atom_sites.fract_transf_matrix[3][2]   -0.01394860 
_atom_sites.fract_transf_matrix[3][3]   -0.00398728 
_atom_sites.fract_transf_vector[1]      0.367578 
_atom_sites.fract_transf_vector[2]      0.408760 
_atom_sites.fract_transf_vector[3]      0.199387 
# 
loop_
_atom_type.symbol 
C 
N 
O 
P 
S 
# 
loop_
_atom_site.group_PDB 
_atom_site.id 
_atom_site.type_symbol 
_atom_site.label_atom_id 
_atom_site.label_alt_id 
_atom_site.label_comp_id 
_atom_site.label_asym_id 
_atom_site.label_entity_id 
_atom_site.label_seq_id 
_atom_site.pdbx_PDB_ins_code 
_atom_site.Cartn_x 
_atom_site.Cartn_y 
_atom_site.Cartn_z 
_atom_site.occupancy 
_atom_site.B_iso_or_equiv 
_atom_site.pdbx_formal_charge 
_atom_site.auth_seq_id 
_atom_site.auth_comp_id 
_atom_site.auth_asym_id 
_atom_site.auth_atom_id 
_atom_site.pdbx_PDB_model_num 
ATOM   1    N N   . PRO A 1 11  ? -0.525  -15.598 -5.313  1.00 71.57 ? 260 PRO A N   1 
ATOM   2    C CA  . PRO A 1 11  ? -1.021  -14.466 -4.504  1.00 71.28 ? 260 PRO A CA  1 
ATOM   3    C C   . PRO A 1 11  ? -1.688  -14.930 -3.207  1.00 69.72 ? 260 PRO A C   1 
ATOM   4    O O   . PRO A 1 11  ? -2.636  -15.723 -3.228  1.00 69.71 ? 260 PRO A O   1 
ATOM   5    C CB  . PRO A 1 11  ? -2.002  -13.694 -5.381  1.00 71.96 ? 260 PRO A CB  1 
ATOM   6    C CG  . PRO A 1 11  ? -2.483  -14.776 -6.344  1.00 71.78 ? 260 PRO A CG  1 
ATOM   7    C CD  . PRO A 1 11  ? -1.216  -15.621 -6.616  1.00 73.10 ? 260 PRO A CD  1 
ATOM   8    N N   . ASP A 1 12  ? -1.186  -14.424 -2.083  1.00 67.29 ? 261 ASP A N   1 
ATOM   9    C CA  . ASP A 1 12  ? -1.715  -14.769 -0.768  1.00 65.53 ? 261 ASP A CA  1 
ATOM   10   C C   . ASP A 1 12  ? -2.987  -13.969 -0.477  1.00 63.12 ? 261 ASP A C   1 
ATOM   11   O O   . ASP A 1 12  ? -3.846  -14.386 0.314   1.00 61.84 ? 261 ASP A O   1 
ATOM   12   C CB  . ASP A 1 12  ? -0.668  -14.470 0.311   1.00 69.42 ? 261 ASP A CB  1 
ATOM   13   C CG  . ASP A 1 12  ? 0.654   -15.179 0.061   1.00 73.78 ? 261 ASP A CG  1 
ATOM   14   O OD1 . ASP A 1 12  ? 0.677   -16.428 0.168   1.00 75.35 ? 261 ASP A OD1 1 
ATOM   15   O OD2 . ASP A 1 12  ? 1.663   -14.492 -0.246  1.00 74.65 ? 261 ASP A OD2 1 
ATOM   16   N N   . ARG A 1 13  ? -3.107  -12.816 -1.120  1.00 58.77 ? 262 ARG A N   1 
ATOM   17   C CA  . ARG A 1 13  ? -4.259  -11.973 -0.911  1.00 54.65 ? 262 ARG A CA  1 
ATOM   18   C C   . ARG A 1 13  ? -4.344  -10.914 -1.991  1.00 52.43 ? 262 ARG A C   1 
ATOM   19   O O   . ARG A 1 13  ? -3.329  -10.395 -2.452  1.00 51.58 ? 262 ARG A O   1 
ATOM   20   C CB  . ARG A 1 13  ? -4.169  -11.327 0.478   1.00 55.59 ? 262 ARG A CB  1 
ATOM   21   C CG  . ARG A 1 13  ? -5.322  -10.409 0.832   1.00 57.15 ? 262 ARG A CG  1 
ATOM   22   C CD  . ARG A 1 13  ? -5.538  -10.363 2.321   1.00 59.77 ? 262 ARG A CD  1 
ATOM   23   N NE  . ARG A 1 13  ? -6.614  -11.264 2.706   1.00 63.23 ? 262 ARG A NE  1 
ATOM   24   C CZ  . ARG A 1 13  ? -7.907  -10.955 2.602   1.00 66.52 ? 262 ARG A CZ  1 
ATOM   25   N NH1 . ARG A 1 13  ? -8.272  -9.765  2.130   1.00 66.94 ? 262 ARG A NH1 1 
ATOM   26   N NH2 . ARG A 1 13  ? -8.841  -11.835 2.958   1.00 67.85 ? 262 ARG A NH2 1 
ATOM   27   N N   . GLU A 1 14  ? -5.567  -10.621 -2.410  1.00 49.95 ? 263 GLU A N   1 
ATOM   28   C CA  . GLU A 1 14  ? -5.812  -9.612  -3.418  1.00 48.56 ? 263 GLU A CA  1 
ATOM   29   C C   . GLU A 1 14  ? -7.164  -8.984  -3.125  1.00 48.59 ? 263 GLU A C   1 
ATOM   30   O O   . GLU A 1 14  ? -8.026  -9.623  -2.525  1.00 48.77 ? 263 GLU A O   1 
ATOM   31   C CB  . GLU A 1 14  ? -5.791  -10.232 -4.818  1.00 48.95 ? 263 GLU A CB  1 
ATOM   32   C CG  . GLU A 1 14  ? -6.506  -11.558 -4.937  1.00 51.58 ? 263 GLU A CG  1 
ATOM   33   C CD  . GLU A 1 14  ? -6.567  -12.067 -6.375  1.00 54.10 ? 263 GLU A CD  1 
ATOM   34   O OE1 . GLU A 1 14  ? -5.630  -11.806 -7.154  1.00 56.26 ? 263 GLU A OE1 1 
ATOM   35   O OE2 . GLU A 1 14  ? -7.549  -12.744 -6.735  1.00 56.42 ? 263 GLU A OE2 1 
ATOM   36   N N   . GLY A 1 15  ? -7.350  -7.731  -3.529  1.00 46.04 ? 264 GLY A N   1 
ATOM   37   C CA  . GLY A 1 15  ? -8.621  -7.080  -3.276  1.00 44.94 ? 264 GLY A CA  1 
ATOM   38   C C   . GLY A 1 15  ? -8.593  -5.584  -3.485  1.00 44.70 ? 264 GLY A C   1 
ATOM   39   O O   . GLY A 1 15  ? -7.525  -4.980  -3.599  1.00 44.38 ? 264 GLY A O   1 
ATOM   40   N N   . TRP A 1 16  ? -9.772  -4.976  -3.545  1.00 44.70 ? 265 TRP A N   1 
ATOM   41   C CA  . TRP A 1 16  ? -9.842  -3.536  -3.737  1.00 46.55 ? 265 TRP A CA  1 
ATOM   42   C C   . TRP A 1 16  ? -9.602  -2.831  -2.420  1.00 45.29 ? 265 TRP A C   1 
ATOM   43   O O   . TRP A 1 16  ? -10.056 -3.283  -1.365  1.00 44.32 ? 265 TRP A O   1 
ATOM   44   C CB  . TRP A 1 16  ? -11.203 -3.106  -4.304  1.00 47.36 ? 265 TRP A CB  1 
ATOM   45   C CG  . TRP A 1 16  ? -11.422 -3.583  -5.706  1.00 50.30 ? 265 TRP A CG  1 
ATOM   46   C CD1 . TRP A 1 16  ? -12.183 -4.648  -6.105  1.00 50.23 ? 265 TRP A CD1 1 
ATOM   47   C CD2 . TRP A 1 16  ? -10.846 -3.039  -6.895  1.00 52.37 ? 265 TRP A CD2 1 
ATOM   48   N NE1 . TRP A 1 16  ? -12.113 -4.798  -7.464  1.00 51.92 ? 265 TRP A NE1 1 
ATOM   49   C CE2 . TRP A 1 16  ? -11.297 -3.820  -7.980  1.00 53.01 ? 265 TRP A CE2 1 
ATOM   50   C CE3 . TRP A 1 16  ? -9.987  -1.960  -7.156  1.00 54.55 ? 265 TRP A CE3 1 
ATOM   51   C CZ2 . TRP A 1 16  ? -10.925 -3.565  -9.298  1.00 54.24 ? 265 TRP A CZ2 1 
ATOM   52   C CZ3 . TRP A 1 16  ? -9.613  -1.702  -8.464  1.00 55.67 ? 265 TRP A CZ3 1 
ATOM   53   C CH2 . TRP A 1 16  ? -10.082 -2.502  -9.522  1.00 55.91 ? 265 TRP A CH2 1 
ATOM   54   N N   . LEU A 1 17  ? -8.860  -1.739  -2.498  1.00 42.57 ? 266 LEU A N   1 
ATOM   55   C CA  . LEU A 1 17  ? -8.554  -0.937  -1.345  1.00 42.71 ? 266 LEU A CA  1 
ATOM   56   C C   . LEU A 1 17  ? -8.428  0.489   -1.849  1.00 43.41 ? 266 LEU A C   1 
ATOM   57   O O   . LEU A 1 17  ? -8.139  0.724   -3.023  1.00 43.26 ? 266 LEU A O   1 
ATOM   58   C CB  . LEU A 1 17  ? -7.231  -1.385  -0.724  1.00 42.86 ? 266 LEU A CB  1 
ATOM   59   C CG  . LEU A 1 17  ? -7.104  -2.799  -0.125  1.00 43.13 ? 266 LEU A CG  1 
ATOM   60   C CD1 . LEU A 1 17  ? -5.643  -3.076  0.235   1.00 42.08 ? 266 LEU A CD1 1 
ATOM   61   C CD2 . LEU A 1 17  ? -7.968  -2.941  1.118   1.00 41.25 ? 266 LEU A CD2 1 
ATOM   62   N N   . LEU A 1 18  ? -8.679  1.441   -0.973  1.00 44.77 ? 267 LEU A N   1 
ATOM   63   C CA  . LEU A 1 18  ? -8.542  2.839   -1.333  1.00 46.21 ? 267 LEU A CA  1 
ATOM   64   C C   . LEU A 1 18  ? -7.169  3.240   -0.823  1.00 46.49 ? 267 LEU A C   1 
ATOM   65   O O   . LEU A 1 18  ? -6.799  2.910   0.309   1.00 47.48 ? 267 LEU A O   1 
ATOM   66   C CB  . LEU A 1 18  ? -9.592  3.682   -0.624  1.00 49.11 ? 267 LEU A CB  1 
ATOM   67   C CG  . LEU A 1 18  ? -11.087 3.469   -0.891  1.00 51.15 ? 267 LEU A CG  1 
ATOM   68   C CD1 . LEU A 1 18  ? -11.859 4.664   -0.309  1.00 48.95 ? 267 LEU A CD1 1 
ATOM   69   C CD2 . LEU A 1 18  ? -11.347 3.375   -2.383  1.00 50.96 ? 267 LEU A CD2 1 
ATOM   70   N N   . LYS A 1 19  ? -6.414  3.940   -1.648  1.00 46.46 ? 268 LYS A N   1 
ATOM   71   C CA  . LYS A 1 19  ? -5.087  4.379   -1.249  1.00 46.71 ? 268 LYS A CA  1 
ATOM   72   C C   . LYS A 1 19  ? -4.990  5.893   -1.326  1.00 46.38 ? 268 LYS A C   1 
ATOM   73   O O   . LYS A 1 19  ? -5.524  6.501   -2.240  1.00 45.00 ? 268 LYS A O   1 
ATOM   74   C CB  . LYS A 1 19  ? -4.046  3.752   -2.166  1.00 46.65 ? 268 LYS A CB  1 
ATOM   75   C CG  . LYS A 1 19  ? -2.625  4.162   -1.849  1.00 50.59 ? 268 LYS A CG  1 
ATOM   76   C CD  . LYS A 1 19  ? -1.635  3.403   -2.726  1.00 50.97 ? 268 LYS A CD  1 
ATOM   77   C CE  . LYS A 1 19  ? -1.877  3.673   -4.203  1.00 48.99 ? 268 LYS A CE  1 
ATOM   78   N NZ  . LYS A 1 19  ? -1.708  5.121   -4.528  1.00 51.14 ? 268 LYS A NZ  1 
ATOM   79   N N   . LEU A 1 20  ? -4.309  6.504   -0.365  1.00 47.77 ? 269 LEU A N   1 
ATOM   80   C CA  . LEU A 1 20  ? -4.140  7.957   -0.334  1.00 47.68 ? 269 LEU A CA  1 
ATOM   81   C C   . LEU A 1 20  ? -2.829  8.291   -1.032  1.00 49.66 ? 269 LEU A C   1 
ATOM   82   O O   . LEU A 1 20  ? -1.794  7.686   -0.741  1.00 50.13 ? 269 LEU A O   1 
ATOM   83   C CB  . LEU A 1 20  ? -4.082  8.442   1.101   1.00 45.26 ? 269 LEU A CB  1 
ATOM   84   C CG  . LEU A 1 20  ? -4.139  9.957   1.217   1.00 45.63 ? 269 LEU A CG  1 
ATOM   85   C CD1 . LEU A 1 20  ? -5.593  10.406  1.079   1.00 42.09 ? 269 LEU A CD1 1 
ATOM   86   C CD2 . LEU A 1 20  ? -3.582  10.380  2.570   1.00 45.61 ? 269 LEU A CD2 1 
ATOM   87   N N   . GLY A 1 21  ? -2.858  9.268   -1.932  1.00 52.59 ? 270 GLY A N   1 
ATOM   88   C CA  . GLY A 1 21  ? -1.647  9.589   -2.666  1.00 56.85 ? 270 GLY A CA  1 
ATOM   89   C C   . GLY A 1 21  ? -1.079  10.995  -2.690  1.00 59.42 ? 270 GLY A C   1 
ATOM   90   O O   . GLY A 1 21  ? -0.255  11.331  -1.836  1.00 61.73 ? 270 GLY A O   1 
ATOM   91   N N   . GLY A 1 22  ? -1.502  11.776  -3.692  1.00 61.67 ? 271 GLY A N   1 
ATOM   92   C CA  . GLY A 1 22  ? -1.064  13.155  -3.922  1.00 62.09 ? 271 GLY A CA  1 
ATOM   93   C C   . GLY A 1 22  ? -0.168  13.947  -2.973  1.00 61.50 ? 271 GLY A C   1 
ATOM   94   O O   . GLY A 1 22  ? 0.236   13.494  -1.900  1.00 61.57 ? 271 GLY A O   1 
ATOM   95   N N   . GLY A 1 23  ? 0.146   15.167  -3.396  1.00 62.39 ? 272 GLY A N   1 
ATOM   96   C CA  . GLY A 1 23  ? 0.975   16.050  -2.596  1.00 62.34 ? 272 GLY A CA  1 
ATOM   97   C C   . GLY A 1 23  ? 0.136   16.987  -1.741  1.00 63.31 ? 272 GLY A C   1 
ATOM   98   O O   . GLY A 1 23  ? -0.368  16.578  -0.689  1.00 62.84 ? 272 GLY A O   1 
ATOM   99   N N   . ARG A 1 24  ? -0.029  18.232  -2.189  1.00 63.79 ? 273 ARG A N   1 
ATOM   100  C CA  . ARG A 1 24  ? -0.801  19.227  -1.440  1.00 62.99 ? 273 ARG A CA  1 
ATOM   101  C C   . ARG A 1 24  ? -2.218  18.752  -1.186  1.00 62.23 ? 273 ARG A C   1 
ATOM   102  O O   . ARG A 1 24  ? -2.704  18.802  -0.054  1.00 61.92 ? 273 ARG A O   1 
ATOM   103  C CB  . ARG A 1 24  ? -0.852  20.566  -2.180  1.00 62.73 ? 273 ARG A CB  1 
ATOM   104  C CG  . ARG A 1 24  ? -1.724  21.614  -1.480  1.00 63.21 ? 273 ARG A CG  1 
ATOM   105  C CD  . ARG A 1 24  ? -1.166  21.950  -0.110  1.00 63.02 ? 273 ARG A CD  1 
ATOM   106  N NE  . ARG A 1 24  ? -2.006  22.856  0.673   1.00 65.31 ? 273 ARG A NE  1 
ATOM   107  C CZ  . ARG A 1 24  ? -3.143  22.519  1.285   1.00 66.20 ? 273 ARG A CZ  1 
ATOM   108  N NH1 . ARG A 1 24  ? -3.613  21.277  1.209   1.00 65.54 ? 273 ARG A NH1 1 
ATOM   109  N NH2 . ARG A 1 24  ? -3.797  23.423  2.006   1.00 66.28 ? 273 ARG A NH2 1 
ATOM   110  N N   . VAL A 1 25  ? -2.889  18.321  -2.245  1.00 62.14 ? 274 VAL A N   1 
ATOM   111  C CA  . VAL A 1 25  ? -4.244  17.823  -2.101  1.00 62.51 ? 274 VAL A CA  1 
ATOM   112  C C   . VAL A 1 25  ? -4.130  16.319  -2.227  1.00 61.76 ? 274 VAL A C   1 
ATOM   113  O O   . VAL A 1 25  ? -3.713  15.816  -3.270  1.00 62.23 ? 274 VAL A O   1 
ATOM   114  C CB  . VAL A 1 25  ? -5.167  18.375  -3.198  1.00 62.30 ? 274 VAL A CB  1 
ATOM   115  C CG1 . VAL A 1 25  ? -6.592  17.912  -2.953  1.00 64.51 ? 274 VAL A CG1 1 
ATOM   116  C CG2 . VAL A 1 25  ? -5.118  19.883  -3.198  1.00 63.75 ? 274 VAL A CG2 1 
ATOM   117  N N   . LYS A 1 26  ? -4.476  15.602  -1.167  1.00 60.30 ? 275 LYS A N   1 
ATOM   118  C CA  . LYS A 1 26  ? -4.373  14.155  -1.207  1.00 61.06 ? 275 LYS A CA  1 
ATOM   119  C C   . LYS A 1 26  ? -5.722  13.517  -1.476  1.00 59.78 ? 275 LYS A C   1 
ATOM   120  O O   . LYS A 1 26  ? -6.673  13.735  -0.725  1.00 59.36 ? 275 LYS A O   1 
ATOM   121  C CB  . LYS A 1 26  ? -3.776  13.637  0.106   1.00 60.63 ? 275 LYS A CB  1 
ATOM   122  C CG  . LYS A 1 26  ? -2.369  14.158  0.362   1.00 62.90 ? 275 LYS A CG  1 
ATOM   123  C CD  . LYS A 1 26  ? -1.635  13.358  1.428   1.00 63.19 ? 275 LYS A CD  1 
ATOM   124  C CE  . LYS A 1 26  ? -0.177  13.814  1.552   1.00 63.86 ? 275 LYS A CE  1 
ATOM   125  N NZ  . LYS A 1 26  ? -0.084  15.206  2.087   1.00 64.88 ? 275 LYS A NZ  1 
ATOM   126  N N   . THR A 1 27  ? -5.797  12.727  -2.546  1.00 57.68 ? 276 THR A N   1 
ATOM   127  C CA  . THR A 1 27  ? -7.051  12.076  -2.905  1.00 57.22 ? 276 THR A CA  1 
ATOM   128  C C   . THR A 1 27  ? -6.968  10.563  -2.809  1.00 55.42 ? 276 THR A C   1 
ATOM   129  O O   . THR A 1 27  ? -5.912  9.977   -3.049  1.00 54.32 ? 276 THR A O   1 
ATOM   130  C CB  . THR A 1 27  ? -7.468  12.449  -4.340  1.00 57.52 ? 276 THR A CB  1 
ATOM   131  O OG1 . THR A 1 27  ? -6.410  12.107  -5.241  1.00 58.33 ? 276 THR A OG1 1 
ATOM   132  C CG2 . THR A 1 27  ? -7.750  13.938  -4.447  1.00 57.59 ? 276 THR A CG2 1 
ATOM   133  N N   . TRP A 1 28  ? -8.093  9.945   -2.457  1.00 53.82 ? 277 TRP A N   1 
ATOM   134  C CA  . TRP A 1 28  ? -8.172  8.501   -2.335  1.00 52.64 ? 277 TRP A CA  1 
ATOM   135  C C   . TRP A 1 28  ? -8.465  7.853   -3.674  1.00 53.62 ? 277 TRP A C   1 
ATOM   136  O O   . TRP A 1 28  ? -9.383  8.268   -4.384  1.00 55.66 ? 277 TRP A O   1 
ATOM   137  C CB  . TRP A 1 28  ? -9.268  8.096   -1.359  1.00 50.37 ? 277 TRP A CB  1 
ATOM   138  C CG  . TRP A 1 28  ? -9.013  8.512   0.052   1.00 52.27 ? 277 TRP A CG  1 
ATOM   139  C CD1 . TRP A 1 28  ? -9.346  9.701   0.628   1.00 52.12 ? 277 TRP A CD1 1 
ATOM   140  C CD2 . TRP A 1 28  ? -8.363  7.745   1.065   1.00 51.69 ? 277 TRP A CD2 1 
ATOM   141  N NE1 . TRP A 1 28  ? -8.952  9.721   1.937   1.00 52.85 ? 277 TRP A NE1 1 
ATOM   142  C CE2 . TRP A 1 28  ? -8.344  8.528   2.236   1.00 52.95 ? 277 TRP A CE2 1 
ATOM   143  C CE3 . TRP A 1 28  ? -7.801  6.464   1.106   1.00 50.94 ? 277 TRP A CE3 1 
ATOM   144  C CZ2 . TRP A 1 28  ? -7.779  8.082   3.430   1.00 51.35 ? 277 TRP A CZ2 1 
ATOM   145  C CZ3 . TRP A 1 28  ? -7.242  6.017   2.294   1.00 50.69 ? 277 TRP A CZ3 1 
ATOM   146  C CH2 . TRP A 1 28  ? -7.237  6.821   3.438   1.00 53.29 ? 277 TRP A CH2 1 
ATOM   147  N N   . LYS A 1 29  ? -7.683  6.836   -4.018  1.00 51.94 ? 278 LYS A N   1 
ATOM   148  C CA  . LYS A 1 29  ? -7.877  6.108   -5.259  1.00 51.17 ? 278 LYS A CA  1 
ATOM   149  C C   . LYS A 1 29  ? -8.166  4.627   -4.954  1.00 50.18 ? 278 LYS A C   1 
ATOM   150  O O   . LYS A 1 29  ? -7.592  4.029   -4.031  1.00 48.35 ? 278 LYS A O   1 
ATOM   151  C CB  . LYS A 1 29  ? -6.642  6.249   -6.154  1.00 51.51 ? 278 LYS A CB  1 
ATOM   152  C CG  . LYS A 1 29  ? -6.462  7.619   -6.779  1.00 55.54 ? 278 LYS A CG  1 
ATOM   153  C CD  . LYS A 1 29  ? -7.538  7.897   -7.843  1.00 59.93 ? 278 LYS A CD  1 
ATOM   154  C CE  . LYS A 1 29  ? -7.216  9.137   -8.696  1.00 61.59 ? 278 LYS A CE  1 
ATOM   155  N NZ  . LYS A 1 29  ? -7.250  10.416  -7.922  1.00 64.70 ? 278 LYS A NZ  1 
ATOM   156  N N   . ARG A 1 30  ? -9.090  4.061   -5.718  1.00 49.55 ? 279 ARG A N   1 
ATOM   157  C CA  . ARG A 1 30  ? -9.462  2.672   -5.565  1.00 49.12 ? 279 ARG A CA  1 
ATOM   158  C C   . ARG A 1 30  ? -8.462  1.896   -6.399  1.00 47.32 ? 279 ARG A C   1 
ATOM   159  O O   . ARG A 1 30  ? -8.348  2.098   -7.603  1.00 45.89 ? 279 ARG A O   1 
ATOM   160  C CB  . ARG A 1 30  ? -10.895 2.448   -6.070  1.00 50.71 ? 279 ARG A CB  1 
ATOM   161  C CG  . ARG A 1 30  ? -11.376 1.003   -6.052  1.00 55.37 ? 279 ARG A CG  1 
ATOM   162  C CD  . ARG A 1 30  ? -12.908 0.961   -6.065  1.00 58.74 ? 279 ARG A CD  1 
ATOM   163  N NE  . ARG A 1 30  ? -13.457 -0.364  -6.371  1.00 60.71 ? 279 ARG A NE  1 
ATOM   164  C CZ  . ARG A 1 30  ? -13.364 -0.962  -7.560  1.00 63.18 ? 279 ARG A CZ  1 
ATOM   165  N NH1 . ARG A 1 30  ? -12.733 -0.362  -8.576  1.00 64.49 ? 279 ARG A NH1 1 
ATOM   166  N NH2 . ARG A 1 30  ? -13.921 -2.154  -7.745  1.00 63.61 ? 279 ARG A NH2 1 
ATOM   167  N N   . ARG A 1 31  ? -7.728  1.005   -5.750  1.00 45.25 ? 280 ARG A N   1 
ATOM   168  C CA  . ARG A 1 31  ? -6.730  0.202   -6.435  1.00 43.87 ? 280 ARG A CA  1 
ATOM   169  C C   . ARG A 1 31  ? -6.869  -1.274  -6.068  1.00 41.90 ? 280 ARG A C   1 
ATOM   170  O O   . ARG A 1 31  ? -7.387  -1.621  -4.988  1.00 41.49 ? 280 ARG A O   1 
ATOM   171  C CB  . ARG A 1 31  ? -5.338  0.708   -6.065  1.00 44.74 ? 280 ARG A CB  1 
ATOM   172  C CG  . ARG A 1 31  ? -5.052  2.127   -6.537  1.00 44.43 ? 280 ARG A CG  1 
ATOM   173  C CD  . ARG A 1 31  ? -4.754  2.136   -8.027  1.00 47.81 ? 280 ARG A CD  1 
ATOM   174  N NE  . ARG A 1 31  ? -4.582  3.485   -8.558  1.00 49.01 ? 280 ARG A NE  1 
ATOM   175  C CZ  . ARG A 1 31  ? -5.559  4.200   -9.114  1.00 50.12 ? 280 ARG A CZ  1 
ATOM   176  N NH1 . ARG A 1 31  ? -6.788  3.699   -9.218  1.00 50.90 ? 280 ARG A NH1 1 
ATOM   177  N NH2 . ARG A 1 31  ? -5.318  5.420   -9.566  1.00 48.59 ? 280 ARG A NH2 1 
ATOM   178  N N   . TRP A 1 32  ? -6.421  -2.129  -6.984  1.00 40.45 ? 281 TRP A N   1 
ATOM   179  C CA  . TRP A 1 32  ? -6.469  -3.578  -6.799  1.00 39.48 ? 281 TRP A CA  1 
ATOM   180  C C   . TRP A 1 32  ? -5.134  -4.032  -6.243  1.00 38.86 ? 281 TRP A C   1 
ATOM   181  O O   . TRP A 1 32  ? -4.108  -3.973  -6.939  1.00 37.04 ? 281 TRP A O   1 
ATOM   182  C CB  . TRP A 1 32  ? -6.739  -4.255  -8.138  1.00 41.67 ? 281 TRP A CB  1 
ATOM   183  C CG  . TRP A 1 32  ? -6.735  -5.735  -8.081  1.00 44.35 ? 281 TRP A CG  1 
ATOM   184  C CD1 . TRP A 1 32  ? -5.760  -6.573  -8.558  1.00 45.50 ? 281 TRP A CD1 1 
ATOM   185  C CD2 . TRP A 1 32  ? -7.761  -6.579  -7.542  1.00 45.40 ? 281 TRP A CD2 1 
ATOM   186  N NE1 . TRP A 1 32  ? -6.121  -7.895  -8.355  1.00 47.69 ? 281 TRP A NE1 1 
ATOM   187  C CE2 . TRP A 1 32  ? -7.347  -7.929  -7.732  1.00 46.51 ? 281 TRP A CE2 1 
ATOM   188  C CE3 . TRP A 1 32  ? -8.996  -6.333  -6.917  1.00 46.13 ? 281 TRP A CE3 1 
ATOM   189  C CZ2 . TRP A 1 32  ? -8.117  -9.027  -7.320  1.00 45.51 ? 281 TRP A CZ2 1 
ATOM   190  C CZ3 . TRP A 1 32  ? -9.769  -7.422  -6.504  1.00 44.69 ? 281 TRP A CZ3 1 
ATOM   191  C CH2 . TRP A 1 32  ? -9.320  -8.757  -6.711  1.00 46.99 ? 281 TRP A CH2 1 
ATOM   192  N N   . PHE A 1 33  ? -5.132  -4.454  -4.980  1.00 38.48 ? 282 PHE A N   1 
ATOM   193  C CA  . PHE A 1 33  ? -3.894  -4.883  -4.342  1.00 38.33 ? 282 PHE A CA  1 
ATOM   194  C C   . PHE A 1 33  ? -3.648  -6.375  -4.395  1.00 40.20 ? 282 PHE A C   1 
ATOM   195  O O   . PHE A 1 33  ? -4.560  -7.187  -4.229  1.00 39.51 ? 282 PHE A O   1 
ATOM   196  C CB  . PHE A 1 33  ? -3.844  -4.432  -2.884  1.00 37.48 ? 282 PHE A CB  1 
ATOM   197  C CG  . PHE A 1 33  ? -3.600  -2.969  -2.726  1.00 40.07 ? 282 PHE A CG  1 
ATOM   198  C CD1 . PHE A 1 33  ? -4.639  -2.042  -2.915  1.00 38.74 ? 282 PHE A CD1 1 
ATOM   199  C CD2 . PHE A 1 33  ? -2.322  -2.501  -2.407  1.00 38.89 ? 282 PHE A CD2 1 
ATOM   200  C CE1 . PHE A 1 33  ? -4.400  -0.668  -2.785  1.00 40.63 ? 282 PHE A CE1 1 
ATOM   201  C CE2 . PHE A 1 33  ? -2.073  -1.108  -2.275  1.00 39.00 ? 282 PHE A CE2 1 
ATOM   202  C CZ  . PHE A 1 33  ? -3.105  -0.201  -2.461  1.00 36.68 ? 282 PHE A CZ  1 
ATOM   203  N N   . ILE A 1 34  ? -2.396  -6.728  -4.648  1.00 40.99 ? 283 ILE A N   1 
ATOM   204  C CA  . ILE A 1 34  ? -1.994  -8.121  -4.684  1.00 43.31 ? 283 ILE A CA  1 
ATOM   205  C C   . ILE A 1 34  ? -0.792  -8.279  -3.754  1.00 44.80 ? 283 ILE A C   1 
ATOM   206  O O   . ILE A 1 34  ? 0.279   -7.711  -4.009  1.00 43.93 ? 283 ILE A O   1 
ATOM   207  C CB  . ILE A 1 34  ? -1.600  -8.574  -6.114  1.00 44.06 ? 283 ILE A CB  1 
ATOM   208  C CG1 . ILE A 1 34  ? -2.822  -8.490  -7.025  1.00 44.26 ? 283 ILE A CG1 1 
ATOM   209  C CG2 . ILE A 1 34  ? -1.090  -10.014 -6.095  1.00 40.03 ? 283 ILE A CG2 1 
ATOM   210  C CD1 . ILE A 1 34  ? -2.564  -8.850  -8.474  1.00 43.14 ? 283 ILE A CD1 1 
ATOM   211  N N   . LEU A 1 35  ? -0.991  -9.021  -2.661  1.00 46.80 ? 284 LEU A N   1 
ATOM   212  C CA  . LEU A 1 35  ? 0.077   -9.284  -1.699  1.00 49.58 ? 284 LEU A CA  1 
ATOM   213  C C   . LEU A 1 35  ? 0.785   -10.548 -2.171  1.00 53.77 ? 284 LEU A C   1 
ATOM   214  O O   . LEU A 1 35  ? 0.173   -11.612 -2.273  1.00 51.85 ? 284 LEU A O   1 
ATOM   215  C CB  . LEU A 1 35  ? -0.488  -9.506  -0.292  1.00 47.04 ? 284 LEU A CB  1 
ATOM   216  C CG  . LEU A 1 35  ? 0.495   -10.054 0.759   1.00 47.11 ? 284 LEU A CG  1 
ATOM   217  C CD1 . LEU A 1 35  ? 1.649   -9.094  0.964   1.00 43.51 ? 284 LEU A CD1 1 
ATOM   218  C CD2 . LEU A 1 35  ? -0.242  -10.287 2.072   1.00 46.22 ? 284 LEU A CD2 1 
ATOM   219  N N   . THR A 1 36  ? 2.070   -10.437 -2.475  1.00 57.98 ? 285 THR A N   1 
ATOM   220  C CA  . THR A 1 36  ? 2.792   -11.603 -2.948  1.00 61.79 ? 285 THR A CA  1 
ATOM   221  C C   . THR A 1 36  ? 4.273   -11.599 -2.578  1.00 64.13 ? 285 THR A C   1 
ATOM   222  O O   . THR A 1 36  ? 5.078   -10.849 -3.134  1.00 65.55 ? 285 THR A O   1 
ATOM   223  C CB  . THR A 1 36  ? 2.602   -11.764 -4.485  1.00 62.85 ? 285 THR A CB  1 
ATOM   224  O OG1 . THR A 1 36  ? 3.010   -13.073 -4.889  1.00 64.78 ? 285 THR A OG1 1 
ATOM   225  C CG2 . THR A 1 36  ? 3.413   -10.750 -5.248  1.00 63.44 ? 285 THR A CG2 1 
ATOM   226  N N   . ASP A 1 37  ? 4.606   -12.445 -1.608  1.00 65.90 ? 286 ASP A N   1 
ATOM   227  C CA  . ASP A 1 37  ? 5.972   -12.623 -1.110  1.00 67.51 ? 286 ASP A CA  1 
ATOM   228  C C   . ASP A 1 37  ? 6.811   -11.356 -0.936  1.00 67.59 ? 286 ASP A C   1 
ATOM   229  O O   . ASP A 1 37  ? 7.518   -10.922 -1.853  1.00 68.20 ? 286 ASP A O   1 
ATOM   230  C CB  . ASP A 1 37  ? 6.778   -13.508 -2.062  1.00 66.99 ? 286 ASP A CB  1 
ATOM   231  C CG  . ASP A 1 37  ? 6.174   -14.889 -2.227  0.00 20.00 ? 286 ASP A CG  1 
ATOM   232  O OD1 . ASP A 1 37  ? 5.382   -15.298 -1.352  0.00 20.00 ? 286 ASP A OD1 1 
ATOM   233  O OD2 . ASP A 1 37  ? 6.493   -15.561 -3.230  0.00 20.00 ? 286 ASP A OD2 1 
ATOM   234  N N   . ASN A 1 38  ? 6.724   -10.771 0.253   1.00 67.99 ? 287 ASN A N   1 
ATOM   235  C CA  . ASN A 1 38  ? 7.487   -9.570  0.592   1.00 67.67 ? 287 ASN A CA  1 
ATOM   236  C C   . ASN A 1 38  ? 7.233   -8.355  -0.289  1.00 63.40 ? 287 ASN A C   1 
ATOM   237  O O   . ASN A 1 38  ? 7.938   -7.350  -0.186  1.00 62.92 ? 287 ASN A O   1 
ATOM   238  C CB  . ASN A 1 38  ? 8.991   -9.886  0.580   1.00 72.35 ? 287 ASN A CB  1 
ATOM   239  C CG  . ASN A 1 38  ? 9.349   -11.063 1.479   1.00 76.53 ? 287 ASN A CG  1 
ATOM   240  O OD1 . ASN A 1 38  ? 8.845   -12.187 1.293   1.00 78.18 ? 287 ASN A OD1 1 
ATOM   241  N ND2 . ASN A 1 38  ? 10.228  -10.817 2.463   1.00 78.18 ? 287 ASN A ND2 1 
ATOM   242  N N   . CYS A 1 39  ? 6.235   -8.442  -1.155  1.00 58.83 ? 288 CYS A N   1 
ATOM   243  C CA  . CYS A 1 39  ? 5.942   -7.319  -2.021  1.00 54.52 ? 288 CYS A CA  1 
ATOM   244  C C   . CYS A 1 39  ? 4.435   -7.056  -2.121  1.00 51.72 ? 288 CYS A C   1 
ATOM   245  O O   . CYS A 1 39  ? 3.630   -7.989  -2.230  1.00 50.27 ? 288 CYS A O   1 
ATOM   246  C CB  . CYS A 1 39  ? 6.555   -7.567  -3.418  1.00 56.38 ? 288 CYS A CB  1 
ATOM   247  S SG  . CYS A 1 39  ? 8.401   -7.403  -3.559  1.00 55.75 ? 288 CYS A SG  1 
ATOM   248  N N   . LEU A 1 40  ? 4.055   -5.783  -2.065  1.00 48.00 ? 289 LEU A N   1 
ATOM   249  C CA  . LEU A 1 40  ? 2.660   -5.424  -2.201  1.00 45.86 ? 289 LEU A CA  1 
ATOM   250  C C   . LEU A 1 40  ? 2.494   -4.655  -3.500  1.00 46.23 ? 289 LEU A C   1 
ATOM   251  O O   . LEU A 1 40  ? 3.060   -3.580  -3.661  1.00 46.94 ? 289 LEU A O   1 
ATOM   252  C CB  . LEU A 1 40  ? 2.197   -4.571  -1.026  1.00 43.57 ? 289 LEU A CB  1 
ATOM   253  C CG  . LEU A 1 40  ? 0.684   -4.314  -1.023  1.00 44.27 ? 289 LEU A CG  1 
ATOM   254  C CD1 . LEU A 1 40  ? -0.062  -5.645  -0.939  1.00 43.61 ? 289 LEU A CD1 1 
ATOM   255  C CD2 . LEU A 1 40  ? 0.289   -3.429  0.145   1.00 42.81 ? 289 LEU A CD2 1 
ATOM   256  N N   . TYR A 1 41  ? 1.736   -5.218  -4.435  1.00 45.84 ? 290 TYR A N   1 
ATOM   257  C CA  . TYR A 1 41  ? 1.513   -4.559  -5.716  1.00 46.16 ? 290 TYR A CA  1 
ATOM   258  C C   . TYR A 1 41  ? 0.122   -3.994  -5.738  1.00 46.38 ? 290 TYR A C   1 
ATOM   259  O O   . TYR A 1 41  ? -0.752  -4.447  -5.004  1.00 45.02 ? 290 TYR A O   1 
ATOM   260  C CB  . TYR A 1 41  ? 1.607   -5.537  -6.891  1.00 49.18 ? 290 TYR A CB  1 
ATOM   261  C CG  . TYR A 1 41  ? 2.901   -6.302  -7.027  1.00 54.90 ? 290 TYR A CG  1 
ATOM   262  C CD1 . TYR A 1 41  ? 3.238   -7.308  -6.125  1.00 56.02 ? 290 TYR A CD1 1 
ATOM   263  C CD2 . TYR A 1 41  ? 3.794   -6.029  -8.066  1.00 57.69 ? 290 TYR A CD2 1 
ATOM   264  C CE1 . TYR A 1 41  ? 4.436   -8.030  -6.251  1.00 59.25 ? 290 TYR A CE1 1 
ATOM   265  C CE2 . TYR A 1 41  ? 4.996   -6.747  -8.201  1.00 59.14 ? 290 TYR A CE2 1 
ATOM   266  C CZ  . TYR A 1 41  ? 5.307   -7.745  -7.287  1.00 60.12 ? 290 TYR A CZ  1 
ATOM   267  O OH  . TYR A 1 41  ? 6.480   -8.464  -7.398  1.00 61.93 ? 290 TYR A OH  1 
ATOM   268  N N   . TYR A 1 42  ? -0.080  -2.989  -6.576  1.00 46.48 ? 291 TYR A N   1 
ATOM   269  C CA  . TYR A 1 42  ? -1.395  -2.422  -6.743  1.00 48.32 ? 291 TYR A CA  1 
ATOM   270  C C   . TYR A 1 42  ? -1.591  -2.066  -8.216  1.00 48.70 ? 291 TYR A C   1 
ATOM   271  O O   . TYR A 1 42  ? -0.633  -1.729  -8.924  1.00 46.82 ? 291 TYR A O   1 
ATOM   272  C CB  . TYR A 1 42  ? -1.616  -1.234  -5.798  1.00 48.73 ? 291 TYR A CB  1 
ATOM   273  C CG  . TYR A 1 42  ? -0.630  -0.096  -5.874  1.00 50.26 ? 291 TYR A CG  1 
ATOM   274  C CD1 . TYR A 1 42  ? -0.781  0.933   -6.800  1.00 49.05 ? 291 TYR A CD1 1 
ATOM   275  C CD2 . TYR A 1 42  ? 0.405   0.003   -4.951  1.00 51.66 ? 291 TYR A CD2 1 
ATOM   276  C CE1 . TYR A 1 42  ? 0.071   2.033   -6.795  1.00 52.31 ? 291 TYR A CE1 1 
ATOM   277  C CE2 . TYR A 1 42  ? 1.262   1.090   -4.939  1.00 52.45 ? 291 TYR A CE2 1 
ATOM   278  C CZ  . TYR A 1 42  ? 1.089   2.103   -5.857  1.00 54.05 ? 291 TYR A CZ  1 
ATOM   279  O OH  . TYR A 1 42  ? 1.946   3.174   -5.840  1.00 54.25 ? 291 TYR A OH  1 
ATOM   280  N N   . PHE A 1 43  ? -2.828  -2.198  -8.680  1.00 49.64 ? 292 PHE A N   1 
ATOM   281  C CA  . PHE A 1 43  ? -3.155  -1.931  -10.079 1.00 52.86 ? 292 PHE A CA  1 
ATOM   282  C C   . PHE A 1 43  ? -4.384  -1.046  -10.197 1.00 54.77 ? 292 PHE A C   1 
ATOM   283  O O   . PHE A 1 43  ? -5.175  -0.928  -9.254  1.00 55.67 ? 292 PHE A O   1 
ATOM   284  C CB  . PHE A 1 43  ? -3.479  -3.228  -10.812 1.00 51.92 ? 292 PHE A CB  1 
ATOM   285  C CG  . PHE A 1 43  ? -2.442  -4.299  -10.677 1.00 53.26 ? 292 PHE A CG  1 
ATOM   286  C CD1 . PHE A 1 43  ? -2.210  -4.912  -9.452  1.00 55.24 ? 292 PHE A CD1 1 
ATOM   287  C CD2 . PHE A 1 43  ? -1.699  -4.708  -11.786 1.00 53.79 ? 292 PHE A CD2 1 
ATOM   288  C CE1 . PHE A 1 43  ? -1.265  -5.928  -9.330  1.00 55.73 ? 292 PHE A CE1 1 
ATOM   289  C CE2 . PHE A 1 43  ? -0.750  -5.721  -11.684 1.00 56.33 ? 292 PHE A CE2 1 
ATOM   290  C CZ  . PHE A 1 43  ? -0.525  -6.332  -10.448 1.00 56.40 ? 292 PHE A CZ  1 
ATOM   291  N N   . GLU A 1 44  ? -4.549  -0.434  -11.360 1.00 56.64 ? 293 GLU A N   1 
ATOM   292  C CA  . GLU A 1 44  ? -5.711  0.400   -11.595 1.00 59.30 ? 293 GLU A CA  1 
ATOM   293  C C   . GLU A 1 44  ? -6.858  -0.537  -11.915 1.00 59.69 ? 293 GLU A C   1 
ATOM   294  O O   . GLU A 1 44  ? -7.929  -0.420  -11.325 1.00 60.15 ? 293 GLU A O   1 
ATOM   295  C CB  . GLU A 1 44  ? -5.478  1.356   -12.761 1.00 61.91 ? 293 GLU A CB  1 
ATOM   296  C CG  . GLU A 1 44  ? -6.713  2.155   -13.167 1.00 65.44 ? 293 GLU A CG  1 
ATOM   297  C CD  . GLU A 1 44  ? -6.381  3.367   -14.043 1.00 68.34 ? 293 GLU A CD  1 
ATOM   298  O OE1 . GLU A 1 44  ? -5.593  3.221   -15.018 1.00 68.31 ? 293 GLU A OE1 1 
ATOM   299  O OE2 . GLU A 1 44  ? -6.919  4.462   -13.747 1.00 68.84 ? 293 GLU A OE2 1 
ATOM   300  N N   . TYR A 1 45  ? -6.630  -1.468  -12.842 1.00 60.14 ? 294 TYR A N   1 
ATOM   301  C CA  . TYR A 1 45  ? -7.662  -2.444  -13.215 1.00 61.66 ? 294 TYR A CA  1 
ATOM   302  C C   . TYR A 1 45  ? -7.264  -3.889  -12.871 1.00 63.11 ? 294 TYR A C   1 
ATOM   303  O O   . TYR A 1 45  ? -6.146  -4.315  -13.144 1.00 63.79 ? 294 TYR A O   1 
ATOM   304  C CB  . TYR A 1 45  ? -7.990  -2.326  -14.704 1.00 61.48 ? 294 TYR A CB  1 
ATOM   305  C CG  . TYR A 1 45  ? -8.377  -0.924  -15.112 1.00 62.07 ? 294 TYR A CG  1 
ATOM   306  C CD1 . TYR A 1 45  ? -7.472  -0.099  -15.783 1.00 62.60 ? 294 TYR A CD1 1 
ATOM   307  C CD2 . TYR A 1 45  ? -9.626  -0.401  -14.773 1.00 62.20 ? 294 TYR A CD2 1 
ATOM   308  C CE1 . TYR A 1 45  ? -7.798  1.215   -16.101 1.00 62.42 ? 294 TYR A CE1 1 
ATOM   309  C CE2 . TYR A 1 45  ? -9.968  0.906   -15.078 1.00 63.43 ? 294 TYR A CE2 1 
ATOM   310  C CZ  . TYR A 1 45  ? -9.052  1.720   -15.743 1.00 65.36 ? 294 TYR A CZ  1 
ATOM   311  O OH  . TYR A 1 45  ? -9.377  3.044   -16.021 1.00 65.29 ? 294 TYR A OH  1 
ATOM   312  N N   . THR A 1 46  ? -8.195  -4.627  -12.272 1.00 64.09 ? 295 THR A N   1 
ATOM   313  C CA  . THR A 1 46  ? -7.988  -6.008  -11.831 1.00 64.52 ? 295 THR A CA  1 
ATOM   314  C C   . THR A 1 46  ? -7.272  -6.975  -12.759 1.00 64.65 ? 295 THR A C   1 
ATOM   315  O O   . THR A 1 46  ? -6.744  -7.993  -12.307 1.00 63.76 ? 295 THR A O   1 
ATOM   316  C CB  . THR A 1 46  ? -9.330  -6.656  -11.423 1.00 67.45 ? 295 THR A CB  1 
ATOM   317  O OG1 . THR A 1 46  ? -9.129  -8.052  -11.165 1.00 69.38 ? 295 THR A OG1 1 
ATOM   318  C CG2 . THR A 1 46  ? -10.373 -6.489  -12.525 1.00 69.12 ? 295 THR A CG2 1 
ATOM   319  N N   . THR A 1 47  ? -7.240  -6.680  -14.051 1.00 64.55 ? 296 THR A N   1 
ATOM   320  C CA  . THR A 1 47  ? -6.576  -7.591  -14.969 1.00 64.92 ? 296 THR A CA  1 
ATOM   321  C C   . THR A 1 47  ? -5.334  -7.035  -15.655 1.00 65.54 ? 296 THR A C   1 
ATOM   322  O O   . THR A 1 47  ? -4.746  -7.703  -16.507 1.00 67.70 ? 296 THR A O   1 
ATOM   323  C CB  . THR A 1 47  ? -7.558  -8.123  -16.067 1.00 64.44 ? 296 THR A CB  1 
ATOM   324  O OG1 . THR A 1 47  ? -8.192  -7.028  -16.750 1.00 63.90 ? 296 THR A OG1 1 
ATOM   325  C CG2 . THR A 1 47  ? -8.623  -9.014  -15.446 1.00 62.18 ? 296 THR A CG2 1 
ATOM   326  N N   . ASP A 1 48  ? -4.929  -5.825  -15.296 1.00 66.75 ? 297 ASP A N   1 
ATOM   327  C CA  . ASP A 1 48  ? -3.744  -5.219  -15.909 1.00 68.28 ? 297 ASP A CA  1 
ATOM   328  C C   . ASP A 1 48  ? -2.504  -6.111  -15.750 1.00 67.74 ? 297 ASP A C   1 
ATOM   329  O O   . ASP A 1 48  ? -2.295  -6.737  -14.705 1.00 66.92 ? 297 ASP A O   1 
ATOM   330  C CB  . ASP A 1 48  ? -3.488  -3.831  -15.306 1.00 69.29 ? 297 ASP A CB  1 
ATOM   331  C CG  . ASP A 1 48  ? -4.442  -2.783  -15.841 1.00 72.98 ? 297 ASP A CG  1 
ATOM   332  O OD1 . ASP A 1 48  ? -5.561  -3.166  -16.247 1.00 75.16 ? 297 ASP A OD1 1 
ATOM   333  O OD2 . ASP A 1 48  ? -4.086  -1.582  -15.851 1.00 74.37 ? 297 ASP A OD2 1 
ATOM   334  N N   . LYS A 1 49  ? -1.690  -6.174  -16.805 1.00 68.39 ? 298 LYS A N   1 
ATOM   335  C CA  . LYS A 1 49  ? -0.472  -6.987  -16.798 1.00 68.51 ? 298 LYS A CA  1 
ATOM   336  C C   . LYS A 1 49  ? 0.645   -6.330  -15.990 1.00 67.56 ? 298 LYS A C   1 
ATOM   337  O O   . LYS A 1 49  ? 1.390   -7.017  -15.299 1.00 66.58 ? 298 LYS A O   1 
ATOM   338  C CB  . LYS A 1 49  ? 0.001   -7.253  -18.229 1.00 68.51 ? 298 LYS A CB  1 
ATOM   339  C CG  . LYS A 1 49  ? -1.009  -7.995  -19.089 0.00 20.00 ? 298 LYS A CG  1 
ATOM   340  C CD  . LYS A 1 49  ? -0.392  -8.440  -20.404 0.00 20.00 ? 298 LYS A CD  1 
ATOM   341  C CE  . LYS A 1 49  ? -1.403  -9.182  -21.265 0.00 20.00 ? 298 LYS A CE  1 
ATOM   342  N NZ  . LYS A 1 49  ? -0.813  -9.624  -22.558 0.00 20.00 ? 298 LYS A NZ  1 
ATOM   343  N N   . GLU A 1 50  ? 0.752   -5.004  -16.076 1.00 66.48 ? 299 GLU A N   1 
ATOM   344  C CA  . GLU A 1 50  ? 1.779   -4.254  -15.351 1.00 65.30 ? 299 GLU A CA  1 
ATOM   345  C C   . GLU A 1 50  ? 1.195   -3.487  -14.165 1.00 62.92 ? 299 GLU A C   1 
ATOM   346  O O   . GLU A 1 50  ? 0.168   -2.817  -14.287 1.00 62.55 ? 299 GLU A O   1 
ATOM   347  C CB  . GLU A 1 50  ? 2.487   -3.268  -16.289 1.00 68.03 ? 299 GLU A CB  1 
ATOM   348  C CG  . GLU A 1 50  ? 3.309   -3.931  -17.383 1.00 72.35 ? 299 GLU A CG  1 
ATOM   349  C CD  . GLU A 1 50  ? 4.398   -4.812  -16.816 1.00 75.11 ? 299 GLU A CD  1 
ATOM   350  O OE1 . GLU A 1 50  ? 5.261   -4.266  -16.083 1.00 77.13 ? 299 GLU A OE1 1 
ATOM   351  O OE2 . GLU A 1 50  ? 4.384   -6.040  -17.099 1.00 75.29 ? 299 GLU A OE2 1 
ATOM   352  N N   . PRO A 1 51  ? 1.861   -3.559  -13.007 1.00 59.62 ? 300 PRO A N   1 
ATOM   353  C CA  . PRO A 1 51  ? 1.412   -2.877  -11.792 1.00 57.91 ? 300 PRO A CA  1 
ATOM   354  C C   . PRO A 1 51  ? 1.580   -1.366  -11.827 1.00 56.77 ? 300 PRO A C   1 
ATOM   355  O O   . PRO A 1 51  ? 2.440   -0.842  -12.519 1.00 56.66 ? 300 PRO A O   1 
ATOM   356  C CB  . PRO A 1 51  ? 2.264   -3.520  -10.714 1.00 59.41 ? 300 PRO A CB  1 
ATOM   357  C CG  . PRO A 1 51  ? 3.557   -3.756  -11.438 1.00 59.04 ? 300 PRO A CG  1 
ATOM   358  C CD  . PRO A 1 51  ? 3.107   -4.303  -12.765 1.00 57.80 ? 300 PRO A CD  1 
ATOM   359  N N   . ARG A 1 52  ? 0.735   -0.669  -11.085 1.00 55.99 ? 301 ARG A N   1 
ATOM   360  C CA  . ARG A 1 52  ? 0.823   0.777   -11.010 1.00 55.98 ? 301 ARG A CA  1 
ATOM   361  C C   . ARG A 1 52  ? 1.854   1.102   -9.924  1.00 56.41 ? 301 ARG A C   1 
ATOM   362  O O   . ARG A 1 52  ? 2.437   2.183   -9.908  1.00 56.22 ? 301 ARG A O   1 
ATOM   363  C CB  . ARG A 1 52  ? -0.533  1.366   -10.635 1.00 56.87 ? 301 ARG A CB  1 
ATOM   364  C CG  . ARG A 1 52  ? -0.546  2.884   -10.436 1.00 59.07 ? 301 ARG A CG  1 
ATOM   365  C CD  . ARG A 1 52  ? -0.133  3.632   -11.696 1.00 60.72 ? 301 ARG A CD  1 
ATOM   366  N NE  . ARG A 1 52  ? -1.057  3.432   -12.807 1.00 62.16 ? 301 ARG A NE  1 
ATOM   367  C CZ  . ARG A 1 52  ? -2.239  4.030   -12.919 1.00 63.14 ? 301 ARG A CZ  1 
ATOM   368  N NH1 . ARG A 1 52  ? -2.656  4.876   -11.983 1.00 65.05 ? 301 ARG A NH1 1 
ATOM   369  N NH2 . ARG A 1 52  ? -3.007  3.796   -13.974 1.00 62.21 ? 301 ARG A NH2 1 
ATOM   370  N N   . GLY A 1 53  ? 2.080   0.146   -9.023  1.00 54.66 ? 302 GLY A N   1 
ATOM   371  C CA  . GLY A 1 53  ? 3.044   0.342   -7.958  1.00 53.13 ? 302 GLY A CA  1 
ATOM   372  C C   . GLY A 1 53  ? 3.486   -0.959  -7.306  1.00 52.98 ? 302 GLY A C   1 
ATOM   373  O O   . GLY A 1 53  ? 2.701   -1.905  -7.193  1.00 52.74 ? 302 GLY A O   1 
ATOM   374  N N   . ILE A 1 54  ? 4.750   -1.011  -6.895  1.00 50.65 ? 303 ILE A N   1 
ATOM   375  C CA  . ILE A 1 54  ? 5.291   -2.176  -6.222  1.00 49.74 ? 303 ILE A CA  1 
ATOM   376  C C   . ILE A 1 54  ? 5.857   -1.669  -4.906  1.00 48.59 ? 303 ILE A C   1 
ATOM   377  O O   . ILE A 1 54  ? 6.621   -0.703  -4.889  1.00 47.79 ? 303 ILE A O   1 
ATOM   378  C CB  . ILE A 1 54  ? 6.425   -2.834  -7.040  1.00 51.20 ? 303 ILE A CB  1 
ATOM   379  C CG1 . ILE A 1 54  ? 5.859   -3.431  -8.329  1.00 52.17 ? 303 ILE A CG1 1 
ATOM   380  C CG2 . ILE A 1 54  ? 7.103   -3.920  -6.216  1.00 49.74 ? 303 ILE A CG2 1 
ATOM   381  C CD1 . ILE A 1 54  ? 6.904   -4.117  -9.209  1.00 52.18 ? 303 ILE A CD1 1 
ATOM   382  N N   . ILE A 1 55  ? 5.464   -2.297  -3.804  1.00 47.19 ? 304 ILE A N   1 
ATOM   383  C CA  . ILE A 1 55  ? 5.965   -1.880  -2.502  1.00 46.32 ? 304 ILE A CA  1 
ATOM   384  C C   . ILE A 1 55  ? 6.619   -3.028  -1.762  1.00 45.56 ? 304 ILE A C   1 
ATOM   385  O O   . ILE A 1 55  ? 5.939   -3.912  -1.256  1.00 46.98 ? 304 ILE A O   1 
ATOM   386  C CB  . ILE A 1 55  ? 4.851   -1.335  -1.584  1.00 44.69 ? 304 ILE A CB  1 
ATOM   387  C CG1 . ILE A 1 55  ? 4.001   -0.310  -2.322  1.00 43.17 ? 304 ILE A CG1 1 
ATOM   388  C CG2 . ILE A 1 55  ? 5.469   -0.688  -0.357  1.00 42.77 ? 304 ILE A CG2 1 
ATOM   389  C CD1 . ILE A 1 55  ? 2.814   0.154   -1.504  1.00 41.90 ? 304 ILE A CD1 1 
ATOM   390  N N   . PRO A 1 56  ? 7.952   -3.036  -1.707  1.00 44.05 ? 305 PRO A N   1 
ATOM   391  C CA  . PRO A 1 56  ? 8.683   -4.093  -1.003  1.00 44.44 ? 305 PRO A CA  1 
ATOM   392  C C   . PRO A 1 56  ? 8.311   -3.947  0.468   1.00 44.99 ? 305 PRO A C   1 
ATOM   393  O O   . PRO A 1 56  ? 8.222   -2.825  0.968   1.00 44.01 ? 305 PRO A O   1 
ATOM   394  C CB  . PRO A 1 56  ? 10.140  -3.741  -1.278  1.00 43.84 ? 305 PRO A CB  1 
ATOM   395  C CG  . PRO A 1 56  ? 10.075  -3.178  -2.670  1.00 44.89 ? 305 PRO A CG  1 
ATOM   396  C CD  . PRO A 1 56  ? 8.852   -2.255  -2.569  1.00 44.66 ? 305 PRO A CD  1 
ATOM   397  N N   . LEU A 1 57  ? 8.106   -5.068  1.154   1.00 46.20 ? 306 LEU A N   1 
ATOM   398  C CA  . LEU A 1 57  ? 7.690   -5.034  2.547   1.00 47.51 ? 306 LEU A CA  1 
ATOM   399  C C   . LEU A 1 57  ? 8.789   -5.132  3.594   1.00 50.37 ? 306 LEU A C   1 
ATOM   400  O O   . LEU A 1 57  ? 8.550   -4.878  4.780   1.00 50.87 ? 306 LEU A O   1 
ATOM   401  C CB  . LEU A 1 57  ? 6.647   -6.127  2.778   1.00 45.98 ? 306 LEU A CB  1 
ATOM   402  C CG  . LEU A 1 57  ? 5.409   -5.992  1.884   1.00 44.73 ? 306 LEU A CG  1 
ATOM   403  C CD1 . LEU A 1 57  ? 4.552   -7.235  1.976   1.00 45.34 ? 306 LEU A CD1 1 
ATOM   404  C CD2 . LEU A 1 57  ? 4.618   -4.758  2.305   1.00 45.64 ? 306 LEU A CD2 1 
ATOM   405  N N   . GLU A 1 58  ? 9.996   -5.482  3.171   1.00 53.54 ? 307 GLU A N   1 
ATOM   406  C CA  . GLU A 1 58  ? 11.101  -5.607  4.107   1.00 56.94 ? 307 GLU A CA  1 
ATOM   407  C C   . GLU A 1 58  ? 11.412  -4.270  4.783   1.00 55.56 ? 307 GLU A C   1 
ATOM   408  O O   . GLU A 1 58  ? 11.554  -3.246  4.111   1.00 55.88 ? 307 GLU A O   1 
ATOM   409  C CB  . GLU A 1 58  ? 12.338  -6.106  3.366   1.00 61.56 ? 307 GLU A CB  1 
ATOM   410  C CG  . GLU A 1 58  ? 12.738  -5.206  2.204   1.00 68.72 ? 307 GLU A CG  1 
ATOM   411  C CD  . GLU A 1 58  ? 14.150  -5.485  1.693   1.00 73.58 ? 307 GLU A CD  1 
ATOM   412  O OE1 . GLU A 1 58  ? 15.127  -5.320  2.477   1.00 76.43 ? 307 GLU A OE1 1 
ATOM   413  O OE2 . GLU A 1 58  ? 14.277  -5.865  0.503   1.00 76.58 ? 307 GLU A OE2 1 
ATOM   414  N N   . ASN A 1 59  ? 11.517  -4.290  6.111   1.00 54.72 ? 308 ASN A N   1 
ATOM   415  C CA  . ASN A 1 59  ? 11.836  -3.094  6.899   1.00 55.48 ? 308 ASN A CA  1 
ATOM   416  C C   . ASN A 1 59  ? 10.657  -2.160  7.123   1.00 54.17 ? 308 ASN A C   1 
ATOM   417  O O   . ASN A 1 59  ? 10.825  -0.998  7.499   1.00 55.01 ? 308 ASN A O   1 
ATOM   418  C CB  . ASN A 1 59  ? 12.986  -2.321  6.251   1.00 57.79 ? 308 ASN A CB  1 
ATOM   419  C CG  . ASN A 1 59  ? 14.220  -3.180  6.065   1.00 61.13 ? 308 ASN A CG  1 
ATOM   420  O OD1 . ASN A 1 59  ? 14.831  -3.638  7.043   1.00 63.33 ? 308 ASN A OD1 1 
ATOM   421  N ND2 . ASN A 1 59  ? 14.583  -3.433  4.806   1.00 63.35 ? 308 ASN A ND2 1 
ATOM   422  N N   . LEU A 1 60  ? 9.459   -2.668  6.895   1.00 50.95 ? 309 LEU A N   1 
ATOM   423  C CA  . LEU A 1 60  ? 8.281   -1.869  7.109   1.00 48.03 ? 309 LEU A CA  1 
ATOM   424  C C   . LEU A 1 60  ? 7.436   -2.511  8.190   1.00 46.88 ? 309 LEU A C   1 
ATOM   425  O O   . LEU A 1 60  ? 7.621   -3.688  8.527   1.00 47.57 ? 309 LEU A O   1 
ATOM   426  C CB  . LEU A 1 60  ? 7.462   -1.769  5.831   1.00 46.68 ? 309 LEU A CB  1 
ATOM   427  C CG  . LEU A 1 60  ? 8.115   -1.063  4.648   1.00 47.99 ? 309 LEU A CG  1 
ATOM   428  C CD1 . LEU A 1 60  ? 7.083   -0.927  3.525   1.00 45.59 ? 309 LEU A CD1 1 
ATOM   429  C CD2 . LEU A 1 60  ? 8.632   0.311   5.081   1.00 46.12 ? 309 LEU A CD2 1 
ATOM   430  N N   . SER A 1 61  ? 6.513   -1.720  8.726   1.00 44.13 ? 310 SER A N   1 
ATOM   431  C CA  . SER A 1 61  ? 5.575   -2.164  9.740   1.00 43.55 ? 310 SER A CA  1 
ATOM   432  C C   . SER A 1 61  ? 4.242   -1.568  9.375   1.00 44.45 ? 310 SER A C   1 
ATOM   433  O O   . SER A 1 61  ? 4.137   -0.751  8.460   1.00 43.93 ? 310 SER A O   1 
ATOM   434  C CB  . SER A 1 61  ? 5.971   -1.676  11.125  1.00 45.00 ? 310 SER A CB  1 
ATOM   435  O OG  . SER A 1 61  ? 7.291   -2.093  11.418  1.00 52.22 ? 310 SER A OG  1 
ATOM   436  N N   . ILE A 1 62  ? 3.218   -1.999  10.086  1.00 44.04 ? 311 ILE A N   1 
ATOM   437  C CA  . ILE A 1 62  ? 1.888   -1.505  9.857   1.00 43.31 ? 311 ILE A CA  1 
ATOM   438  C C   . ILE A 1 62  ? 1.357   -1.054  11.183  1.00 44.52 ? 311 ILE A C   1 
ATOM   439  O O   . ILE A 1 62  ? 1.746   -1.567  12.229  1.00 41.44 ? 311 ILE A O   1 
ATOM   440  C CB  . ILE A 1 62  ? 0.943   -2.588  9.322   1.00 43.56 ? 311 ILE A CB  1 
ATOM   441  C CG1 . ILE A 1 62  ? 1.298   -2.927  7.878   1.00 42.59 ? 311 ILE A CG1 1 
ATOM   442  C CG2 . ILE A 1 62  ? -0.507  -2.080  9.367   1.00 44.11 ? 311 ILE A CG2 1 
ATOM   443  C CD1 . ILE A 1 62  ? 0.157   -3.583  7.117   1.00 39.92 ? 311 ILE A CD1 1 
ATOM   444  N N   . ARG A 1 63  ? 0.481   -0.066  11.139  1.00 46.01 ? 312 ARG A N   1 
ATOM   445  C CA  . ARG A 1 63  ? -0.133  0.434   12.346  1.00 47.38 ? 312 ARG A CA  1 
ATOM   446  C C   . ARG A 1 63  ? -1.497  0.915   11.921  1.00 48.46 ? 312 ARG A C   1 
ATOM   447  O O   . ARG A 1 63  ? -1.671  1.398   10.804  1.00 49.54 ? 312 ARG A O   1 
ATOM   448  C CB  . ARG A 1 63  ? 0.678   1.584   12.923  1.00 47.00 ? 312 ARG A CB  1 
ATOM   449  C CG  . ARG A 1 63  ? 0.724   2.783   12.028  1.00 47.60 ? 312 ARG A CG  1 
ATOM   450  C CD  . ARG A 1 63  ? 1.699   3.822   12.534  1.00 48.71 ? 312 ARG A CD  1 
ATOM   451  N NE  . ARG A 1 63  ? 1.794   4.941   11.611  1.00 48.51 ? 312 ARG A NE  1 
ATOM   452  C CZ  . ARG A 1 63  ? 2.792   5.815   11.602  1.00 50.72 ? 312 ARG A CZ  1 
ATOM   453  N NH1 . ARG A 1 63  ? 3.792   5.698   12.472  1.00 48.25 ? 312 ARG A NH1 1 
ATOM   454  N NH2 . ARG A 1 63  ? 2.785   6.795   10.710  1.00 52.42 ? 312 ARG A NH2 1 
ATOM   455  N N   . GLU A 1 64  ? -2.482  0.734   12.788  1.00 49.72 ? 313 GLU A N   1 
ATOM   456  C CA  . GLU A 1 64  ? -3.820  1.181   12.472  1.00 49.99 ? 313 GLU A CA  1 
ATOM   457  C C   . GLU A 1 64  ? -3.805  2.652   12.814  1.00 50.06 ? 313 GLU A C   1 
ATOM   458  O O   . GLU A 1 64  ? -3.039  3.080   13.678  1.00 50.75 ? 313 GLU A O   1 
ATOM   459  C CB  . GLU A 1 64  ? -4.848  0.429   13.312  1.00 51.29 ? 313 GLU A CB  1 
ATOM   460  C CG  . GLU A 1 64  ? -4.706  -1.079  13.201  1.00 55.80 ? 313 GLU A CG  1 
ATOM   461  C CD  . GLU A 1 64  ? -5.802  -1.838  13.933  1.00 58.50 ? 313 GLU A CD  1 
ATOM   462  O OE1 . GLU A 1 64  ? -5.643  -3.072  14.125  1.00 60.09 ? 313 GLU A OE1 1 
ATOM   463  O OE2 . GLU A 1 64  ? -6.817  -1.203  14.305  1.00 59.04 ? 313 GLU A OE2 1 
ATOM   464  N N   . VAL A 1 65  ? -4.610  3.424   12.107  1.00 50.27 ? 314 VAL A N   1 
ATOM   465  C CA  . VAL A 1 65  ? -4.692  4.846   12.340  1.00 51.36 ? 314 VAL A CA  1 
ATOM   466  C C   . VAL A 1 65  ? -6.125  5.290   12.133  1.00 54.13 ? 314 VAL A C   1 
ATOM   467  O O   . VAL A 1 65  ? -6.921  4.602   11.486  1.00 53.59 ? 314 VAL A O   1 
ATOM   468  C CB  . VAL A 1 65  ? -3.797  5.640   11.364  1.00 51.78 ? 314 VAL A CB  1 
ATOM   469  C CG1 . VAL A 1 65  ? -2.327  5.289   11.595  1.00 51.51 ? 314 VAL A CG1 1 
ATOM   470  C CG2 . VAL A 1 65  ? -4.217  5.366   9.923   1.00 51.31 ? 314 VAL A CG2 1 
ATOM   471  N N   . ASP A 1 66  ? -6.459  6.446   12.689  1.00 55.61 ? 315 ASP A N   1 
ATOM   472  C CA  . ASP A 1 66  ? -7.796  6.984   12.536  1.00 56.94 ? 315 ASP A CA  1 
ATOM   473  C C   . ASP A 1 66  ? -7.761  8.027   11.436  1.00 57.59 ? 315 ASP A C   1 
ATOM   474  O O   . ASP A 1 66  ? -6.794  8.790   11.313  1.00 56.76 ? 315 ASP A O   1 
ATOM   475  C CB  . ASP A 1 66  ? -8.284  7.600   13.853  1.00 58.45 ? 315 ASP A CB  1 
ATOM   476  C CG  . ASP A 1 66  ? -8.642  6.535   14.895  1.00 60.71 ? 315 ASP A CG  1 
ATOM   477  O OD1 . ASP A 1 66  ? -9.481  5.656   14.563  1.00 62.99 ? 315 ASP A OD1 1 
ATOM   478  O OD2 . ASP A 1 66  ? -8.093  6.576   16.028  1.00 59.15 ? 315 ASP A OD2 1 
ATOM   479  N N   . ASP A 1 67  ? -8.806  8.031   10.615  1.00 59.08 ? 316 ASP A N   1 
ATOM   480  C CA  . ASP A 1 67  ? -8.917  8.980   9.518   1.00 60.83 ? 316 ASP A CA  1 
ATOM   481  C C   . ASP A 1 67  ? -10.238 9.729   9.655   1.00 62.14 ? 316 ASP A C   1 
ATOM   482  O O   . ASP A 1 67  ? -11.246 9.154   10.063  1.00 62.47 ? 316 ASP A O   1 
ATOM   483  C CB  . ASP A 1 67  ? -8.863  8.248   8.176   1.00 59.72 ? 316 ASP A CB  1 
ATOM   484  C CG  . ASP A 1 67  ? -8.831  9.196   7.011   1.00 59.89 ? 316 ASP A CG  1 
ATOM   485  O OD1 . ASP A 1 67  ? -9.918  9.598   6.546   1.00 62.78 ? 316 ASP A OD1 1 
ATOM   486  O OD2 . ASP A 1 67  ? -7.718  9.563   6.580   1.00 57.32 ? 316 ASP A OD2 1 
ATOM   487  N N   . PRO A 1 68  ? -10.253 11.028  9.323   1.00 64.22 ? 317 PRO A N   1 
ATOM   488  C CA  . PRO A 1 68  ? -11.499 11.791  9.440   1.00 65.33 ? 317 PRO A CA  1 
ATOM   489  C C   . PRO A 1 68  ? -12.566 11.484  8.376   1.00 65.68 ? 317 PRO A C   1 
ATOM   490  O O   . PRO A 1 68  ? -13.766 11.563  8.661   1.00 66.04 ? 317 PRO A O   1 
ATOM   491  C CB  . PRO A 1 68  ? -11.014 13.240  9.373   1.00 65.93 ? 317 PRO A CB  1 
ATOM   492  C CG  . PRO A 1 68  ? -9.837  13.147  8.440   1.00 66.40 ? 317 PRO A CG  1 
ATOM   493  C CD  . PRO A 1 68  ? -9.126  11.905  8.950   1.00 65.28 ? 317 PRO A CD  1 
ATOM   494  N N   . ARG A 1 69  ? -12.142 11.121  7.164   1.00 64.39 ? 318 ARG A N   1 
ATOM   495  C CA  . ARG A 1 69  ? -13.098 10.850  6.099   1.00 62.99 ? 318 ARG A CA  1 
ATOM   496  C C   . ARG A 1 69  ? -13.252 9.393   5.638   1.00 62.39 ? 318 ARG A C   1 
ATOM   497  O O   . ARG A 1 69  ? -14.228 9.064   4.954   1.00 61.29 ? 318 ARG A O   1 
ATOM   498  C CB  . ARG A 1 69  ? -12.720 11.620  4.832   1.00 64.10 ? 318 ARG A CB  1 
ATOM   499  C CG  . ARG A 1 69  ? -12.685 13.129  5.009   0.00 20.00 ? 318 ARG A CG  1 
ATOM   500  C CD  . ARG A 1 69  ? -12.547 13.839  3.672   0.00 20.00 ? 318 ARG A CD  1 
ATOM   501  N NE  . ARG A 1 69  ? -12.513 15.291  3.825   0.00 20.00 ? 318 ARG A NE  1 
ATOM   502  C CZ  . ARG A 1 69  ? -12.397 16.146  2.814   0.00 20.00 ? 318 ARG A CZ  1 
ATOM   503  N NH1 . ARG A 1 69  ? -12.305 15.694  1.571   0.00 20.00 ? 318 ARG A NH1 1 
ATOM   504  N NH2 . ARG A 1 69  ? -12.374 17.451  3.049   0.00 20.00 ? 318 ARG A NH2 1 
ATOM   505  N N   . LYS A 1 70  ? -12.312 8.517   5.997   1.00 60.97 ? 319 LYS A N   1 
ATOM   506  C CA  . LYS A 1 70  ? -12.384 7.114   5.562   1.00 59.10 ? 319 LYS A CA  1 
ATOM   507  C C   . LYS A 1 70  ? -12.298 6.089   6.699   1.00 57.21 ? 319 LYS A C   1 
ATOM   508  O O   . LYS A 1 70  ? -11.578 6.278   7.683   1.00 57.72 ? 319 LYS A O   1 
ATOM   509  C CB  . LYS A 1 70  ? -11.288 6.838   4.527   1.00 58.39 ? 319 LYS A CB  1 
ATOM   510  C CG  . LYS A 1 70  ? -11.408 7.669   3.261   1.00 58.79 ? 319 LYS A CG  1 
ATOM   511  C CD  . LYS A 1 70  ? -12.620 7.256   2.464   1.00 60.05 ? 319 LYS A CD  1 
ATOM   512  C CE  . LYS A 1 70  ? -12.754 8.089   1.199   1.00 59.64 ? 319 LYS A CE  1 
ATOM   513  N NZ  . LYS A 1 70  ? -13.799 7.506   0.291   1.00 61.64 ? 319 LYS A NZ  1 
ATOM   514  N N   . PRO A 1 71  ? -13.032 4.978   6.565   1.00 55.29 ? 320 PRO A N   1 
ATOM   515  C CA  . PRO A 1 71  ? -13.071 3.902   7.558   1.00 53.79 ? 320 PRO A CA  1 
ATOM   516  C C   . PRO A 1 71  ? -12.009 2.837   7.363   1.00 53.21 ? 320 PRO A C   1 
ATOM   517  O O   . PRO A 1 71  ? -11.386 2.741   6.303   1.00 52.12 ? 320 PRO A O   1 
ATOM   518  C CB  . PRO A 1 71  ? -14.453 3.315   7.346   1.00 53.77 ? 320 PRO A CB  1 
ATOM   519  C CG  . PRO A 1 71  ? -14.548 3.338   5.826   1.00 53.85 ? 320 PRO A CG  1 
ATOM   520  C CD  . PRO A 1 71  ? -14.006 4.725   5.483   1.00 54.18 ? 320 PRO A CD  1 
ATOM   521  N N   . ASN A 1 72  ? -11.824 2.036   8.406   1.00 51.55 ? 321 ASN A N   1 
ATOM   522  C CA  . ASN A 1 72  ? -10.898 0.908   8.380   1.00 51.51 ? 321 ASN A CA  1 
ATOM   523  C C   . ASN A 1 72  ? -9.536  1.180   7.760   1.00 50.63 ? 321 ASN A C   1 
ATOM   524  O O   . ASN A 1 72  ? -9.132  0.470   6.830   1.00 49.43 ? 321 ASN A O   1 
ATOM   525  C CB  . ASN A 1 72  ? -11.547 -0.256  7.625   1.00 53.83 ? 321 ASN A CB  1 
ATOM   526  C CG  . ASN A 1 72  ? -13.040 -0.341  7.868   1.00 55.15 ? 321 ASN A CG  1 
ATOM   527  O OD1 . ASN A 1 72  ? -13.486 -0.594  8.985   1.00 54.46 ? 321 ASN A OD1 1 
ATOM   528  N ND2 . ASN A 1 72  ? -13.821 -0.107  6.821   1.00 56.81 ? 321 ASN A ND2 1 
ATOM   529  N N   . CYS A 1 73  ? -8.822  2.169   8.294   1.00 47.16 ? 322 CYS A N   1 
ATOM   530  C CA  . CYS A 1 73  ? -7.511  2.532   7.767   1.00 45.06 ? 322 CYS A CA  1 
ATOM   531  C C   . CYS A 1 73  ? -6.315  1.976   8.503   1.00 43.50 ? 322 CYS A C   1 
ATOM   532  O O   . CYS A 1 73  ? -6.394  1.608   9.665   1.00 41.95 ? 322 CYS A O   1 
ATOM   533  C CB  . CYS A 1 73  ? -7.353  4.050   7.742   1.00 44.14 ? 322 CYS A CB  1 
ATOM   534  S SG  . CYS A 1 73  ? -8.434  4.902   6.633   1.00 44.55 ? 322 CYS A SG  1 
ATOM   535  N N   . PHE A 1 74  ? -5.189  1.954   7.802   1.00 42.56 ? 323 PHE A N   1 
ATOM   536  C CA  . PHE A 1 74  ? -3.933  1.508   8.381   1.00 41.39 ? 323 PHE A CA  1 
ATOM   537  C C   . PHE A 1 74  ? -2.827  2.081   7.513   1.00 39.86 ? 323 PHE A C   1 
ATOM   538  O O   . PHE A 1 74  ? -3.077  2.486   6.373   1.00 38.00 ? 323 PHE A O   1 
ATOM   539  C CB  . PHE A 1 74  ? -3.874  -0.030  8.458   1.00 41.30 ? 323 PHE A CB  1 
ATOM   540  C CG  . PHE A 1 74  ? -3.795  -0.715  7.132   1.00 40.09 ? 323 PHE A CG  1 
ATOM   541  C CD1 . PHE A 1 74  ? -2.593  -0.828  6.456   1.00 40.10 ? 323 PHE A CD1 1 
ATOM   542  C CD2 . PHE A 1 74  ? -4.923  -1.268  6.559   1.00 41.08 ? 323 PHE A CD2 1 
ATOM   543  C CE1 . PHE A 1 74  ? -2.517  -1.493  5.229   1.00 40.93 ? 323 PHE A CE1 1 
ATOM   544  C CE2 . PHE A 1 74  ? -4.848  -1.933  5.328   1.00 39.38 ? 323 PHE A CE2 1 
ATOM   545  C CZ  . PHE A 1 74  ? -3.642  -2.040  4.667   1.00 39.18 ? 323 PHE A CZ  1 
ATOM   546  N N   . GLU A 1 75  ? -1.608  2.129   8.042   1.00 42.20 ? 324 GLU A N   1 
ATOM   547  C CA  . GLU A 1 75  ? -0.495  2.690   7.280   1.00 43.96 ? 324 GLU A CA  1 
ATOM   548  C C   . GLU A 1 75  ? 0.742   1.805   7.237   1.00 44.38 ? 324 GLU A C   1 
ATOM   549  O O   . GLU A 1 75  ? 1.076   1.115   8.206   1.00 45.99 ? 324 GLU A O   1 
ATOM   550  C CB  . GLU A 1 75  ? -0.044  4.045   7.858   1.00 44.72 ? 324 GLU A CB  1 
ATOM   551  C CG  . GLU A 1 75  ? -1.095  5.120   8.049   1.00 46.94 ? 324 GLU A CG  1 
ATOM   552  C CD  . GLU A 1 75  ? -0.487  6.430   8.578   1.00 48.28 ? 324 GLU A CD  1 
ATOM   553  O OE1 . GLU A 1 75  ? 0.406   6.361   9.453   1.00 49.43 ? 324 GLU A OE1 1 
ATOM   554  O OE2 . GLU A 1 75  ? -0.898  7.529   8.139   1.00 48.42 ? 324 GLU A OE2 1 
ATOM   555  N N   . LEU A 1 76  ? 1.423   1.850   6.102   1.00 43.47 ? 325 LEU A N   1 
ATOM   556  C CA  . LEU A 1 76  ? 2.669   1.142   5.937   1.00 42.00 ? 325 LEU A CA  1 
ATOM   557  C C   . LEU A 1 76  ? 3.670   2.235   6.284   1.00 42.61 ? 325 LEU A C   1 
ATOM   558  O O   . LEU A 1 76  ? 3.549   3.369   5.809   1.00 40.45 ? 325 LEU A O   1 
ATOM   559  C CB  . LEU A 1 76  ? 2.851   0.715   4.493   1.00 42.35 ? 325 LEU A CB  1 
ATOM   560  C CG  . LEU A 1 76  ? 1.887   -0.361  4.030   1.00 44.32 ? 325 LEU A CG  1 
ATOM   561  C CD1 . LEU A 1 76  ? 2.148   -0.625  2.561   1.00 46.04 ? 325 LEU A CD1 1 
ATOM   562  C CD2 . LEU A 1 76  ? 2.080   -1.623  4.854   1.00 44.41 ? 325 LEU A CD2 1 
ATOM   563  N N   . TYR A 1 77  ? 4.644   1.923   7.125   1.00 43.72 ? 326 TYR A N   1 
ATOM   564  C CA  . TYR A 1 77  ? 5.605   2.944   7.501   1.00 43.85 ? 326 TYR A CA  1 
ATOM   565  C C   . TYR A 1 77  ? 6.933   2.392   7.958   1.00 44.25 ? 326 TYR A C   1 
ATOM   566  O O   . TYR A 1 77  ? 7.063   1.206   8.244   1.00 44.50 ? 326 TYR A O   1 
ATOM   567  C CB  . TYR A 1 77  ? 5.022   3.822   8.603   1.00 42.92 ? 326 TYR A CB  1 
ATOM   568  C CG  . TYR A 1 77  ? 4.992   3.152   9.951   1.00 44.39 ? 326 TYR A CG  1 
ATOM   569  C CD1 . TYR A 1 77  ? 5.886   3.524   10.946  1.00 43.28 ? 326 TYR A CD1 1 
ATOM   570  C CD2 . TYR A 1 77  ? 4.083   2.126   10.229  1.00 44.57 ? 326 TYR A CD2 1 
ATOM   571  C CE1 . TYR A 1 77  ? 5.878   2.891   12.178  1.00 45.76 ? 326 TYR A CE1 1 
ATOM   572  C CE2 . TYR A 1 77  ? 4.065   1.490   11.464  1.00 43.00 ? 326 TYR A CE2 1 
ATOM   573  C CZ  . TYR A 1 77  ? 4.963   1.871   12.431  1.00 45.93 ? 326 TYR A CZ  1 
ATOM   574  O OH  . TYR A 1 77  ? 4.975   1.224   13.648  1.00 46.81 ? 326 TYR A OH  1 
ATOM   575  N N   . ILE A 1 78  ? 7.920   3.279   7.995   1.00 44.83 ? 327 ILE A N   1 
ATOM   576  C CA  . ILE A 1 78  ? 9.268   2.948   8.430   1.00 45.05 ? 327 ILE A CA  1 
ATOM   577  C C   . ILE A 1 78  ? 9.348   3.290   9.907   1.00 45.14 ? 327 ILE A C   1 
ATOM   578  O O   . ILE A 1 78  ? 9.175   4.439   10.285  1.00 44.95 ? 327 ILE A O   1 
ATOM   579  C CB  . ILE A 1 78  ? 10.304  3.784   7.677   1.00 45.06 ? 327 ILE A CB  1 
ATOM   580  C CG1 . ILE A 1 78  ? 10.285  3.406   6.200   1.00 44.10 ? 327 ILE A CG1 1 
ATOM   581  C CG2 . ILE A 1 78  ? 11.669  3.553   8.274   1.00 42.86 ? 327 ILE A CG2 1 
ATOM   582  C CD1 . ILE A 1 78  ? 11.056  4.363   5.312   1.00 45.93 ? 327 ILE A CD1 1 
ATOM   583  N N   . PRO A 1 79  ? 9.582   2.293   10.767  1.00 47.24 ? 328 PRO A N   1 
ATOM   584  C CA  . PRO A 1 79  ? 9.659   2.613   12.198  1.00 48.99 ? 328 PRO A CA  1 
ATOM   585  C C   . PRO A 1 79  ? 10.803  3.581   12.560  1.00 49.56 ? 328 PRO A C   1 
ATOM   586  O O   . PRO A 1 79  ? 11.873  3.568   11.933  1.00 45.61 ? 328 PRO A O   1 
ATOM   587  C CB  . PRO A 1 79  ? 9.777   1.229   12.860  1.00 49.38 ? 328 PRO A CB  1 
ATOM   588  C CG  . PRO A 1 79  ? 10.397  0.365   11.787  1.00 49.57 ? 328 PRO A CG  1 
ATOM   589  C CD  . PRO A 1 79  ? 9.697   0.841   10.532  1.00 47.68 ? 328 PRO A CD  1 
ATOM   590  N N   . ASN A 1 80  ? 10.547  4.433   13.557  1.00 51.78 ? 329 ASN A N   1 
ATOM   591  C CA  . ASN A 1 80  ? 11.512  5.429   14.036  1.00 56.62 ? 329 ASN A CA  1 
ATOM   592  C C   . ASN A 1 80  ? 12.013  6.274   12.877  1.00 60.06 ? 329 ASN A C   1 
ATOM   593  O O   . ASN A 1 80  ? 13.151  6.751   12.893  1.00 61.18 ? 329 ASN A O   1 
ATOM   594  C CB  . ASN A 1 80  ? 12.711  4.751   14.709  1.00 54.50 ? 329 ASN A CB  1 
ATOM   595  C CG  . ASN A 1 80  ? 12.299  3.682   15.703  1.00 55.26 ? 329 ASN A CG  1 
ATOM   596  O OD1 . ASN A 1 80  ? 11.535  3.936   16.645  1.00 53.33 ? 329 ASN A OD1 1 
ATOM   597  N ND2 . ASN A 1 80  ? 12.810  2.473   15.501  1.00 55.52 ? 329 ASN A ND2 1 
ATOM   598  N N   . ASN A 1 81  ? 11.159  6.455   11.872  1.00 63.37 ? 330 ASN A N   1 
ATOM   599  C CA  . ASN A 1 81  ? 11.527  7.230   10.690  1.00 65.79 ? 330 ASN A CA  1 
ATOM   600  C C   . ASN A 1 81  ? 11.931  8.640   11.071  1.00 67.14 ? 330 ASN A C   1 
ATOM   601  O O   . ASN A 1 81  ? 11.184  9.341   11.763  1.00 65.87 ? 330 ASN A O   1 
ATOM   602  C CB  . ASN A 1 81  ? 10.372  7.274   9.683   1.00 66.59 ? 330 ASN A CB  1 
ATOM   603  C CG  . ASN A 1 81  ? 10.791  7.848   8.339   1.00 67.18 ? 330 ASN A CG  1 
ATOM   604  O OD1 . ASN A 1 81  ? 11.953  7.731   7.933   1.00 65.30 ? 330 ASN A OD1 1 
ATOM   605  N ND2 . ASN A 1 81  ? 9.842   8.460   7.636   1.00 68.19 ? 330 ASN A ND2 1 
ATOM   606  N N   . LYS A 1 82  ? 13.125  9.036   10.634  1.00 68.02 ? 331 LYS A N   1 
ATOM   607  C CA  . LYS A 1 82  ? 13.635  10.366  10.919  1.00 70.51 ? 331 LYS A CA  1 
ATOM   608  C C   . LYS A 1 82  ? 13.283  11.270  9.737   1.00 70.86 ? 331 LYS A C   1 
ATOM   609  O O   . LYS A 1 82  ? 13.571  12.474  9.759   1.00 71.32 ? 331 LYS A O   1 
ATOM   610  C CB  . LYS A 1 82  ? 15.132  10.310  11.229  1.00 71.22 ? 331 LYS A CB  1 
ATOM   611  C CG  . LYS A 1 82  ? 15.487  9.445   12.426  0.00 20.00 ? 331 LYS A CG  1 
ATOM   612  C CD  . LYS A 1 82  ? 16.943  9.626   12.826  0.00 20.00 ? 331 LYS A CD  1 
ATOM   613  C CE  . LYS A 1 82  ? 17.297  8.760   14.025  0.00 20.00 ? 331 LYS A CE  1 
ATOM   614  N NZ  . LYS A 1 82  ? 18.721  8.927   14.428  0.00 20.00 ? 331 LYS A NZ  1 
ATOM   615  N N   . GLY A 1 83  ? 12.657  10.683  8.713   1.00 70.31 ? 332 GLY A N   1 
ATOM   616  C CA  . GLY A 1 83  ? 12.260  11.456  7.547   1.00 69.96 ? 332 GLY A CA  1 
ATOM   617  C C   . GLY A 1 83  ? 12.532  10.850  6.176   1.00 69.94 ? 332 GLY A C   1 
ATOM   618  O O   . GLY A 1 83  ? 12.505  11.560  5.173   1.00 70.52 ? 332 GLY A O   1 
ATOM   619  N N   . GLN A 1 84  ? 12.802  9.551   6.107   1.00 68.51 ? 333 GLN A N   1 
ATOM   620  C CA  . GLN A 1 84  ? 13.055  8.945   4.811   1.00 68.02 ? 333 GLN A CA  1 
ATOM   621  C C   . GLN A 1 84  ? 11.795  8.418   4.139   1.00 66.60 ? 333 GLN A C   1 
ATOM   622  O O   . GLN A 1 84  ? 10.750  8.246   4.771   1.00 65.84 ? 333 GLN A O   1 
ATOM   623  C CB  . GLN A 1 84  ? 14.098  7.833   4.930   1.00 69.89 ? 333 GLN A CB  1 
ATOM   624  C CG  . GLN A 1 84  ? 13.776  6.769   5.964   1.00 74.44 ? 333 GLN A CG  1 
ATOM   625  C CD  . GLN A 1 84  ? 14.885  5.730   6.104   1.00 76.10 ? 333 GLN A CD  1 
ATOM   626  O OE1 . GLN A 1 84  ? 15.227  5.031   5.138   1.00 77.60 ? 333 GLN A OE1 1 
ATOM   627  N NE2 . GLN A 1 84  ? 15.455  5.625   7.311   1.00 77.26 ? 333 GLN A NE2 1 
ATOM   628  N N   . LEU A 1 85  ? 11.913  8.182   2.838   1.00 65.37 ? 334 LEU A N   1 
ATOM   629  C CA  . LEU A 1 85  ? 10.817  7.695   2.003   1.00 64.75 ? 334 LEU A CA  1 
ATOM   630  C C   . LEU A 1 85  ? 10.813  6.183   1.903   1.00 64.18 ? 334 LEU A C   1 
ATOM   631  O O   . LEU A 1 85  ? 11.868  5.552   1.942   1.00 65.20 ? 334 LEU A O   1 
ATOM   632  C CB  . LEU A 1 85  ? 10.942  8.250   0.583   1.00 64.32 ? 334 LEU A CB  1 
ATOM   633  C CG  . LEU A 1 85  ? 10.858  9.758   0.348   1.00 64.21 ? 334 LEU A CG  1 
ATOM   634  C CD1 . LEU A 1 85  ? 11.192  10.014  -1.111  1.00 65.14 ? 334 LEU A CD1 1 
ATOM   635  C CD2 . LEU A 1 85  ? 9.455   10.301  0.689   1.00 63.08 ? 334 LEU A CD2 1 
ATOM   636  N N   . ILE A 1 86  ? 9.623   5.606   1.767   1.00 62.97 ? 335 ILE A N   1 
ATOM   637  C CA  . ILE A 1 86  ? 9.490   4.162   1.632   1.00 60.69 ? 335 ILE A CA  1 
ATOM   638  C C   . ILE A 1 86  ? 9.981   3.777   0.238   1.00 61.04 ? 335 ILE A C   1 
ATOM   639  O O   . ILE A 1 86  ? 9.593   4.387   -0.760  1.00 61.39 ? 335 ILE A O   1 
ATOM   640  C CB  . ILE A 1 86  ? 8.017   3.716   1.815   1.00 58.97 ? 335 ILE A CB  1 
ATOM   641  C CG1 . ILE A 1 86  ? 7.580   3.980   3.260   1.00 58.01 ? 335 ILE A CG1 1 
ATOM   642  C CG2 . ILE A 1 86  ? 7.866   2.243   1.477   1.00 56.06 ? 335 ILE A CG2 1 
ATOM   643  C CD1 . ILE A 1 86  ? 6.146   3.581   3.580   1.00 56.95 ? 335 ILE A CD1 1 
ATOM   644  N N   . LYS A 1 87  ? 10.855  2.781   0.179   1.00 60.98 ? 336 LYS A N   1 
ATOM   645  C CA  . LYS A 1 87  ? 11.400  2.324   -1.092  1.00 61.78 ? 336 LYS A CA  1 
ATOM   646  C C   . LYS A 1 87  ? 10.305  1.621   -1.869  1.00 62.96 ? 336 LYS A C   1 
ATOM   647  O O   . LYS A 1 87  ? 9.694   0.681   -1.364  1.00 65.23 ? 336 LYS A O   1 
ATOM   648  C CB  . LYS A 1 87  ? 12.620  1.431   -0.861  1.00 59.57 ? 336 LYS A CB  1 
ATOM   649  C CG  . LYS A 1 87  ? 13.760  2.115   -0.123  0.00 20.00 ? 336 LYS A CG  1 
ATOM   650  C CD  . LYS A 1 87  ? 15.020  1.264   -0.142  0.00 20.00 ? 336 LYS A CD  1 
ATOM   651  C CE  . LYS A 1 87  ? 16.158  1.947   0.597   0.00 20.00 ? 336 LYS A CE  1 
ATOM   652  N NZ  . LYS A 1 87  ? 17.400  1.125   0.586   0.00 20.00 ? 336 LYS A NZ  1 
ATOM   653  N N   . ALA A 1 88  ? 10.057  2.078   -3.093  1.00 63.87 ? 337 ALA A N   1 
ATOM   654  C CA  . ALA A 1 88  ? 9.018   1.504   -3.941  1.00 64.37 ? 337 ALA A CA  1 
ATOM   655  C C   . ALA A 1 88  ? 9.144   2.015   -5.362  1.00 65.31 ? 337 ALA A C   1 
ATOM   656  O O   . ALA A 1 88  ? 9.750   3.052   -5.596  1.00 66.15 ? 337 ALA A O   1 
ATOM   657  C CB  . ALA A 1 88  ? 7.640   1.874   -3.392  1.00 64.44 ? 337 ALA A CB  1 
ATOM   658  N N   . CYS A 1 89  ? 8.582   1.288   -6.318  1.00 65.73 ? 338 CYS A N   1 
ATOM   659  C CA  . CYS A 1 89  ? 8.627   1.739   -7.698  1.00 67.04 ? 338 CYS A CA  1 
ATOM   660  C C   . CYS A 1 89  ? 7.204   2.158   -8.052  1.00 67.05 ? 338 CYS A C   1 
ATOM   661  O O   . CYS A 1 89  ? 6.241   1.662   -7.470  1.00 67.75 ? 338 CYS A O   1 
ATOM   662  C CB  . CYS A 1 89  ? 9.086   0.612   -8.619  1.00 66.72 ? 338 CYS A CB  1 
ATOM   663  S SG  . CYS A 1 89  ? 7.787   -0.582  -8.993  1.00 73.32 ? 338 CYS A SG  1 
ATOM   664  N N   . LYS A 1 90  ? 7.074   3.081   -8.995  1.00 67.17 ? 339 LYS A N   1 
ATOM   665  C CA  . LYS A 1 90  ? 5.771   3.565   -9.427  1.00 68.26 ? 339 LYS A CA  1 
ATOM   666  C C   . LYS A 1 90  ? 5.809   3.767   -10.939 1.00 69.74 ? 339 LYS A C   1 
ATOM   667  O O   . LYS A 1 90  ? 6.870   4.021   -11.501 1.00 70.29 ? 339 LYS A O   1 
ATOM   668  C CB  . LYS A 1 90  ? 5.452   4.889   -8.731  1.00 68.82 ? 339 LYS A CB  1 
ATOM   669  C CG  . LYS A 1 90  ? 4.169   5.536   -9.193  1.00 69.85 ? 339 LYS A CG  1 
ATOM   670  C CD  . LYS A 1 90  ? 4.045   6.958   -8.683  1.00 70.38 ? 339 LYS A CD  1 
ATOM   671  C CE  . LYS A 1 90  ? 2.820   7.617   -9.288  1.00 71.44 ? 339 LYS A CE  1 
ATOM   672  N NZ  . LYS A 1 90  ? 2.662   9.019   -8.820  1.00 73.60 ? 339 LYS A NZ  1 
ATOM   673  N N   . THR A 1 91  ? 4.659   3.656   -11.594 1.00 71.32 ? 340 THR A N   1 
ATOM   674  C CA  . THR A 1 91  ? 4.596   3.837   -13.041 1.00 73.62 ? 340 THR A CA  1 
ATOM   675  C C   . THR A 1 91  ? 3.855   5.115   -13.419 1.00 76.72 ? 340 THR A C   1 
ATOM   676  O O   . THR A 1 91  ? 2.852   5.468   -12.801 1.00 77.51 ? 340 THR A O   1 
ATOM   677  C CB  . THR A 1 91  ? 3.900   2.646   -13.712 1.00 72.66 ? 340 THR A CB  1 
ATOM   678  O OG1 . THR A 1 91  ? 4.709   1.474   -13.545 1.00 72.63 ? 340 THR A OG1 1 
ATOM   679  C CG2 . THR A 1 91  ? 3.695   2.907   -15.199 1.00 71.38 ? 340 THR A CG2 1 
ATOM   680  N N   . GLU A 1 92  ? 4.355   5.806   -14.442 1.00 79.96 ? 341 GLU A N   1 
ATOM   681  C CA  . GLU A 1 92  ? 3.746   7.054   -14.903 1.00 82.97 ? 341 GLU A CA  1 
ATOM   682  C C   . GLU A 1 92  ? 2.927   6.836   -16.173 1.00 84.32 ? 341 GLU A C   1 
ATOM   683  O O   . GLU A 1 92  ? 3.198   5.919   -16.938 1.00 84.49 ? 341 GLU A O   1 
ATOM   684  C CB  . GLU A 1 92  ? 4.831   8.102   -15.167 1.00 84.12 ? 341 GLU A CB  1 
ATOM   685  C CG  . GLU A 1 92  ? 5.608   8.532   -13.933 1.00 85.91 ? 341 GLU A CG  1 
ATOM   686  C CD  . GLU A 1 92  ? 4.744   9.268   -12.928 1.00 87.66 ? 341 GLU A CD  1 
ATOM   687  O OE1 . GLU A 1 92  ? 3.731   8.693   -12.475 1.00 89.30 ? 341 GLU A OE1 1 
ATOM   688  O OE2 . GLU A 1 92  ? 5.082   10.422  -12.588 1.00 88.99 ? 341 GLU A OE2 1 
ATOM   689  N N   . ALA A 1 93  ? 1.934   7.691   -16.394 1.00 85.93 ? 342 ALA A N   1 
ATOM   690  C CA  . ALA A 1 93  ? 1.066   7.593   -17.569 1.00 86.87 ? 342 ALA A CA  1 
ATOM   691  C C   . ALA A 1 93  ? 1.836   7.410   -18.879 1.00 87.39 ? 342 ALA A C   1 
ATOM   692  O O   . ALA A 1 93  ? 1.284   6.927   -19.880 1.00 87.88 ? 342 ALA A O   1 
ATOM   693  C CB  . ALA A 1 93  ? 0.180   8.834   -17.655 1.00 87.40 ? 342 ALA A CB  1 
ATOM   694  N N   . ASP A 1 94  ? 3.107   7.794   -18.865 1.00 87.56 ? 343 ASP A N   1 
ATOM   695  C CA  . ASP A 1 94  ? 3.970   7.691   -20.036 1.00 87.90 ? 343 ASP A CA  1 
ATOM   696  C C   . ASP A 1 94  ? 4.796   6.411   -19.991 1.00 87.34 ? 343 ASP A C   1 
ATOM   697  O O   . ASP A 1 94  ? 5.708   6.205   -20.802 1.00 86.76 ? 343 ASP A O   1 
ATOM   698  C CB  . ASP A 1 94  ? 4.900   8.900   -20.097 1.00 89.87 ? 343 ASP A CB  1 
ATOM   699  C CG  . ASP A 1 94  ? 4.737   9.808   -18.896 1.00 91.83 ? 343 ASP A CG  1 
ATOM   700  O OD1 . ASP A 1 94  ? 3.621   10.347  -18.705 1.00 92.87 ? 343 ASP A OD1 1 
ATOM   701  O OD2 . ASP A 1 94  ? 5.718   9.975   -18.140 1.00 91.93 ? 343 ASP A OD2 1 
ATOM   702  N N   . GLY A 1 95  ? 4.478   5.559   -19.022 1.00 86.70 ? 344 GLY A N   1 
ATOM   703  C CA  . GLY A 1 95  ? 5.179   4.296   -18.885 1.00 85.88 ? 344 GLY A CA  1 
ATOM   704  C C   . GLY A 1 95  ? 6.492   4.338   -18.125 1.00 85.17 ? 344 GLY A C   1 
ATOM   705  O O   . GLY A 1 95  ? 7.001   3.292   -17.724 1.00 85.47 ? 344 GLY A O   1 
ATOM   706  N N   . ARG A 1 96  ? 7.053   5.526   -17.917 1.00 83.96 ? 345 ARG A N   1 
ATOM   707  C CA  . ARG A 1 96  ? 8.320   5.633   -17.197 1.00 83.14 ? 345 ARG A CA  1 
ATOM   708  C C   . ARG A 1 96  ? 8.202   5.200   -15.733 1.00 80.86 ? 345 ARG A C   1 
ATOM   709  O O   . ARG A 1 96  ? 7.238   5.523   -15.042 1.00 79.72 ? 345 ARG A O   1 
ATOM   710  C CB  . ARG A 1 96  ? 8.864   7.064   -17.268 1.00 84.18 ? 345 ARG A CB  1 
ATOM   711  C CG  . ARG A 1 96  ? 7.823   8.124   -16.976 1.00 87.15 ? 345 ARG A CG  1 
ATOM   712  C CD  . ARG A 1 96  ? 8.447   9.383   -16.389 1.00 88.20 ? 345 ARG A CD  1 
ATOM   713  N NE  . ARG A 1 96  ? 7.436   10.405  -16.139 1.00 88.58 ? 345 ARG A NE  1 
ATOM   714  C CZ  . ARG A 1 96  ? 7.576   11.400  -15.269 1.00 89.39 ? 345 ARG A CZ  1 
ATOM   715  N NH1 . ARG A 1 96  ? 8.696   11.502  -14.556 1.00 89.20 ? 345 ARG A NH1 1 
ATOM   716  N NH2 . ARG A 1 96  ? 6.600   12.288  -15.120 1.00 88.91 ? 345 ARG A NH2 1 
ATOM   717  N N   . VAL A 1 97  ? 9.198   4.454   -15.272 1.00 78.45 ? 346 VAL A N   1 
ATOM   718  C CA  . VAL A 1 97  ? 9.224   3.975   -13.903 1.00 76.26 ? 346 VAL A CA  1 
ATOM   719  C C   . VAL A 1 97  ? 10.045  4.937   -13.056 1.00 75.17 ? 346 VAL A C   1 
ATOM   720  O O   . VAL A 1 97  ? 11.106  5.396   -13.475 1.00 74.81 ? 346 VAL A O   1 
ATOM   721  C CB  . VAL A 1 97  ? 9.850   2.556   -13.818 1.00 75.61 ? 346 VAL A CB  1 
ATOM   722  C CG1 . VAL A 1 97  ? 10.051  2.157   -12.368 1.00 74.87 ? 346 VAL A CG1 1 
ATOM   723  C CG2 . VAL A 1 97  ? 8.948   1.537   -14.522 1.00 74.89 ? 346 VAL A CG2 1 
ATOM   724  N N   . VAL A 1 98  ? 9.543   5.243   -11.866 1.00 73.67 ? 347 VAL A N   1 
ATOM   725  C CA  . VAL A 1 98  ? 10.232  6.149   -10.954 1.00 73.32 ? 347 VAL A CA  1 
ATOM   726  C C   . VAL A 1 98  ? 10.141  5.611   -9.527  1.00 73.25 ? 347 VAL A C   1 
ATOM   727  O O   . VAL A 1 98  ? 9.437   4.627   -9.283  1.00 73.51 ? 347 VAL A O   1 
ATOM   728  C CB  . VAL A 1 98  ? 9.606   7.566   -10.981 1.00 72.43 ? 347 VAL A CB  1 
ATOM   729  C CG1 . VAL A 1 98  ? 9.453   8.039   -12.415 1.00 72.00 ? 347 VAL A CG1 1 
ATOM   730  C CG2 . VAL A 1 98  ? 8.264   7.563   -10.271 1.00 71.36 ? 347 VAL A CG2 1 
ATOM   731  N N   . GLU A 1 99  ? 10.853  6.247   -8.594  1.00 72.90 ? 348 GLU A N   1 
ATOM   732  C CA  . GLU A 1 99  ? 10.824  5.833   -7.187  1.00 71.99 ? 348 GLU A CA  1 
ATOM   733  C C   . GLU A 1 99  ? 9.584   6.399   -6.504  1.00 70.39 ? 348 GLU A C   1 
ATOM   734  O O   . GLU A 1 99  ? 9.139   7.509   -6.824  1.00 68.92 ? 348 GLU A O   1 
ATOM   735  C CB  . GLU A 1 99  ? 12.060  6.325   -6.425  1.00 73.83 ? 348 GLU A CB  1 
ATOM   736  C CG  . GLU A 1 99  ? 13.375  5.701   -6.852  1.00 77.47 ? 348 GLU A CG  1 
ATOM   737  C CD  . GLU A 1 99  ? 14.202  6.628   -7.734  1.00 79.12 ? 348 GLU A CD  1 
ATOM   738  O OE1 . GLU A 1 99  ? 14.544  7.738   -7.266  1.00 80.05 ? 348 GLU A OE1 1 
ATOM   739  O OE2 . GLU A 1 99  ? 14.511  6.248   -8.890  1.00 79.87 ? 348 GLU A OE2 1 
ATOM   740  N N   . GLY A 1 100 ? 9.025   5.627   -5.573  1.00 68.76 ? 349 GLY A N   1 
ATOM   741  C CA  . GLY A 1 100 ? 7.847   6.077   -4.857  1.00 66.79 ? 349 GLY A CA  1 
ATOM   742  C C   . GLY A 1 100 ? 8.206   7.325   -4.090  1.00 64.97 ? 349 GLY A C   1 
ATOM   743  O O   . GLY A 1 100 ? 9.381   7.534   -3.778  1.00 62.45 ? 349 GLY A O   1 
ATOM   744  N N   . ASN A 1 101 ? 7.209   8.154   -3.799  1.00 64.71 ? 350 ASN A N   1 
ATOM   745  C CA  . ASN A 1 101 ? 7.440   9.391   -3.063  1.00 64.61 ? 350 ASN A CA  1 
ATOM   746  C C   . ASN A 1 101 ? 6.620   9.433   -1.770  1.00 62.37 ? 350 ASN A C   1 
ATOM   747  O O   . ASN A 1 101 ? 6.183   10.497  -1.311  1.00 62.08 ? 350 ASN A O   1 
ATOM   748  C CB  . ASN A 1 101 ? 7.111   10.602  -3.940  1.00 68.71 ? 350 ASN A CB  1 
ATOM   749  C CG  . ASN A 1 101 ? 7.626   11.904  -3.344  1.00 73.79 ? 350 ASN A CG  1 
ATOM   750  O OD1 . ASN A 1 101 ? 8.839   12.080  -3.147  1.00 73.86 ? 350 ASN A OD1 1 
ATOM   751  N ND2 . ASN A 1 101 ? 6.703   12.823  -3.044  1.00 76.26 ? 350 ASN A ND2 1 
ATOM   752  N N   . HIS A 1 102 ? 6.419   8.256   -1.191  1.00 58.38 ? 351 HIS A N   1 
ATOM   753  C CA  . HIS A 1 102 ? 5.660   8.128   0.044   1.00 54.41 ? 351 HIS A CA  1 
ATOM   754  C C   . HIS A 1 102 ? 6.576   8.001   1.255   1.00 54.25 ? 351 HIS A C   1 
ATOM   755  O O   . HIS A 1 102 ? 7.681   7.458   1.174   1.00 54.42 ? 351 HIS A O   1 
ATOM   756  C CB  . HIS A 1 102 ? 4.785   6.872   -0.004  1.00 51.15 ? 351 HIS A CB  1 
ATOM   757  C CG  . HIS A 1 102 ? 3.456   7.062   -0.672  1.00 47.58 ? 351 HIS A CG  1 
ATOM   758  N ND1 . HIS A 1 102 ? 2.298   7.343   0.029   1.00 41.85 ? 351 HIS A ND1 1 
ATOM   759  C CD2 . HIS A 1 102 ? 3.102   6.998   -1.972  1.00 44.35 ? 351 HIS A CD2 1 
ATOM   760  C CE1 . HIS A 1 102 ? 1.293   7.441   -0.817  1.00 42.35 ? 351 HIS A CE1 1 
ATOM   761  N NE2 . HIS A 1 102 ? 1.749   7.236   -2.038  1.00 43.95 ? 351 HIS A NE2 1 
ATOM   762  N N   . MET A 1 103 ? 6.121   8.507   2.388   1.00 53.70 ? 352 MET A N   1 
ATOM   763  C CA  . MET A 1 103 ? 6.900   8.346   3.595   1.00 53.36 ? 352 MET A CA  1 
ATOM   764  C C   . MET A 1 103 ? 6.091   7.268   4.314   1.00 50.64 ? 352 MET A C   1 
ATOM   765  O O   . MET A 1 103 ? 6.609   6.502   5.132   1.00 48.81 ? 352 MET A O   1 
ATOM   766  C CB  . MET A 1 103 ? 6.962   9.660   4.384   1.00 54.31 ? 352 MET A CB  1 
ATOM   767  C CG  . MET A 1 103 ? 8.375   10.247  4.436   1.00 56.94 ? 352 MET A CG  1 
ATOM   768  S SD  . MET A 1 103 ? 8.482   11.817  5.289   1.00 61.07 ? 352 MET A SD  1 
ATOM   769  C CE  . MET A 1 103 ? 8.378   11.319  7.020   1.00 58.87 ? 352 MET A CE  1 
ATOM   770  N N   . VAL A 1 104 ? 4.807   7.223   3.966   1.00 47.38 ? 353 VAL A N   1 
ATOM   771  C CA  . VAL A 1 104 ? 3.875   6.249   4.510   1.00 46.20 ? 353 VAL A CA  1 
ATOM   772  C C   . VAL A 1 104 ? 2.791   5.999   3.470   1.00 43.94 ? 353 VAL A C   1 
ATOM   773  O O   . VAL A 1 104 ? 2.567   6.822   2.591   1.00 43.39 ? 353 VAL A O   1 
ATOM   774  C CB  . VAL A 1 104 ? 3.154   6.746   5.806   1.00 44.72 ? 353 VAL A CB  1 
ATOM   775  C CG1 . VAL A 1 104 ? 4.142   7.292   6.792   1.00 42.94 ? 353 VAL A CG1 1 
ATOM   776  C CG2 . VAL A 1 104 ? 2.099   7.785   5.451   1.00 44.51 ? 353 VAL A CG2 1 
ATOM   777  N N   . TYR A 1 105 ? 2.135   4.854   3.563   1.00 43.93 ? 354 TYR A N   1 
ATOM   778  C CA  . TYR A 1 105 ? 1.036   4.531   2.668   1.00 43.39 ? 354 TYR A CA  1 
ATOM   779  C C   . TYR A 1 105 ? -0.163  4.324   3.570   1.00 43.40 ? 354 TYR A C   1 
ATOM   780  O O   . TYR A 1 105 ? -0.185  3.391   4.384   1.00 43.63 ? 354 TYR A O   1 
ATOM   781  C CB  . TYR A 1 105 ? 1.298   3.253   1.882   1.00 42.44 ? 354 TYR A CB  1 
ATOM   782  C CG  . TYR A 1 105 ? 2.305   3.393   0.777   1.00 43.03 ? 354 TYR A CG  1 
ATOM   783  C CD1 . TYR A 1 105 ? 3.663   3.243   1.025   1.00 43.98 ? 354 TYR A CD1 1 
ATOM   784  C CD2 . TYR A 1 105 ? 1.903   3.684   -0.516  1.00 41.22 ? 354 TYR A CD2 1 
ATOM   785  C CE1 . TYR A 1 105 ? 4.596   3.380   0.014   1.00 44.00 ? 354 TYR A CE1 1 
ATOM   786  C CE2 . TYR A 1 105 ? 2.827   3.821   -1.537  1.00 43.61 ? 354 TYR A CE2 1 
ATOM   787  C CZ  . TYR A 1 105 ? 4.180   3.671   -1.272  1.00 44.65 ? 354 TYR A CZ  1 
ATOM   788  O OH  . TYR A 1 105 ? 5.125   3.797   -2.281  1.00 45.73 ? 354 TYR A OH  1 
ATOM   789  N N   . ARG A 1 106 ? -1.140  5.215   3.455   1.00 42.42 ? 355 ARG A N   1 
ATOM   790  C CA  . ARG A 1 106 ? -2.352  5.117   4.255   1.00 41.70 ? 355 ARG A CA  1 
ATOM   791  C C   . ARG A 1 106 ? -3.345  4.424   3.364   1.00 41.14 ? 355 ARG A C   1 
ATOM   792  O O   . ARG A 1 106 ? -3.536  4.826   2.230   1.00 42.38 ? 355 ARG A O   1 
ATOM   793  C CB  . ARG A 1 106 ? -2.866  6.504   4.667   1.00 42.70 ? 355 ARG A CB  1 
ATOM   794  C CG  . ARG A 1 106 ? -4.223  6.455   5.366   1.00 45.22 ? 355 ARG A CG  1 
ATOM   795  C CD  . ARG A 1 106 ? -4.530  7.687   6.200   1.00 45.29 ? 355 ARG A CD  1 
ATOM   796  N NE  . ARG A 1 106 ? -3.684  7.763   7.380   1.00 49.53 ? 355 ARG A NE  1 
ATOM   797  C CZ  . ARG A 1 106 ? -3.960  8.490   8.456   1.00 50.17 ? 355 ARG A CZ  1 
ATOM   798  N NH1 . ARG A 1 106 ? -5.068  9.215   8.509   1.00 50.52 ? 355 ARG A NH1 1 
ATOM   799  N NH2 . ARG A 1 106 ? -3.124  8.467   9.484   1.00 49.37 ? 355 ARG A NH2 1 
ATOM   800  N N   . ILE A 1 107 ? -3.980  3.381   3.876   1.00 40.64 ? 356 ILE A N   1 
ATOM   801  C CA  . ILE A 1 107 ? -4.918  2.595   3.092   1.00 39.03 ? 356 ILE A CA  1 
ATOM   802  C C   . ILE A 1 107 ? -6.260  2.387   3.796   1.00 41.39 ? 356 ILE A C   1 
ATOM   803  O O   . ILE A 1 107 ? -6.326  2.279   5.032   1.00 41.22 ? 356 ILE A O   1 
ATOM   804  C CB  . ILE A 1 107 ? -4.265  1.237   2.778   1.00 39.55 ? 356 ILE A CB  1 
ATOM   805  C CG1 . ILE A 1 107 ? -3.115  1.470   1.809   1.00 38.01 ? 356 ILE A CG1 1 
ATOM   806  C CG2 . ILE A 1 107 ? -5.272  0.255   2.239   1.00 38.15 ? 356 ILE A CG2 1 
ATOM   807  C CD1 . ILE A 1 107 ? -2.215  0.290   1.674   1.00 41.62 ? 356 ILE A CD1 1 
ATOM   808  N N   . SER A 1 108 ? -7.327  2.327   3.004   1.00 42.91 ? 357 SER A N   1 
ATOM   809  C CA  . SER A 1 108 ? -8.667  2.130   3.560   1.00 45.56 ? 357 SER A CA  1 
ATOM   810  C C   . SER A 1 108 ? -9.307  0.859   3.024   1.00 44.59 ? 357 SER A C   1 
ATOM   811  O O   . SER A 1 108 ? -9.480  0.713   1.815   1.00 45.53 ? 357 SER A O   1 
ATOM   812  C CB  . SER A 1 108 ? -9.564  3.328   3.232   1.00 46.81 ? 357 SER A CB  1 
ATOM   813  O OG  . SER A 1 108 ? -10.825 3.202   3.867   1.00 46.61 ? 357 SER A OG  1 
ATOM   814  N N   . ALA A 1 109 ? -9.642  -0.052  3.933   1.00 45.91 ? 358 ALA A N   1 
ATOM   815  C CA  . ALA A 1 109 ? -10.268 -1.321  3.583   1.00 46.76 ? 358 ALA A CA  1 
ATOM   816  C C   . ALA A 1 109 ? -11.787 -1.145  3.667   1.00 48.52 ? 358 ALA A C   1 
ATOM   817  O O   . ALA A 1 109 ? -12.286 -0.387  4.491   1.00 47.91 ? 358 ALA A O   1 
ATOM   818  C CB  . ALA A 1 109 ? -9.799  -2.407  4.540   1.00 44.58 ? 358 ALA A CB  1 
ATOM   819  N N   . PRO A 1 110 ? -12.544 -1.844  2.809   1.00 50.94 ? 359 PRO A N   1 
ATOM   820  C CA  . PRO A 1 110 ? -14.011 -1.755  2.786   1.00 52.74 ? 359 PRO A CA  1 
ATOM   821  C C   . PRO A 1 110 ? -14.736 -2.085  4.095   1.00 54.52 ? 359 PRO A C   1 
ATOM   822  O O   . PRO A 1 110 ? -15.793 -1.533  4.371   1.00 54.95 ? 359 PRO A O   1 
ATOM   823  C CB  . PRO A 1 110 ? -14.394 -2.698  1.652   1.00 50.69 ? 359 PRO A CB  1 
ATOM   824  C CG  . PRO A 1 110 ? -13.290 -3.700  1.655   1.00 50.93 ? 359 PRO A CG  1 
ATOM   825  C CD  . PRO A 1 110 ? -12.067 -2.844  1.843   1.00 49.14 ? 359 PRO A CD  1 
ATOM   826  N N   . THR A 1 111 ? -14.170 -2.972  4.906   1.00 56.14 ? 360 THR A N   1 
ATOM   827  C CA  . THR A 1 111 ? -14.794 -3.351  6.175   1.00 58.46 ? 360 THR A CA  1 
ATOM   828  C C   . THR A 1 111 ? -13.703 -3.560  7.220   1.00 60.35 ? 360 THR A C   1 
ATOM   829  O O   . THR A 1 111 ? -12.523 -3.642  6.879   1.00 60.92 ? 360 THR A O   1 
ATOM   830  C CB  . THR A 1 111 ? -15.566 -4.677  6.045   1.00 58.99 ? 360 THR A CB  1 
ATOM   831  O OG1 . THR A 1 111 ? -14.633 -5.762  5.892   1.00 58.30 ? 360 THR A OG1 1 
ATOM   832  C CG2 . THR A 1 111 ? -16.486 -4.635  4.824   1.00 59.36 ? 360 THR A CG2 1 
ATOM   833  N N   . GLN A 1 112 ? -14.092 -3.660  8.490   1.00 61.45 ? 361 GLN A N   1 
ATOM   834  C CA  . GLN A 1 112 ? -13.110 -3.878  9.544   1.00 62.90 ? 361 GLN A CA  1 
ATOM   835  C C   . GLN A 1 112 ? -12.489 -5.258  9.390   1.00 62.89 ? 361 GLN A C   1 
ATOM   836  O O   . GLN A 1 112 ? -11.327 -5.473  9.738   1.00 62.51 ? 361 GLN A O   1 
ATOM   837  C CB  . GLN A 1 112 ? -13.754 -3.766  10.924  1.00 64.15 ? 361 GLN A CB  1 
ATOM   838  C CG  . GLN A 1 112 ? -12.782 -4.057  12.068  1.00 68.78 ? 361 GLN A CG  1 
ATOM   839  C CD  . GLN A 1 112 ? -13.291 -3.566  13.417  1.00 73.26 ? 361 GLN A CD  1 
ATOM   840  O OE1 . GLN A 1 112 ? -14.317 -4.043  13.919  1.00 76.32 ? 361 GLN A OE1 1 
ATOM   841  N NE2 . GLN A 1 112 ? -12.575 -2.606  14.013  1.00 73.98 ? 361 GLN A NE2 1 
ATOM   842  N N   . GLU A 1 113 ? -13.264 -6.189  8.842   1.00 63.75 ? 362 GLU A N   1 
ATOM   843  C CA  . GLU A 1 113 ? -12.802 -7.568  8.632   1.00 64.35 ? 362 GLU A CA  1 
ATOM   844  C C   . GLU A 1 113 ? -11.733 -7.665  7.541   1.00 61.55 ? 362 GLU A C   1 
ATOM   845  O O   . GLU A 1 113 ? -10.753 -8.395  7.675   1.00 59.83 ? 362 GLU A O   1 
ATOM   846  C CB  . GLU A 1 113 ? -13.982 -8.480  8.266   1.00 68.81 ? 362 GLU A CB  1 
ATOM   847  C CG  . GLU A 1 113 ? -15.035 -8.648  9.372   1.00 76.12 ? 362 GLU A CG  1 
ATOM   848  C CD  . GLU A 1 113 ? -15.919 -7.406  9.582   1.00 80.89 ? 362 GLU A CD  1 
ATOM   849  O OE1 . GLU A 1 113 ? -16.496 -6.899  8.580   1.00 84.01 ? 362 GLU A OE1 1 
ATOM   850  O OE2 . GLU A 1 113 ? -16.043 -6.953  10.752  1.00 82.96 ? 362 GLU A OE2 1 
ATOM   851  N N   . GLU A 1 114 ? -11.933 -6.932  6.452   1.00 59.14 ? 363 GLU A N   1 
ATOM   852  C CA  . GLU A 1 114 ? -10.966 -6.943  5.369   1.00 56.96 ? 363 GLU A CA  1 
ATOM   853  C C   . GLU A 1 114 ? -9.681  -6.285  5.864   1.00 54.53 ? 363 GLU A C   1 
ATOM   854  O O   . GLU A 1 114 ? -8.591  -6.611  5.406   1.00 52.77 ? 363 GLU A O   1 
ATOM   855  C CB  . GLU A 1 114 ? -11.512 -6.183  4.160   1.00 59.29 ? 363 GLU A CB  1 
ATOM   856  C CG  . GLU A 1 114 ? -12.393 -7.000  3.233   1.00 62.89 ? 363 GLU A CG  1 
ATOM   857  C CD  . GLU A 1 114 ? -11.687 -8.237  2.703   1.00 65.74 ? 363 GLU A CD  1 
ATOM   858  O OE1 . GLU A 1 114 ? -10.525 -8.126  2.251   1.00 68.01 ? 363 GLU A OE1 1 
ATOM   859  O OE2 . GLU A 1 114 ? -12.300 -9.323  2.725   1.00 66.99 ? 363 GLU A OE2 1 
ATOM   860  N N   . LYS A 1 115 ? -9.825  -5.358  6.803   1.00 52.47 ? 364 LYS A N   1 
ATOM   861  C CA  . LYS A 1 115 ? -8.682  -4.665  7.356   1.00 52.09 ? 364 LYS A CA  1 
ATOM   862  C C   . LYS A 1 115 ? -7.804  -5.624  8.152   1.00 51.96 ? 364 LYS A C   1 
ATOM   863  O O   . LYS A 1 115 ? -6.597  -5.715  7.916   1.00 49.95 ? 364 LYS A O   1 
ATOM   864  C CB  . LYS A 1 115 ? -9.137  -3.530  8.271   1.00 52.47 ? 364 LYS A CB  1 
ATOM   865  C CG  . LYS A 1 115 ? -7.982  -2.825  8.975   1.00 55.11 ? 364 LYS A CG  1 
ATOM   866  C CD  . LYS A 1 115 ? -8.437  -1.989  10.173  1.00 57.62 ? 364 LYS A CD  1 
ATOM   867  C CE  . LYS A 1 115 ? -8.970  -2.875  11.301  1.00 60.59 ? 364 LYS A CE  1 
ATOM   868  N NZ  . LYS A 1 115 ? -9.264  -2.095  12.548  1.00 63.39 ? 364 LYS A NZ  1 
ATOM   869  N N   . ASP A 1 116 ? -8.412  -6.344  9.093   1.00 51.94 ? 365 ASP A N   1 
ATOM   870  C CA  . ASP A 1 116 ? -7.654  -7.265  9.934   1.00 53.15 ? 365 ASP A CA  1 
ATOM   871  C C   . ASP A 1 116 ? -6.999  -8.358  9.125   1.00 53.37 ? 365 ASP A C   1 
ATOM   872  O O   . ASP A 1 116 ? -5.909  -8.826  9.466   1.00 53.27 ? 365 ASP A O   1 
ATOM   873  C CB  . ASP A 1 116 ? -8.552  -7.885  11.011  1.00 54.79 ? 365 ASP A CB  1 
ATOM   874  C CG  . ASP A 1 116 ? -9.284  -6.832  11.851  1.00 56.16 ? 365 ASP A CG  1 
ATOM   875  O OD1 . ASP A 1 116 ? -8.634  -5.870  12.326  1.00 55.97 ? 365 ASP A OD1 1 
ATOM   876  O OD2 . ASP A 1 116 ? -10.514 -6.978  12.038  1.00 57.42 ? 365 ASP A OD2 1 
ATOM   877  N N   . GLU A 1 117 ? -7.654  -8.757  8.039   1.00 53.31 ? 366 GLU A N   1 
ATOM   878  C CA  . GLU A 1 117 ? -7.114  -9.807  7.190   1.00 53.12 ? 366 GLU A CA  1 
ATOM   879  C C   . GLU A 1 117 ? -5.903  -9.310  6.424   1.00 50.56 ? 366 GLU A C   1 
ATOM   880  O O   . GLU A 1 117 ? -4.895  -10.017 6.300   1.00 49.82 ? 366 GLU A O   1 
ATOM   881  C CB  . GLU A 1 117 ? -8.180  -10.295 6.204   1.00 57.66 ? 366 GLU A CB  1 
ATOM   882  C CG  . GLU A 1 117 ? -9.344  -11.023 6.851   1.00 65.34 ? 366 GLU A CG  1 
ATOM   883  C CD  . GLU A 1 117 ? -8.937  -12.380 7.424   1.00 70.92 ? 366 GLU A CD  1 
ATOM   884  O OE1 . GLU A 1 117 ? -8.052  -12.440 8.323   1.00 72.32 ? 366 GLU A OE1 1 
ATOM   885  O OE2 . GLU A 1 117 ? -9.513  -13.395 6.966   1.00 73.30 ? 366 GLU A OE2 1 
ATOM   886  N N   . TRP A 1 118 ? -6.009  -8.088  5.915   1.00 46.69 ? 367 TRP A N   1 
ATOM   887  C CA  . TRP A 1 118 ? -4.919  -7.522  5.154   1.00 44.91 ? 367 TRP A CA  1 
ATOM   888  C C   . TRP A 1 118 ? -3.693  -7.286  6.042   1.00 44.49 ? 367 TRP A C   1 
ATOM   889  O O   . TRP A 1 118 ? -2.543  -7.505  5.630   1.00 41.49 ? 367 TRP A O   1 
ATOM   890  C CB  . TRP A 1 118 ? -5.366  -6.218  4.487   1.00 42.14 ? 367 TRP A CB  1 
ATOM   891  C CG  . TRP A 1 118 ? -5.928  -6.415  3.128   1.00 39.63 ? 367 TRP A CG  1 
ATOM   892  C CD1 . TRP A 1 118 ? -7.245  -6.422  2.782   1.00 38.66 ? 367 TRP A CD1 1 
ATOM   893  C CD2 . TRP A 1 118 ? -5.193  -6.707  1.931   1.00 37.17 ? 367 TRP A CD2 1 
ATOM   894  N NE1 . TRP A 1 118 ? -7.378  -6.710  1.452   1.00 37.67 ? 367 TRP A NE1 1 
ATOM   895  C CE2 . TRP A 1 118 ? -6.137  -6.892  0.904   1.00 36.70 ? 367 TRP A CE2 1 
ATOM   896  C CE3 . TRP A 1 118 ? -3.829  -6.837  1.636   1.00 35.21 ? 367 TRP A CE3 1 
ATOM   897  C CZ2 . TRP A 1 118 ? -5.758  -7.200  -0.414  1.00 37.24 ? 367 TRP A CZ2 1 
ATOM   898  C CZ3 . TRP A 1 118 ? -3.447  -7.146  0.325   1.00 34.04 ? 367 TRP A CZ3 1 
ATOM   899  C CH2 . TRP A 1 118 ? -4.408  -7.325  -0.680  1.00 36.72 ? 367 TRP A CH2 1 
ATOM   900  N N   . ILE A 1 119 ? -3.944  -6.854  7.271   1.00 45.05 ? 368 ILE A N   1 
ATOM   901  C CA  . ILE A 1 119 ? -2.863  -6.605  8.201   1.00 47.34 ? 368 ILE A CA  1 
ATOM   902  C C   . ILE A 1 119 ? -2.202  -7.930  8.581   1.00 50.00 ? 368 ILE A C   1 
ATOM   903  O O   . ILE A 1 119 ? -0.974  -8.064  8.547   1.00 49.80 ? 368 ILE A O   1 
ATOM   904  C CB  . ILE A 1 119 ? -3.388  -5.878  9.450   1.00 47.34 ? 368 ILE A CB  1 
ATOM   905  C CG1 . ILE A 1 119 ? -3.723  -4.421  9.085   1.00 47.56 ? 368 ILE A CG1 1 
ATOM   906  C CG2 . ILE A 1 119 ? -2.358  -5.941  10.571  1.00 46.72 ? 368 ILE A CG2 1 
ATOM   907  C CD1 . ILE A 1 119 ? -4.420  -3.635  10.179  1.00 44.54 ? 368 ILE A CD1 1 
ATOM   908  N N   . LYS A 1 120 ? -3.017  -8.918  8.925   1.00 51.56 ? 369 LYS A N   1 
ATOM   909  C CA  . LYS A 1 120 ? -2.476  -10.216 9.285   1.00 52.86 ? 369 LYS A CA  1 
ATOM   910  C C   . LYS A 1 120 ? -1.714  -10.799 8.110   1.00 52.35 ? 369 LYS A C   1 
ATOM   911  O O   . LYS A 1 120 ? -0.627  -11.360 8.279   1.00 53.20 ? 369 LYS A O   1 
ATOM   912  C CB  . LYS A 1 120 ? -3.602  -11.148 9.723   1.00 54.39 ? 369 LYS A CB  1 
ATOM   913  C CG  . LYS A 1 120 ? -4.182  -10.726 11.070  1.00 58.19 ? 369 LYS A CG  1 
ATOM   914  C CD  . LYS A 1 120 ? -5.568  -11.297 11.347  1.00 59.98 ? 369 LYS A CD  1 
ATOM   915  C CE  . LYS A 1 120 ? -6.116  -10.698 12.645  1.00 61.93 ? 369 LYS A CE  1 
ATOM   916  N NZ  . LYS A 1 120 ? -7.581  -10.932 12.820  1.00 65.30 ? 369 LYS A NZ  1 
ATOM   917  N N   . SER A 1 121 ? -2.255  -10.628 6.911   1.00 50.06 ? 370 SER A N   1 
ATOM   918  C CA  . SER A 1 121 ? -1.587  -11.163 5.736   1.00 50.46 ? 370 SER A CA  1 
ATOM   919  C C   . SER A 1 121 ? -0.290  -10.435 5.462   1.00 51.44 ? 370 SER A C   1 
ATOM   920  O O   . SER A 1 121 ? 0.711   -11.062 5.121   1.00 51.59 ? 370 SER A O   1 
ATOM   921  C CB  . SER A 1 121 ? -2.479  -11.056 4.507   1.00 50.00 ? 370 SER A CB  1 
ATOM   922  O OG  . SER A 1 121 ? -3.713  -11.706 4.722   1.00 50.02 ? 370 SER A OG  1 
ATOM   923  N N   . ILE A 1 122 ? -0.299  -9.113  5.621   1.00 52.57 ? 371 ILE A N   1 
ATOM   924  C CA  . ILE A 1 122 ? 0.902   -8.333  5.357   1.00 53.10 ? 371 ILE A CA  1 
ATOM   925  C C   . ILE A 1 122 ? 1.951   -8.516  6.440   1.00 56.24 ? 371 ILE A C   1 
ATOM   926  O O   . ILE A 1 122 ? 3.127   -8.679  6.117   1.00 55.93 ? 371 ILE A O   1 
ATOM   927  C CB  . ILE A 1 122 ? 0.605   -6.832  5.221   1.00 52.08 ? 371 ILE A CB  1 
ATOM   928  C CG1 . ILE A 1 122 ? -0.364  -6.593  4.072   1.00 49.57 ? 371 ILE A CG1 1 
ATOM   929  C CG2 . ILE A 1 122 ? 1.883   -6.079  4.929   1.00 51.32 ? 371 ILE A CG2 1 
ATOM   930  C CD1 . ILE A 1 122 ? -0.865  -5.169  3.993   1.00 45.70 ? 371 ILE A CD1 1 
ATOM   931  N N   . GLN A 1 123 ? 1.544   -8.489  7.712   1.00 59.48 ? 372 GLN A N   1 
ATOM   932  C CA  . GLN A 1 123 ? 2.504   -8.663  8.815   1.00 62.07 ? 372 GLN A CA  1 
ATOM   933  C C   . GLN A 1 123 ? 3.256   -9.962  8.562   1.00 63.89 ? 372 GLN A C   1 
ATOM   934  O O   . GLN A 1 123 ? 4.489   -10.001 8.615   1.00 64.46 ? 372 GLN A O   1 
ATOM   935  C CB  . GLN A 1 123 ? 1.806   -8.775  10.173  1.00 60.38 ? 372 GLN A CB  1 
ATOM   936  C CG  . GLN A 1 123 ? 1.003   -7.568  10.613  1.00 62.66 ? 372 GLN A CG  1 
ATOM   937  C CD  . GLN A 1 123 ? 0.371   -7.771  12.001  1.00 63.55 ? 372 GLN A CD  1 
ATOM   938  O OE1 . GLN A 1 123 ? -0.142  -8.860  12.320  1.00 62.66 ? 372 GLN A OE1 1 
ATOM   939  N NE2 . GLN A 1 123 ? 0.399   -6.722  12.827  1.00 61.80 ? 372 GLN A NE2 1 
ATOM   940  N N   . ALA A 1 124 ? 2.504   -11.023 8.280   1.00 65.41 ? 373 ALA A N   1 
ATOM   941  C CA  . ALA A 1 124 ? 3.082   -12.336 8.017   1.00 67.73 ? 373 ALA A CA  1 
ATOM   942  C C   . ALA A 1 124 ? 3.951   -12.380 6.756   1.00 69.71 ? 373 ALA A C   1 
ATOM   943  O O   . ALA A 1 124 ? 4.805   -13.250 6.614   1.00 69.32 ? 373 ALA A O   1 
ATOM   944  C CB  . ALA A 1 124 ? 1.972   -13.371 7.921   1.00 66.65 ? 373 ALA A CB  1 
ATOM   945  N N   . ALA A 1 125 ? 3.733   -11.442 5.843   1.00 72.63 ? 374 ALA A N   1 
ATOM   946  C CA  . ALA A 1 125 ? 4.509   -11.391 4.609   1.00 75.89 ? 374 ALA A CA  1 
ATOM   947  C C   . ALA A 1 125 ? 5.806   -10.592 4.772   1.00 78.21 ? 374 ALA A C   1 
ATOM   948  O O   . ALA A 1 125 ? 6.710   -10.695 3.938   1.00 78.47 ? 374 ALA A O   1 
ATOM   949  C CB  . ALA A 1 125 ? 3.661   -10.790 3.492   1.00 75.30 ? 374 ALA A CB  1 
ATOM   950  N N   . VAL A 1 126 ? 5.886   -9.795  5.835   1.00 80.68 ? 375 VAL A N   1 
ATOM   951  C CA  . VAL A 1 126 ? 7.071   -8.983  6.109   1.00 83.17 ? 375 VAL A CA  1 
ATOM   952  C C   . VAL A 1 126 ? 8.125   -9.821  6.829   1.00 85.12 ? 375 VAL A C   1 
ATOM   953  O O   . VAL A 1 126 ? 9.325   -9.661  6.596   1.00 84.91 ? 375 VAL A O   1 
ATOM   954  C CB  . VAL A 1 126 ? 6.725   -7.750  6.994   1.00 83.23 ? 375 VAL A CB  1 
ATOM   955  C CG1 . VAL A 1 126 ? 7.980   -6.921  7.258   1.00 82.73 ? 375 VAL A CG1 1 
ATOM   956  C CG2 . VAL A 1 126 ? 5.658   -6.900  6.316   1.00 82.41 ? 375 VAL A CG2 1 
ATOM   957  N N   . SER A 1 127 ? 7.661   -10.721 7.696   1.00 87.74 ? 376 SER A N   1 
ATOM   958  C CA  . SER A 1 127 ? 8.535   -11.599 8.481   1.00 89.91 ? 376 SER A CA  1 
ATOM   959  C C   . SER A 1 127 ? 9.354   -12.580 7.626   1.00 91.02 ? 376 SER A C   1 
ATOM   960  O O   . SER A 1 127 ? 10.602  -12.445 7.599   1.00 91.19 ? 376 SER A O   1 
ATOM   961  C CB  . SER A 1 127 ? 7.699   -12.388 9.499   1.00 90.04 ? 376 SER A CB  1 
ATOM   962  O OG  . SER A 1 127 ? 6.948   -11.523 10.338  1.00 91.50 ? 376 SER A OG  1 
ATOM   963  N N   . VAL A 1 128 ? 9.183   -13.901 7.691   0.00 20.00 ? 377 VAL A N   1 
ATOM   964  C CA  . VAL A 1 128 ? 9.936   -15.027 7.133   0.00 20.00 ? 377 VAL A CA  1 
ATOM   965  C C   . VAL A 1 128 ? 10.323  -14.777 5.669   0.00 20.00 ? 377 VAL A C   1 
ATOM   966  O O   . VAL A 1 128 ? 9.655   -15.257 4.748   0.00 20.00 ? 377 VAL A O   1 
ATOM   967  C CB  . VAL A 1 128 ? 9.124   -16.334 7.198   0.00 20.00 ? 377 VAL A CB  1 
ATOM   968  C CG1 . VAL A 1 128 ? 9.874   -17.460 6.504   0.00 20.00 ? 377 VAL A CG1 1 
ATOM   969  C CG2 . VAL A 1 128 ? 8.817   -16.699 8.643   0.00 20.00 ? 377 VAL A CG2 1 
ATOM   970  N N   . ASP A 1 129 ? 11.403  -14.023 5.467   0.00 20.00 ? 378 ASP A N   1 
ATOM   971  C CA  . ASP A 1 129 ? 11.950  -13.778 4.128   0.00 20.00 ? 378 ASP A CA  1 
ATOM   972  C C   . ASP A 1 129 ? 13.361  -13.187 4.200   0.00 20.00 ? 378 ASP A C   1 
ATOM   973  O O   . ASP A 1 129 ? 13.601  -12.206 4.907   0.00 20.00 ? 378 ASP A O   1 
ATOM   974  C CB  . ASP A 1 129 ? 11.027  -12.853 3.332   0.00 20.00 ? 378 ASP A CB  1 
ATOM   975  C CG  . ASP A 1 129 ? 11.414  -12.761 1.869   0.00 20.00 ? 378 ASP A CG  1 
ATOM   976  O OD1 . ASP A 1 129 ? 12.576  -13.083 1.542   0.00 20.00 ? 378 ASP A OD1 1 
ATOM   977  O OD2 . ASP A 1 129 ? 10.557  -12.366 1.050   0.00 20.00 ? 378 ASP A OD2 1 
HETATM 978  C C1  . 4IP B 2 .   ? -2.021  10.816  -7.898  1.00 72.61 ? 101 4IP A C1  1 
HETATM 979  O O1  . 4IP B 2 .   ? -3.147  11.707  -7.729  1.00 75.39 ? 101 4IP A O1  1 
HETATM 980  C C2  . 4IP B 2 .   ? -2.462  9.366   -7.595  1.00 69.81 ? 101 4IP A C2  1 
HETATM 981  O O2  . 4IP B 2 .   ? -3.112  9.301   -6.311  1.00 69.60 ? 101 4IP A O2  1 
HETATM 982  C C3  . 4IP B 2 .   ? -1.281  8.400   -7.615  1.00 67.58 ? 101 4IP A C3  1 
HETATM 983  O O3  . 4IP B 2 .   ? -1.728  7.107   -7.247  1.00 64.19 ? 101 4IP A O3  1 
HETATM 984  C C4  . 4IP B 2 .   ? -0.164  8.817   -6.661  1.00 68.42 ? 101 4IP A C4  1 
HETATM 985  O O4  . 4IP B 2 .   ? 0.955   7.949   -6.855  1.00 66.59 ? 101 4IP A O4  1 
HETATM 986  C C5  . 4IP B 2 .   ? 0.301   10.277  -6.858  1.00 71.77 ? 101 4IP A C5  1 
HETATM 987  O O5  . 4IP B 2 .   ? 1.110   10.631  -5.732  1.00 73.95 ? 101 4IP A O5  1 
HETATM 988  C C6  . 4IP B 2 .   ? -0.859  11.295  -6.991  1.00 72.14 ? 101 4IP A C6  1 
HETATM 989  O O6  . 4IP B 2 .   ? -0.332  12.526  -7.504  1.00 72.82 ? 101 4IP A O6  1 
HETATM 990  P P1  . 4IP B 2 .   ? -4.044  12.232  -8.989  1.00 77.98 ? 101 4IP A P1  1 
HETATM 991  O O1P . 4IP B 2 .   ? -5.131  13.061  -8.402  1.00 75.98 ? 101 4IP A O1P 1 
HETATM 992  O O2P . 4IP B 2 .   ? -4.580  11.015  -9.685  1.00 78.18 ? 101 4IP A O2P 1 
HETATM 993  O O3P . 4IP B 2 .   ? -3.124  13.021  -9.873  1.00 78.51 ? 101 4IP A O3P 1 
HETATM 994  P P3  . 4IP B 2 .   ? -1.626  5.860   -8.262  1.00 61.99 ? 101 4IP A P3  1 
HETATM 995  O O4P . 4IP B 2 .   ? -2.091  4.673   -7.499  1.00 62.08 ? 101 4IP A O4P 1 
HETATM 996  O O5P . 4IP B 2 .   ? -2.511  6.167   -9.416  1.00 62.16 ? 101 4IP A O5P 1 
HETATM 997  O O6P . 4IP B 2 .   ? -0.207  5.741   -8.670  1.00 60.95 ? 101 4IP A O6P 1 
HETATM 998  P P4  . 4IP B 2 .   ? 1.453   6.892   -5.740  1.00 65.20 ? 101 4IP A P4  1 
HETATM 999  O O7P . 4IP B 2 .   ? 0.737   7.231   -4.484  1.00 65.33 ? 101 4IP A O7P 1 
HETATM 1000 O O8P . 4IP B 2 .   ? 1.088   5.549   -6.243  1.00 63.34 ? 101 4IP A O8P 1 
HETATM 1001 O O9P . 4IP B 2 .   ? 2.937   7.068   -5.616  1.00 65.78 ? 101 4IP A O9P 1 
HETATM 1002 P P5  . 4IP B 2 .   ? 2.575   11.285  -5.874  1.00 76.15 ? 101 4IP A P5  1 
HETATM 1003 O OPF . 4IP B 2 .   ? 2.952   11.215  -7.319  1.00 74.88 ? 101 4IP A OPF 1 
HETATM 1004 O OPG . 4IP B 2 .   ? 2.441   12.695  -5.383  1.00 76.63 ? 101 4IP A OPG 1 
HETATM 1005 O OPH . 4IP B 2 .   ? 3.479   10.465  -5.013  1.00 74.91 ? 101 4IP A OPH 1 
HETATM 1006 O O   . HOH C 3 .   ? -3.789  6.883   -4.287  1.00 46.78 ? 1   HOH A O   1 
HETATM 1007 O O   . HOH C 3 .   ? -1.233  25.134  -0.340  1.00 52.95 ? 2   HOH A O   1 
HETATM 1008 O O   . HOH C 3 .   ? -8.101  -14.603 -4.984  1.00 42.89 ? 3   HOH A O   1 
HETATM 1009 O O   . HOH C 3 .   ? -6.595  -5.059  -17.713 1.00 53.70 ? 4   HOH A O   1 
HETATM 1010 O O   . HOH C 3 .   ? -9.133  11.414  4.644   1.00 52.26 ? 5   HOH A O   1 
HETATM 1011 O O   . HOH C 3 .   ? -11.751 -6.946  -3.178  1.00 48.23 ? 6   HOH A O   1 
HETATM 1012 O O   . HOH C 3 .   ? 14.449  7.128   9.747   1.00 63.44 ? 7   HOH A O   1 
HETATM 1013 O O   . HOH C 3 .   ? 10.673  -1.772  1.700   1.00 61.50 ? 8   HOH A O   1 
HETATM 1014 O O   . HOH C 3 .   ? -17.684 -5.339  11.943  1.00 59.18 ? 9   HOH A O   1 
HETATM 1015 O O   . HOH C 3 .   ? -8.255  -10.544 -10.794 1.00 56.41 ? 10  HOH A O   1 
HETATM 1016 O O   . HOH C 3 .   ? 5.033   -9.162  11.434  1.00 40.98 ? 11  HOH A O   1 
HETATM 1017 O O   . HOH C 3 .   ? -5.674  11.508  10.769  1.00 50.26 ? 12  HOH A O   1 
HETATM 1018 O O   . HOH C 3 .   ? 7.615   6.242   7.622   1.00 41.35 ? 13  HOH A O   1 
HETATM 1019 O O   . HOH C 3 .   ? -1.222  -3.698  -17.777 1.00 60.33 ? 14  HOH A O   1 
HETATM 1020 O O   . HOH C 3 .   ? 4.717   3.561   -4.896  1.00 55.98 ? 15  HOH A O   1 
HETATM 1021 O O   . HOH C 3 .   ? 6.463   -8.342  -16.955 1.00 59.77 ? 16  HOH A O   1 
HETATM 1022 O O   . HOH C 3 .   ? -11.853 -1.292  11.971  1.00 54.07 ? 17  HOH A O   1 
HETATM 1023 O O   . HOH C 3 .   ? 13.466  1.937   10.860  1.00 63.37 ? 18  HOH A O   1 
HETATM 1024 O O   . HOH C 3 .   ? -4.195  9.194   12.607  1.00 57.74 ? 19  HOH A O   1 
HETATM 1025 O O   . HOH C 3 .   ? -1.951  8.138   -11.242 1.00 65.27 ? 20  HOH A O   1 
HETATM 1026 O O   . HOH C 3 .   ? -1.853  -0.609  15.384  1.00 58.77 ? 21  HOH A O   1 
HETATM 1027 O O   . HOH C 3 .   ? -6.615  11.956  5.765   1.00 58.70 ? 22  HOH A O   1 
HETATM 1028 O O   . HOH C 3 .   ? 6.790   8.103   9.277   1.00 61.66 ? 23  HOH A O   1 
HETATM 1029 O O   . HOH C 3 .   ? -4.530  8.610   -11.603 1.00 56.89 ? 24  HOH A O   1 
HETATM 1030 O O   . HOH C 3 .   ? -0.288  8.889   11.200  1.00 53.36 ? 25  HOH A O   1 
HETATM 1031 O O   . HOH C 3 .   ? -2.182  -9.292  14.216  1.00 70.09 ? 26  HOH A O   1 
# 
loop_
_pdbx_poly_seq_scheme.asym_id 
_pdbx_poly_seq_scheme.entity_id 
_pdbx_poly_seq_scheme.seq_id 
_pdbx_poly_seq_scheme.mon_id 
_pdbx_poly_seq_scheme.ndb_seq_num 
_pdbx_poly_seq_scheme.pdb_seq_num 
_pdbx_poly_seq_scheme.auth_seq_num 
_pdbx_poly_seq_scheme.pdb_mon_id 
_pdbx_poly_seq_scheme.auth_mon_id 
_pdbx_poly_seq_scheme.pdb_strand_id 
_pdbx_poly_seq_scheme.pdb_ins_code 
_pdbx_poly_seq_scheme.hetero 
A 1 1   MET 1   250 ?   ?   ?   A . n 
A 1 2   GLY 2   251 ?   ?   ?   A . n 
A 1 3   HIS 3   252 ?   ?   ?   A . n 
A 1 4   HIS 4   253 ?   ?   ?   A . n 
A 1 5   HIS 5   254 ?   ?   ?   A . n 
A 1 6   HIS 6   255 ?   ?   ?   A . n 
A 1 7   HIS 7   256 ?   ?   ?   A . n 
A 1 8   HIS 8   257 ?   ?   ?   A . n 
A 1 9   GLY 9   258 ?   ?   ?   A . n 
A 1 10  SER 10  259 ?   ?   ?   A . n 
A 1 11  PRO 11  260 260 PRO PRO A . n 
A 1 12  ASP 12  261 261 ASP ASP A . n 
A 1 13  ARG 13  262 262 ARG ARG A . n 
A 1 14  GLU 14  263 263 GLU GLU A . n 
A 1 15  GLY 15  264 264 GLY GLY A . n 
A 1 16  TRP 16  265 265 TRP TRP A . n 
A 1 17  LEU 17  266 266 LEU LEU A . n 
A 1 18  LEU 18  267 267 LEU LEU A . n 
A 1 19  LYS 19  268 268 LYS LYS A . n 
A 1 20  LEU 20  269 269 LEU LEU A . n 
A 1 21  GLY 21  270 270 GLY GLY A . n 
A 1 22  GLY 22  271 271 GLY GLY A . n 
A 1 23  GLY 23  272 272 GLY GLY A . n 
A 1 24  ARG 24  273 273 ARG ARG A . n 
A 1 25  VAL 25  274 274 VAL VAL A . n 
A 1 26  LYS 26  275 275 LYS LYS A . n 
A 1 27  THR 27  276 276 THR THR A . n 
A 1 28  TRP 28  277 277 TRP TRP A . n 
A 1 29  LYS 29  278 278 LYS LYS A . n 
A 1 30  ARG 30  279 279 ARG ARG A . n 
A 1 31  ARG 31  280 280 ARG ARG A . n 
A 1 32  TRP 32  281 281 TRP TRP A . n 
A 1 33  PHE 33  282 282 PHE PHE A . n 
A 1 34  ILE 34  283 283 ILE ILE A . n 
A 1 35  LEU 35  284 284 LEU LEU A . n 
A 1 36  THR 36  285 285 THR THR A . n 
A 1 37  ASP 37  286 286 ASP ASP A . n 
A 1 38  ASN 38  287 287 ASN ASN A . n 
A 1 39  CYS 39  288 288 CYS CYS A . n 
A 1 40  LEU 40  289 289 LEU LEU A . n 
A 1 41  TYR 41  290 290 TYR TYR A . n 
A 1 42  TYR 42  291 291 TYR TYR A . n 
A 1 43  PHE 43  292 292 PHE PHE A . n 
A 1 44  GLU 44  293 293 GLU GLU A . n 
A 1 45  TYR 45  294 294 TYR TYR A . n 
A 1 46  THR 46  295 295 THR THR A . n 
A 1 47  THR 47  296 296 THR THR A . n 
A 1 48  ASP 48  297 297 ASP ASP A . n 
A 1 49  LYS 49  298 298 LYS LYS A . n 
A 1 50  GLU 50  299 299 GLU GLU A . n 
A 1 51  PRO 51  300 300 PRO PRO A . n 
A 1 52  ARG 52  301 301 ARG ARG A . n 
A 1 53  GLY 53  302 302 GLY GLY A . n 
A 1 54  ILE 54  303 303 ILE ILE A . n 
A 1 55  ILE 55  304 304 ILE ILE A . n 
A 1 56  PRO 56  305 305 PRO PRO A . n 
A 1 57  LEU 57  306 306 LEU LEU A . n 
A 1 58  GLU 58  307 307 GLU GLU A . n 
A 1 59  ASN 59  308 308 ASN ASN A . n 
A 1 60  LEU 60  309 309 LEU LEU A . n 
A 1 61  SER 61  310 310 SER SER A . n 
A 1 62  ILE 62  311 311 ILE ILE A . n 
A 1 63  ARG 63  312 312 ARG ARG A . n 
A 1 64  GLU 64  313 313 GLU GLU A . n 
A 1 65  VAL 65  314 314 VAL VAL A . n 
A 1 66  ASP 66  315 315 ASP ASP A . n 
A 1 67  ASP 67  316 316 ASP ASP A . n 
A 1 68  PRO 68  317 317 PRO PRO A . n 
A 1 69  ARG 69  318 318 ARG ARG A . n 
A 1 70  LYS 70  319 319 LYS LYS A . n 
A 1 71  PRO 71  320 320 PRO PRO A . n 
A 1 72  ASN 72  321 321 ASN ASN A . n 
A 1 73  CYS 73  322 322 CYS CYS A . n 
A 1 74  PHE 74  323 323 PHE PHE A . n 
A 1 75  GLU 75  324 324 GLU GLU A . n 
A 1 76  LEU 76  325 325 LEU LEU A . n 
A 1 77  TYR 77  326 326 TYR TYR A . n 
A 1 78  ILE 78  327 327 ILE ILE A . n 
A 1 79  PRO 79  328 328 PRO PRO A . n 
A 1 80  ASN 80  329 329 ASN ASN A . n 
A 1 81  ASN 81  330 330 ASN ASN A . n 
A 1 82  LYS 82  331 331 LYS LYS A . n 
A 1 83  GLY 83  332 332 GLY GLY A . n 
A 1 84  GLN 84  333 333 GLN GLN A . n 
A 1 85  LEU 85  334 334 LEU LEU A . n 
A 1 86  ILE 86  335 335 ILE ILE A . n 
A 1 87  LYS 87  336 336 LYS LYS A . n 
A 1 88  ALA 88  337 337 ALA ALA A . n 
A 1 89  CYS 89  338 338 CYS CYS A . n 
A 1 90  LYS 90  339 339 LYS LYS A . n 
A 1 91  THR 91  340 340 THR THR A . n 
A 1 92  GLU 92  341 341 GLU GLU A . n 
A 1 93  ALA 93  342 342 ALA ALA A . n 
A 1 94  ASP 94  343 343 ASP ASP A . n 
A 1 95  GLY 95  344 344 GLY GLY A . n 
A 1 96  ARG 96  345 345 ARG ARG A . n 
A 1 97  VAL 97  346 346 VAL VAL A . n 
A 1 98  VAL 98  347 347 VAL VAL A . n 
A 1 99  GLU 99  348 348 GLU GLU A . n 
A 1 100 GLY 100 349 349 GLY GLY A . n 
A 1 101 ASN 101 350 350 ASN ASN A . n 
A 1 102 HIS 102 351 351 HIS HIS A . n 
A 1 103 MET 103 352 352 MET MET A . n 
A 1 104 VAL 104 353 353 VAL VAL A . n 
A 1 105 TYR 105 354 354 TYR TYR A . n 
A 1 106 ARG 106 355 355 ARG ARG A . n 
A 1 107 ILE 107 356 356 ILE ILE A . n 
A 1 108 SER 108 357 357 SER SER A . n 
A 1 109 ALA 109 358 358 ALA ALA A . n 
A 1 110 PRO 110 359 359 PRO PRO A . n 
A 1 111 THR 111 360 360 THR THR A . n 
A 1 112 GLN 112 361 361 GLN GLN A . n 
A 1 113 GLU 113 362 362 GLU GLU A . n 
A 1 114 GLU 114 363 363 GLU GLU A . n 
A 1 115 LYS 115 364 364 LYS LYS A . n 
A 1 116 ASP 116 365 365 ASP ASP A . n 
A 1 117 GLU 117 366 366 GLU GLU A . n 
A 1 118 TRP 118 367 367 TRP TRP A . n 
A 1 119 ILE 119 368 368 ILE ILE A . n 
A 1 120 LYS 120 369 369 LYS LYS A . n 
A 1 121 SER 121 370 370 SER SER A . n 
A 1 122 ILE 122 371 371 ILE ILE A . n 
A 1 123 GLN 123 372 372 GLN GLN A . n 
A 1 124 ALA 124 373 373 ALA ALA A . n 
A 1 125 ALA 125 374 374 ALA ALA A . n 
A 1 126 VAL 126 375 375 VAL VAL A . n 
A 1 127 SER 127 376 376 SER SER A . n 
A 1 128 VAL 128 377 377 VAL VAL A . n 
A 1 129 ASP 129 378 378 ASP ASP A . n 
# 
loop_
_pdbx_nonpoly_scheme.asym_id 
_pdbx_nonpoly_scheme.entity_id 
_pdbx_nonpoly_scheme.mon_id 
_pdbx_nonpoly_scheme.ndb_seq_num 
_pdbx_nonpoly_scheme.pdb_seq_num 
_pdbx_nonpoly_scheme.auth_seq_num 
_pdbx_nonpoly_scheme.pdb_mon_id 
_pdbx_nonpoly_scheme.auth_mon_id 
_pdbx_nonpoly_scheme.pdb_strand_id 
_pdbx_nonpoly_scheme.pdb_ins_code 
B 2 4IP 1  101 101 4IP 4IP A . 
C 3 HOH 1  1   1   HOH HOH A . 
C 3 HOH 2  2   2   HOH HOH A . 
C 3 HOH 3  3   3   HOH HOH A . 
C 3 HOH 4  4   4   HOH HOH A . 
C 3 HOH 5  5   5   HOH HOH A . 
C 3 HOH 6  6   6   HOH HOH A . 
C 3 HOH 7  7   7   HOH HOH A . 
C 3 HOH 8  8   8   HOH HOH A . 
C 3 HOH 9  9   9   HOH HOH A . 
C 3 HOH 10 10  10  HOH HOH A . 
C 3 HOH 11 11  11  HOH HOH A . 
C 3 HOH 12 12  12  HOH HOH A . 
C 3 HOH 13 13  13  HOH HOH A . 
C 3 HOH 14 14  14  HOH HOH A . 
C 3 HOH 15 15  15  HOH HOH A . 
C 3 HOH 16 16  16  HOH HOH A . 
C 3 HOH 17 17  17  HOH HOH A . 
C 3 HOH 18 18  18  HOH HOH A . 
C 3 HOH 19 19  19  HOH HOH A . 
C 3 HOH 20 20  20  HOH HOH A . 
C 3 HOH 21 21  21  HOH HOH A . 
C 3 HOH 22 22  22  HOH HOH A . 
C 3 HOH 23 23  23  HOH HOH A . 
C 3 HOH 24 24  24  HOH HOH A . 
C 3 HOH 25 25  25  HOH HOH A . 
C 3 HOH 26 26  26  HOH HOH A . 
# 
_pdbx_struct_assembly.id                   1 
_pdbx_struct_assembly.details              author_defined_assembly 
_pdbx_struct_assembly.method_details       ? 
_pdbx_struct_assembly.oligomeric_details   monomeric 
_pdbx_struct_assembly.oligomeric_count     1 
# 
_pdbx_struct_assembly_gen.assembly_id       1 
_pdbx_struct_assembly_gen.oper_expression   1 
_pdbx_struct_assembly_gen.asym_id_list      A,B,C 
# 
_pdbx_struct_oper_list.id                   1 
_pdbx_struct_oper_list.type                 'identity operation' 
_pdbx_struct_oper_list.name                 1_555 
_pdbx_struct_oper_list.symmetry_operation   x,y,z 
_pdbx_struct_oper_list.matrix[1][1]         1.0000000000 
_pdbx_struct_oper_list.matrix[1][2]         0.0000000000 
_pdbx_struct_oper_list.matrix[1][3]         0.0000000000 
_pdbx_struct_oper_list.vector[1]            0.0000000000 
_pdbx_struct_oper_list.matrix[2][1]         0.0000000000 
_pdbx_struct_oper_list.matrix[2][2]         1.0000000000 
_pdbx_struct_oper_list.matrix[2][3]         0.0000000000 
_pdbx_struct_oper_list.vector[2]            0.0000000000 
_pdbx_struct_oper_list.matrix[3][1]         0.0000000000 
_pdbx_struct_oper_list.matrix[3][2]         0.0000000000 
_pdbx_struct_oper_list.matrix[3][3]         1.0000000000 
_pdbx_struct_oper_list.vector[3]            0.0000000000 
# 
loop_
_pdbx_audit_revision_history.ordinal 
_pdbx_audit_revision_history.data_content_type 
_pdbx_audit_revision_history.major_revision 
_pdbx_audit_revision_history.minor_revision 
_pdbx_audit_revision_history.revision_date 
1 'Structure model' 1 0 2005-02-01 
2 'Structure model' 1 1 2008-04-30 
3 'Structure model' 1 2 2011-07-13 
4 'Structure model' 1 3 2023-08-23 
# 
_pdbx_audit_revision_details.ordinal             1 
_pdbx_audit_revision_details.revision_ordinal    1 
_pdbx_audit_revision_details.data_content_type   'Structure model' 
_pdbx_audit_revision_details.provider            repository 
_pdbx_audit_revision_details.type                'Initial release' 
_pdbx_audit_revision_details.description         ? 
_pdbx_audit_revision_details.details             ? 
# 
loop_
_pdbx_audit_revision_group.ordinal 
_pdbx_audit_revision_group.revision_ordinal 
_pdbx_audit_revision_group.data_content_type 
_pdbx_audit_revision_group.group 
1 2 'Structure model' 'Version format compliance' 
2 3 'Structure model' 'Version format compliance' 
3 4 'Structure model' 'Data collection'           
4 4 'Structure model' 'Database references'       
5 4 'Structure model' 'Derived calculations'      
6 4 'Structure model' 'Refinement description'    
# 
loop_
_pdbx_audit_revision_category.ordinal 
_pdbx_audit_revision_category.revision_ordinal 
_pdbx_audit_revision_category.data_content_type 
_pdbx_audit_revision_category.category 
1 4 'Structure model' chem_comp_atom                
2 4 'Structure model' chem_comp_bond                
3 4 'Structure model' database_2                    
4 4 'Structure model' pdbx_initial_refinement_model 
5 4 'Structure model' struct_ref_seq_dif            
6 4 'Structure model' struct_site                   
# 
loop_
_pdbx_audit_revision_item.ordinal 
_pdbx_audit_revision_item.revision_ordinal 
_pdbx_audit_revision_item.data_content_type 
_pdbx_audit_revision_item.item 
1 4 'Structure model' '_database_2.pdbx_DOI'                
2 4 'Structure model' '_database_2.pdbx_database_accession' 
3 4 'Structure model' '_struct_ref_seq_dif.details'         
4 4 'Structure model' '_struct_site.pdbx_auth_asym_id'      
5 4 'Structure model' '_struct_site.pdbx_auth_comp_id'      
6 4 'Structure model' '_struct_site.pdbx_auth_seq_id'       
# 
loop_
_software.name 
_software.classification 
_software.version 
_software.citation_id 
_software.pdbx_ordinal 
DENZO     'data reduction' . ? 1 
SCALEPACK 'data scaling'   . ? 2 
AMoRE     phasing          . ? 3 
CNS       refinement       . ? 4 
# 
loop_
_pdbx_validate_close_contact.id 
_pdbx_validate_close_contact.PDB_model_num 
_pdbx_validate_close_contact.auth_atom_id_1 
_pdbx_validate_close_contact.auth_asym_id_1 
_pdbx_validate_close_contact.auth_comp_id_1 
_pdbx_validate_close_contact.auth_seq_id_1 
_pdbx_validate_close_contact.PDB_ins_code_1 
_pdbx_validate_close_contact.label_alt_id_1 
_pdbx_validate_close_contact.auth_atom_id_2 
_pdbx_validate_close_contact.auth_asym_id_2 
_pdbx_validate_close_contact.auth_comp_id_2 
_pdbx_validate_close_contact.auth_seq_id_2 
_pdbx_validate_close_contact.PDB_ins_code_2 
_pdbx_validate_close_contact.label_alt_id_2 
_pdbx_validate_close_contact.dist 
1 1 OD1 A ASN 287 ? ? OD2 A ASP 378 ? ? 1.74 
2 1 CG  A ASN 287 ? ? OD2 A ASP 378 ? ? 1.83 
3 1 ND2 A ASN 287 ? ? OD2 A ASP 378 ? ? 2.12 
# 
_pdbx_validate_rmsd_angle.id                         1 
_pdbx_validate_rmsd_angle.PDB_model_num              1 
_pdbx_validate_rmsd_angle.auth_atom_id_1             O 
_pdbx_validate_rmsd_angle.auth_asym_id_1             A 
_pdbx_validate_rmsd_angle.auth_comp_id_1             SER 
_pdbx_validate_rmsd_angle.auth_seq_id_1              376 
_pdbx_validate_rmsd_angle.PDB_ins_code_1             ? 
_pdbx_validate_rmsd_angle.label_alt_id_1             ? 
_pdbx_validate_rmsd_angle.auth_atom_id_2             C 
_pdbx_validate_rmsd_angle.auth_asym_id_2             A 
_pdbx_validate_rmsd_angle.auth_comp_id_2             SER 
_pdbx_validate_rmsd_angle.auth_seq_id_2              376 
_pdbx_validate_rmsd_angle.PDB_ins_code_2             ? 
_pdbx_validate_rmsd_angle.label_alt_id_2             ? 
_pdbx_validate_rmsd_angle.auth_atom_id_3             N 
_pdbx_validate_rmsd_angle.auth_asym_id_3             A 
_pdbx_validate_rmsd_angle.auth_comp_id_3             VAL 
_pdbx_validate_rmsd_angle.auth_seq_id_3              377 
_pdbx_validate_rmsd_angle.PDB_ins_code_3             ? 
_pdbx_validate_rmsd_angle.label_alt_id_3             ? 
_pdbx_validate_rmsd_angle.angle_value                103.59 
_pdbx_validate_rmsd_angle.angle_target_value         122.70 
_pdbx_validate_rmsd_angle.angle_deviation            -19.11 
_pdbx_validate_rmsd_angle.angle_standard_deviation   1.60 
_pdbx_validate_rmsd_angle.linker_flag                Y 
# 
loop_
_pdbx_validate_torsion.id 
_pdbx_validate_torsion.PDB_model_num 
_pdbx_validate_torsion.auth_comp_id 
_pdbx_validate_torsion.auth_asym_id 
_pdbx_validate_torsion.auth_seq_id 
_pdbx_validate_torsion.PDB_ins_code 
_pdbx_validate_torsion.label_alt_id 
_pdbx_validate_torsion.phi 
_pdbx_validate_torsion.psi 
1 1 ASP A 286 ? ? 41.11  89.73   
2 1 ASN A 287 ? ? 59.34  8.54    
3 1 SER A 376 ? ? -64.19 -115.02 
4 1 VAL A 377 ? ? -44.44 81.54   
# 
_pdbx_validate_main_chain_plane.id                       1 
_pdbx_validate_main_chain_plane.PDB_model_num            1 
_pdbx_validate_main_chain_plane.auth_comp_id             SER 
_pdbx_validate_main_chain_plane.auth_asym_id             A 
_pdbx_validate_main_chain_plane.auth_seq_id              376 
_pdbx_validate_main_chain_plane.PDB_ins_code             ? 
_pdbx_validate_main_chain_plane.label_alt_id             ? 
_pdbx_validate_main_chain_plane.improper_torsion_angle   27.52 
# 
loop_
_pdbx_unobs_or_zero_occ_atoms.id 
_pdbx_unobs_or_zero_occ_atoms.PDB_model_num 
_pdbx_unobs_or_zero_occ_atoms.polymer_flag 
_pdbx_unobs_or_zero_occ_atoms.occupancy_flag 
_pdbx_unobs_or_zero_occ_atoms.auth_asym_id 
_pdbx_unobs_or_zero_occ_atoms.auth_comp_id 
_pdbx_unobs_or_zero_occ_atoms.auth_seq_id 
_pdbx_unobs_or_zero_occ_atoms.PDB_ins_code 
_pdbx_unobs_or_zero_occ_atoms.auth_atom_id 
_pdbx_unobs_or_zero_occ_atoms.label_alt_id 
_pdbx_unobs_or_zero_occ_atoms.label_asym_id 
_pdbx_unobs_or_zero_occ_atoms.label_comp_id 
_pdbx_unobs_or_zero_occ_atoms.label_seq_id 
_pdbx_unobs_or_zero_occ_atoms.label_atom_id 
1  1 Y 0 A ASP 286 ? CG  ? A ASP 37 CG  
2  1 Y 0 A ASP 286 ? OD1 ? A ASP 37 OD1 
3  1 Y 0 A ASP 286 ? OD2 ? A ASP 37 OD2 
4  1 Y 0 A LYS 298 ? CG  ? A LYS 49 CG  
5  1 Y 0 A LYS 298 ? CD  ? A LYS 49 CD  
6  1 Y 0 A LYS 298 ? CE  ? A LYS 49 CE  
7  1 Y 0 A LYS 298 ? NZ  ? A LYS 49 NZ  
8  1 Y 0 A ARG 318 ? CG  ? A ARG 69 CG  
9  1 Y 0 A ARG 318 ? CD  ? A ARG 69 CD  
10 1 Y 0 A ARG 318 ? NE  ? A ARG 69 NE  
11 1 Y 0 A ARG 318 ? CZ  ? A ARG 69 CZ  
12 1 Y 0 A ARG 318 ? NH1 ? A ARG 69 NH1 
13 1 Y 0 A ARG 318 ? NH2 ? A ARG 69 NH2 
14 1 Y 0 A LYS 331 ? CG  ? A LYS 82 CG  
15 1 Y 0 A LYS 331 ? CD  ? A LYS 82 CD  
16 1 Y 0 A LYS 331 ? CE  ? A LYS 82 CE  
17 1 Y 0 A LYS 331 ? NZ  ? A LYS 82 NZ  
18 1 Y 0 A LYS 336 ? CG  ? A LYS 87 CG  
19 1 Y 0 A LYS 336 ? CD  ? A LYS 87 CD  
20 1 Y 0 A LYS 336 ? CE  ? A LYS 87 CE  
21 1 Y 0 A LYS 336 ? NZ  ? A LYS 87 NZ  
# 
loop_
_pdbx_unobs_or_zero_occ_residues.id 
_pdbx_unobs_or_zero_occ_residues.PDB_model_num 
_pdbx_unobs_or_zero_occ_residues.polymer_flag 
_pdbx_unobs_or_zero_occ_residues.occupancy_flag 
_pdbx_unobs_or_zero_occ_residues.auth_asym_id 
_pdbx_unobs_or_zero_occ_residues.auth_comp_id 
_pdbx_unobs_or_zero_occ_residues.auth_seq_id 
_pdbx_unobs_or_zero_occ_residues.PDB_ins_code 
_pdbx_unobs_or_zero_occ_residues.label_asym_id 
_pdbx_unobs_or_zero_occ_residues.label_comp_id 
_pdbx_unobs_or_zero_occ_residues.label_seq_id 
1  1 Y 1 A MET 250 ? A MET 1   
2  1 Y 1 A GLY 251 ? A GLY 2   
3  1 Y 1 A HIS 252 ? A HIS 3   
4  1 Y 1 A HIS 253 ? A HIS 4   
5  1 Y 1 A HIS 254 ? A HIS 5   
6  1 Y 1 A HIS 255 ? A HIS 6   
7  1 Y 1 A HIS 256 ? A HIS 7   
8  1 Y 1 A HIS 257 ? A HIS 8   
9  1 Y 1 A GLY 258 ? A GLY 9   
10 1 Y 1 A SER 259 ? A SER 10  
11 1 Y 0 A VAL 377 ? A VAL 128 
12 1 Y 0 A ASP 378 ? A ASP 129 
# 
loop_
_chem_comp_atom.comp_id 
_chem_comp_atom.atom_id 
_chem_comp_atom.type_symbol 
_chem_comp_atom.pdbx_aromatic_flag 
_chem_comp_atom.pdbx_stereo_config 
_chem_comp_atom.pdbx_ordinal 
4IP C1   C N N 1   
4IP O1   O N N 2   
4IP C2   C N S 3   
4IP O2   O N N 4   
4IP C3   C N S 5   
4IP O3   O N N 6   
4IP C4   C N N 7   
4IP O4   O N N 8   
4IP C5   C N R 9   
4IP O5   O N N 10  
4IP C6   C N S 11  
4IP O6   O N N 12  
4IP P1   P N N 13  
4IP O1P  O N N 14  
4IP O2P  O N N 15  
4IP O3P  O N N 16  
4IP P3   P N N 17  
4IP O4P  O N N 18  
4IP O5P  O N N 19  
4IP O6P  O N N 20  
4IP P4   P N N 21  
4IP O7P  O N N 22  
4IP O8P  O N N 23  
4IP O9P  O N N 24  
4IP P5   P N N 25  
4IP OPF  O N N 26  
4IP OPG  O N N 27  
4IP OPH  O N N 28  
4IP H1   H N N 29  
4IP H2   H N N 30  
4IP HO2  H N N 31  
4IP H3   H N N 32  
4IP H4   H N N 33  
4IP H5   H N N 34  
4IP H6   H N N 35  
4IP HO6  H N N 36  
4IP HO2P H N N 37  
4IP HO3P H N N 38  
4IP HO5P H N N 39  
4IP HO6P H N N 40  
4IP HO7P H N N 41  
4IP HO8P H N N 42  
4IP HOP1 H N N 43  
4IP HOP3 H N N 44  
ALA N    N N N 45  
ALA CA   C N S 46  
ALA C    C N N 47  
ALA O    O N N 48  
ALA CB   C N N 49  
ALA OXT  O N N 50  
ALA H    H N N 51  
ALA H2   H N N 52  
ALA HA   H N N 53  
ALA HB1  H N N 54  
ALA HB2  H N N 55  
ALA HB3  H N N 56  
ALA HXT  H N N 57  
ARG N    N N N 58  
ARG CA   C N S 59  
ARG C    C N N 60  
ARG O    O N N 61  
ARG CB   C N N 62  
ARG CG   C N N 63  
ARG CD   C N N 64  
ARG NE   N N N 65  
ARG CZ   C N N 66  
ARG NH1  N N N 67  
ARG NH2  N N N 68  
ARG OXT  O N N 69  
ARG H    H N N 70  
ARG H2   H N N 71  
ARG HA   H N N 72  
ARG HB2  H N N 73  
ARG HB3  H N N 74  
ARG HG2  H N N 75  
ARG HG3  H N N 76  
ARG HD2  H N N 77  
ARG HD3  H N N 78  
ARG HE   H N N 79  
ARG HH11 H N N 80  
ARG HH12 H N N 81  
ARG HH21 H N N 82  
ARG HH22 H N N 83  
ARG HXT  H N N 84  
ASN N    N N N 85  
ASN CA   C N S 86  
ASN C    C N N 87  
ASN O    O N N 88  
ASN CB   C N N 89  
ASN CG   C N N 90  
ASN OD1  O N N 91  
ASN ND2  N N N 92  
ASN OXT  O N N 93  
ASN H    H N N 94  
ASN H2   H N N 95  
ASN HA   H N N 96  
ASN HB2  H N N 97  
ASN HB3  H N N 98  
ASN HD21 H N N 99  
ASN HD22 H N N 100 
ASN HXT  H N N 101 
ASP N    N N N 102 
ASP CA   C N S 103 
ASP C    C N N 104 
ASP O    O N N 105 
ASP CB   C N N 106 
ASP CG   C N N 107 
ASP OD1  O N N 108 
ASP OD2  O N N 109 
ASP OXT  O N N 110 
ASP H    H N N 111 
ASP H2   H N N 112 
ASP HA   H N N 113 
ASP HB2  H N N 114 
ASP HB3  H N N 115 
ASP HD2  H N N 116 
ASP HXT  H N N 117 
CYS N    N N N 118 
CYS CA   C N R 119 
CYS C    C N N 120 
CYS O    O N N 121 
CYS CB   C N N 122 
CYS SG   S N N 123 
CYS OXT  O N N 124 
CYS H    H N N 125 
CYS H2   H N N 126 
CYS HA   H N N 127 
CYS HB2  H N N 128 
CYS HB3  H N N 129 
CYS HG   H N N 130 
CYS HXT  H N N 131 
GLN N    N N N 132 
GLN CA   C N S 133 
GLN C    C N N 134 
GLN O    O N N 135 
GLN CB   C N N 136 
GLN CG   C N N 137 
GLN CD   C N N 138 
GLN OE1  O N N 139 
GLN NE2  N N N 140 
GLN OXT  O N N 141 
GLN H    H N N 142 
GLN H2   H N N 143 
GLN HA   H N N 144 
GLN HB2  H N N 145 
GLN HB3  H N N 146 
GLN HG2  H N N 147 
GLN HG3  H N N 148 
GLN HE21 H N N 149 
GLN HE22 H N N 150 
GLN HXT  H N N 151 
GLU N    N N N 152 
GLU CA   C N S 153 
GLU C    C N N 154 
GLU O    O N N 155 
GLU CB   C N N 156 
GLU CG   C N N 157 
GLU CD   C N N 158 
GLU OE1  O N N 159 
GLU OE2  O N N 160 
GLU OXT  O N N 161 
GLU H    H N N 162 
GLU H2   H N N 163 
GLU HA   H N N 164 
GLU HB2  H N N 165 
GLU HB3  H N N 166 
GLU HG2  H N N 167 
GLU HG3  H N N 168 
GLU HE2  H N N 169 
GLU HXT  H N N 170 
GLY N    N N N 171 
GLY CA   C N N 172 
GLY C    C N N 173 
GLY O    O N N 174 
GLY OXT  O N N 175 
GLY H    H N N 176 
GLY H2   H N N 177 
GLY HA2  H N N 178 
GLY HA3  H N N 179 
GLY HXT  H N N 180 
HIS N    N N N 181 
HIS CA   C N S 182 
HIS C    C N N 183 
HIS O    O N N 184 
HIS CB   C N N 185 
HIS CG   C Y N 186 
HIS ND1  N Y N 187 
HIS CD2  C Y N 188 
HIS CE1  C Y N 189 
HIS NE2  N Y N 190 
HIS OXT  O N N 191 
HIS H    H N N 192 
HIS H2   H N N 193 
HIS HA   H N N 194 
HIS HB2  H N N 195 
HIS HB3  H N N 196 
HIS HD1  H N N 197 
HIS HD2  H N N 198 
HIS HE1  H N N 199 
HIS HE2  H N N 200 
HIS HXT  H N N 201 
HOH O    O N N 202 
HOH H1   H N N 203 
HOH H2   H N N 204 
ILE N    N N N 205 
ILE CA   C N S 206 
ILE C    C N N 207 
ILE O    O N N 208 
ILE CB   C N S 209 
ILE CG1  C N N 210 
ILE CG2  C N N 211 
ILE CD1  C N N 212 
ILE OXT  O N N 213 
ILE H    H N N 214 
ILE H2   H N N 215 
ILE HA   H N N 216 
ILE HB   H N N 217 
ILE HG12 H N N 218 
ILE HG13 H N N 219 
ILE HG21 H N N 220 
ILE HG22 H N N 221 
ILE HG23 H N N 222 
ILE HD11 H N N 223 
ILE HD12 H N N 224 
ILE HD13 H N N 225 
ILE HXT  H N N 226 
LEU N    N N N 227 
LEU CA   C N S 228 
LEU C    C N N 229 
LEU O    O N N 230 
LEU CB   C N N 231 
LEU CG   C N N 232 
LEU CD1  C N N 233 
LEU CD2  C N N 234 
LEU OXT  O N N 235 
LEU H    H N N 236 
LEU H2   H N N 237 
LEU HA   H N N 238 
LEU HB2  H N N 239 
LEU HB3  H N N 240 
LEU HG   H N N 241 
LEU HD11 H N N 242 
LEU HD12 H N N 243 
LEU HD13 H N N 244 
LEU HD21 H N N 245 
LEU HD22 H N N 246 
LEU HD23 H N N 247 
LEU HXT  H N N 248 
LYS N    N N N 249 
LYS CA   C N S 250 
LYS C    C N N 251 
LYS O    O N N 252 
LYS CB   C N N 253 
LYS CG   C N N 254 
LYS CD   C N N 255 
LYS CE   C N N 256 
LYS NZ   N N N 257 
LYS OXT  O N N 258 
LYS H    H N N 259 
LYS H2   H N N 260 
LYS HA   H N N 261 
LYS HB2  H N N 262 
LYS HB3  H N N 263 
LYS HG2  H N N 264 
LYS HG3  H N N 265 
LYS HD2  H N N 266 
LYS HD3  H N N 267 
LYS HE2  H N N 268 
LYS HE3  H N N 269 
LYS HZ1  H N N 270 
LYS HZ2  H N N 271 
LYS HZ3  H N N 272 
LYS HXT  H N N 273 
MET N    N N N 274 
MET CA   C N S 275 
MET C    C N N 276 
MET O    O N N 277 
MET CB   C N N 278 
MET CG   C N N 279 
MET SD   S N N 280 
MET CE   C N N 281 
MET OXT  O N N 282 
MET H    H N N 283 
MET H2   H N N 284 
MET HA   H N N 285 
MET HB2  H N N 286 
MET HB3  H N N 287 
MET HG2  H N N 288 
MET HG3  H N N 289 
MET HE1  H N N 290 
MET HE2  H N N 291 
MET HE3  H N N 292 
MET HXT  H N N 293 
PHE N    N N N 294 
PHE CA   C N S 295 
PHE C    C N N 296 
PHE O    O N N 297 
PHE CB   C N N 298 
PHE CG   C Y N 299 
PHE CD1  C Y N 300 
PHE CD2  C Y N 301 
PHE CE1  C Y N 302 
PHE CE2  C Y N 303 
PHE CZ   C Y N 304 
PHE OXT  O N N 305 
PHE H    H N N 306 
PHE H2   H N N 307 
PHE HA   H N N 308 
PHE HB2  H N N 309 
PHE HB3  H N N 310 
PHE HD1  H N N 311 
PHE HD2  H N N 312 
PHE HE1  H N N 313 
PHE HE2  H N N 314 
PHE HZ   H N N 315 
PHE HXT  H N N 316 
PRO N    N N N 317 
PRO CA   C N S 318 
PRO C    C N N 319 
PRO O    O N N 320 
PRO CB   C N N 321 
PRO CG   C N N 322 
PRO CD   C N N 323 
PRO OXT  O N N 324 
PRO H    H N N 325 
PRO HA   H N N 326 
PRO HB2  H N N 327 
PRO HB3  H N N 328 
PRO HG2  H N N 329 
PRO HG3  H N N 330 
PRO HD2  H N N 331 
PRO HD3  H N N 332 
PRO HXT  H N N 333 
SER N    N N N 334 
SER CA   C N S 335 
SER C    C N N 336 
SER O    O N N 337 
SER CB   C N N 338 
SER OG   O N N 339 
SER OXT  O N N 340 
SER H    H N N 341 
SER H2   H N N 342 
SER HA   H N N 343 
SER HB2  H N N 344 
SER HB3  H N N 345 
SER HG   H N N 346 
SER HXT  H N N 347 
THR N    N N N 348 
THR CA   C N S 349 
THR C    C N N 350 
THR O    O N N 351 
THR CB   C N R 352 
THR OG1  O N N 353 
THR CG2  C N N 354 
THR OXT  O N N 355 
THR H    H N N 356 
THR H2   H N N 357 
THR HA   H N N 358 
THR HB   H N N 359 
THR HG1  H N N 360 
THR HG21 H N N 361 
THR HG22 H N N 362 
THR HG23 H N N 363 
THR HXT  H N N 364 
TRP N    N N N 365 
TRP CA   C N S 366 
TRP C    C N N 367 
TRP O    O N N 368 
TRP CB   C N N 369 
TRP CG   C Y N 370 
TRP CD1  C Y N 371 
TRP CD2  C Y N 372 
TRP NE1  N Y N 373 
TRP CE2  C Y N 374 
TRP CE3  C Y N 375 
TRP CZ2  C Y N 376 
TRP CZ3  C Y N 377 
TRP CH2  C Y N 378 
TRP OXT  O N N 379 
TRP H    H N N 380 
TRP H2   H N N 381 
TRP HA   H N N 382 
TRP HB2  H N N 383 
TRP HB3  H N N 384 
TRP HD1  H N N 385 
TRP HE1  H N N 386 
TRP HE3  H N N 387 
TRP HZ2  H N N 388 
TRP HZ3  H N N 389 
TRP HH2  H N N 390 
TRP HXT  H N N 391 
TYR N    N N N 392 
TYR CA   C N S 393 
TYR C    C N N 394 
TYR O    O N N 395 
TYR CB   C N N 396 
TYR CG   C Y N 397 
TYR CD1  C Y N 398 
TYR CD2  C Y N 399 
TYR CE1  C Y N 400 
TYR CE2  C Y N 401 
TYR CZ   C Y N 402 
TYR OH   O N N 403 
TYR OXT  O N N 404 
TYR H    H N N 405 
TYR H2   H N N 406 
TYR HA   H N N 407 
TYR HB2  H N N 408 
TYR HB3  H N N 409 
TYR HD1  H N N 410 
TYR HD2  H N N 411 
TYR HE1  H N N 412 
TYR HE2  H N N 413 
TYR HH   H N N 414 
TYR HXT  H N N 415 
VAL N    N N N 416 
VAL CA   C N S 417 
VAL C    C N N 418 
VAL O    O N N 419 
VAL CB   C N N 420 
VAL CG1  C N N 421 
VAL CG2  C N N 422 
VAL OXT  O N N 423 
VAL H    H N N 424 
VAL H2   H N N 425 
VAL HA   H N N 426 
VAL HB   H N N 427 
VAL HG11 H N N 428 
VAL HG12 H N N 429 
VAL HG13 H N N 430 
VAL HG21 H N N 431 
VAL HG22 H N N 432 
VAL HG23 H N N 433 
VAL HXT  H N N 434 
# 
loop_
_chem_comp_bond.comp_id 
_chem_comp_bond.atom_id_1 
_chem_comp_bond.atom_id_2 
_chem_comp_bond.value_order 
_chem_comp_bond.pdbx_aromatic_flag 
_chem_comp_bond.pdbx_stereo_config 
_chem_comp_bond.pdbx_ordinal 
4IP C1  O1   sing N N 1   
4IP C1  C2   sing N N 2   
4IP C1  C6   sing N N 3   
4IP C1  H1   sing N N 4   
4IP O1  P1   sing N N 5   
4IP C2  O2   sing N N 6   
4IP C2  C3   sing N N 7   
4IP C2  H2   sing N N 8   
4IP O2  HO2  sing N N 9   
4IP C3  O3   sing N N 10  
4IP C3  C4   sing N N 11  
4IP C3  H3   sing N N 12  
4IP O3  P3   sing N N 13  
4IP C4  O4   sing N N 14  
4IP C4  C5   sing N N 15  
4IP C4  H4   sing N N 16  
4IP O4  P4   sing N N 17  
4IP C5  O5   sing N N 18  
4IP C5  C6   sing N N 19  
4IP C5  H5   sing N N 20  
4IP O5  P5   sing N N 21  
4IP C6  O6   sing N N 22  
4IP C6  H6   sing N N 23  
4IP O6  HO6  sing N N 24  
4IP P1  O1P  doub N N 25  
4IP P1  O2P  sing N N 26  
4IP P1  O3P  sing N N 27  
4IP O2P HO2P sing N N 28  
4IP O3P HO3P sing N N 29  
4IP P3  O4P  doub N N 30  
4IP P3  O5P  sing N N 31  
4IP P3  O6P  sing N N 32  
4IP O5P HO5P sing N N 33  
4IP O6P HO6P sing N N 34  
4IP P4  O7P  sing N N 35  
4IP P4  O8P  sing N N 36  
4IP P4  O9P  doub N N 37  
4IP O7P HO7P sing N N 38  
4IP O8P HO8P sing N N 39  
4IP P5  OPF  sing N N 40  
4IP P5  OPG  doub N N 41  
4IP P5  OPH  sing N N 42  
4IP OPF HOP1 sing N N 43  
4IP OPH HOP3 sing N N 44  
ALA N   CA   sing N N 45  
ALA N   H    sing N N 46  
ALA N   H2   sing N N 47  
ALA CA  C    sing N N 48  
ALA CA  CB   sing N N 49  
ALA CA  HA   sing N N 50  
ALA C   O    doub N N 51  
ALA C   OXT  sing N N 52  
ALA CB  HB1  sing N N 53  
ALA CB  HB2  sing N N 54  
ALA CB  HB3  sing N N 55  
ALA OXT HXT  sing N N 56  
ARG N   CA   sing N N 57  
ARG N   H    sing N N 58  
ARG N   H2   sing N N 59  
ARG CA  C    sing N N 60  
ARG CA  CB   sing N N 61  
ARG CA  HA   sing N N 62  
ARG C   O    doub N N 63  
ARG C   OXT  sing N N 64  
ARG CB  CG   sing N N 65  
ARG CB  HB2  sing N N 66  
ARG CB  HB3  sing N N 67  
ARG CG  CD   sing N N 68  
ARG CG  HG2  sing N N 69  
ARG CG  HG3  sing N N 70  
ARG CD  NE   sing N N 71  
ARG CD  HD2  sing N N 72  
ARG CD  HD3  sing N N 73  
ARG NE  CZ   sing N N 74  
ARG NE  HE   sing N N 75  
ARG CZ  NH1  sing N N 76  
ARG CZ  NH2  doub N N 77  
ARG NH1 HH11 sing N N 78  
ARG NH1 HH12 sing N N 79  
ARG NH2 HH21 sing N N 80  
ARG NH2 HH22 sing N N 81  
ARG OXT HXT  sing N N 82  
ASN N   CA   sing N N 83  
ASN N   H    sing N N 84  
ASN N   H2   sing N N 85  
ASN CA  C    sing N N 86  
ASN CA  CB   sing N N 87  
ASN CA  HA   sing N N 88  
ASN C   O    doub N N 89  
ASN C   OXT  sing N N 90  
ASN CB  CG   sing N N 91  
ASN CB  HB2  sing N N 92  
ASN CB  HB3  sing N N 93  
ASN CG  OD1  doub N N 94  
ASN CG  ND2  sing N N 95  
ASN ND2 HD21 sing N N 96  
ASN ND2 HD22 sing N N 97  
ASN OXT HXT  sing N N 98  
ASP N   CA   sing N N 99  
ASP N   H    sing N N 100 
ASP N   H2   sing N N 101 
ASP CA  C    sing N N 102 
ASP CA  CB   sing N N 103 
ASP CA  HA   sing N N 104 
ASP C   O    doub N N 105 
ASP C   OXT  sing N N 106 
ASP CB  CG   sing N N 107 
ASP CB  HB2  sing N N 108 
ASP CB  HB3  sing N N 109 
ASP CG  OD1  doub N N 110 
ASP CG  OD2  sing N N 111 
ASP OD2 HD2  sing N N 112 
ASP OXT HXT  sing N N 113 
CYS N   CA   sing N N 114 
CYS N   H    sing N N 115 
CYS N   H2   sing N N 116 
CYS CA  C    sing N N 117 
CYS CA  CB   sing N N 118 
CYS CA  HA   sing N N 119 
CYS C   O    doub N N 120 
CYS C   OXT  sing N N 121 
CYS CB  SG   sing N N 122 
CYS CB  HB2  sing N N 123 
CYS CB  HB3  sing N N 124 
CYS SG  HG   sing N N 125 
CYS OXT HXT  sing N N 126 
GLN N   CA   sing N N 127 
GLN N   H    sing N N 128 
GLN N   H2   sing N N 129 
GLN CA  C    sing N N 130 
GLN CA  CB   sing N N 131 
GLN CA  HA   sing N N 132 
GLN C   O    doub N N 133 
GLN C   OXT  sing N N 134 
GLN CB  CG   sing N N 135 
GLN CB  HB2  sing N N 136 
GLN CB  HB3  sing N N 137 
GLN CG  CD   sing N N 138 
GLN CG  HG2  sing N N 139 
GLN CG  HG3  sing N N 140 
GLN CD  OE1  doub N N 141 
GLN CD  NE2  sing N N 142 
GLN NE2 HE21 sing N N 143 
GLN NE2 HE22 sing N N 144 
GLN OXT HXT  sing N N 145 
GLU N   CA   sing N N 146 
GLU N   H    sing N N 147 
GLU N   H2   sing N N 148 
GLU CA  C    sing N N 149 
GLU CA  CB   sing N N 150 
GLU CA  HA   sing N N 151 
GLU C   O    doub N N 152 
GLU C   OXT  sing N N 153 
GLU CB  CG   sing N N 154 
GLU CB  HB2  sing N N 155 
GLU CB  HB3  sing N N 156 
GLU CG  CD   sing N N 157 
GLU CG  HG2  sing N N 158 
GLU CG  HG3  sing N N 159 
GLU CD  OE1  doub N N 160 
GLU CD  OE2  sing N N 161 
GLU OE2 HE2  sing N N 162 
GLU OXT HXT  sing N N 163 
GLY N   CA   sing N N 164 
GLY N   H    sing N N 165 
GLY N   H2   sing N N 166 
GLY CA  C    sing N N 167 
GLY CA  HA2  sing N N 168 
GLY CA  HA3  sing N N 169 
GLY C   O    doub N N 170 
GLY C   OXT  sing N N 171 
GLY OXT HXT  sing N N 172 
HIS N   CA   sing N N 173 
HIS N   H    sing N N 174 
HIS N   H2   sing N N 175 
HIS CA  C    sing N N 176 
HIS CA  CB   sing N N 177 
HIS CA  HA   sing N N 178 
HIS C   O    doub N N 179 
HIS C   OXT  sing N N 180 
HIS CB  CG   sing N N 181 
HIS CB  HB2  sing N N 182 
HIS CB  HB3  sing N N 183 
HIS CG  ND1  sing Y N 184 
HIS CG  CD2  doub Y N 185 
HIS ND1 CE1  doub Y N 186 
HIS ND1 HD1  sing N N 187 
HIS CD2 NE2  sing Y N 188 
HIS CD2 HD2  sing N N 189 
HIS CE1 NE2  sing Y N 190 
HIS CE1 HE1  sing N N 191 
HIS NE2 HE2  sing N N 192 
HIS OXT HXT  sing N N 193 
HOH O   H1   sing N N 194 
HOH O   H2   sing N N 195 
ILE N   CA   sing N N 196 
ILE N   H    sing N N 197 
ILE N   H2   sing N N 198 
ILE CA  C    sing N N 199 
ILE CA  CB   sing N N 200 
ILE CA  HA   sing N N 201 
ILE C   O    doub N N 202 
ILE C   OXT  sing N N 203 
ILE CB  CG1  sing N N 204 
ILE CB  CG2  sing N N 205 
ILE CB  HB   sing N N 206 
ILE CG1 CD1  sing N N 207 
ILE CG1 HG12 sing N N 208 
ILE CG1 HG13 sing N N 209 
ILE CG2 HG21 sing N N 210 
ILE CG2 HG22 sing N N 211 
ILE CG2 HG23 sing N N 212 
ILE CD1 HD11 sing N N 213 
ILE CD1 HD12 sing N N 214 
ILE CD1 HD13 sing N N 215 
ILE OXT HXT  sing N N 216 
LEU N   CA   sing N N 217 
LEU N   H    sing N N 218 
LEU N   H2   sing N N 219 
LEU CA  C    sing N N 220 
LEU CA  CB   sing N N 221 
LEU CA  HA   sing N N 222 
LEU C   O    doub N N 223 
LEU C   OXT  sing N N 224 
LEU CB  CG   sing N N 225 
LEU CB  HB2  sing N N 226 
LEU CB  HB3  sing N N 227 
LEU CG  CD1  sing N N 228 
LEU CG  CD2  sing N N 229 
LEU CG  HG   sing N N 230 
LEU CD1 HD11 sing N N 231 
LEU CD1 HD12 sing N N 232 
LEU CD1 HD13 sing N N 233 
LEU CD2 HD21 sing N N 234 
LEU CD2 HD22 sing N N 235 
LEU CD2 HD23 sing N N 236 
LEU OXT HXT  sing N N 237 
LYS N   CA   sing N N 238 
LYS N   H    sing N N 239 
LYS N   H2   sing N N 240 
LYS CA  C    sing N N 241 
LYS CA  CB   sing N N 242 
LYS CA  HA   sing N N 243 
LYS C   O    doub N N 244 
LYS C   OXT  sing N N 245 
LYS CB  CG   sing N N 246 
LYS CB  HB2  sing N N 247 
LYS CB  HB3  sing N N 248 
LYS CG  CD   sing N N 249 
LYS CG  HG2  sing N N 250 
LYS CG  HG3  sing N N 251 
LYS CD  CE   sing N N 252 
LYS CD  HD2  sing N N 253 
LYS CD  HD3  sing N N 254 
LYS CE  NZ   sing N N 255 
LYS CE  HE2  sing N N 256 
LYS CE  HE3  sing N N 257 
LYS NZ  HZ1  sing N N 258 
LYS NZ  HZ2  sing N N 259 
LYS NZ  HZ3  sing N N 260 
LYS OXT HXT  sing N N 261 
MET N   CA   sing N N 262 
MET N   H    sing N N 263 
MET N   H2   sing N N 264 
MET CA  C    sing N N 265 
MET CA  CB   sing N N 266 
MET CA  HA   sing N N 267 
MET C   O    doub N N 268 
MET C   OXT  sing N N 269 
MET CB  CG   sing N N 270 
MET CB  HB2  sing N N 271 
MET CB  HB3  sing N N 272 
MET CG  SD   sing N N 273 
MET CG  HG2  sing N N 274 
MET CG  HG3  sing N N 275 
MET SD  CE   sing N N 276 
MET CE  HE1  sing N N 277 
MET CE  HE2  sing N N 278 
MET CE  HE3  sing N N 279 
MET OXT HXT  sing N N 280 
PHE N   CA   sing N N 281 
PHE N   H    sing N N 282 
PHE N   H2   sing N N 283 
PHE CA  C    sing N N 284 
PHE CA  CB   sing N N 285 
PHE CA  HA   sing N N 286 
PHE C   O    doub N N 287 
PHE C   OXT  sing N N 288 
PHE CB  CG   sing N N 289 
PHE CB  HB2  sing N N 290 
PHE CB  HB3  sing N N 291 
PHE CG  CD1  doub Y N 292 
PHE CG  CD2  sing Y N 293 
PHE CD1 CE1  sing Y N 294 
PHE CD1 HD1  sing N N 295 
PHE CD2 CE2  doub Y N 296 
PHE CD2 HD2  sing N N 297 
PHE CE1 CZ   doub Y N 298 
PHE CE1 HE1  sing N N 299 
PHE CE2 CZ   sing Y N 300 
PHE CE2 HE2  sing N N 301 
PHE CZ  HZ   sing N N 302 
PHE OXT HXT  sing N N 303 
PRO N   CA   sing N N 304 
PRO N   CD   sing N N 305 
PRO N   H    sing N N 306 
PRO CA  C    sing N N 307 
PRO CA  CB   sing N N 308 
PRO CA  HA   sing N N 309 
PRO C   O    doub N N 310 
PRO C   OXT  sing N N 311 
PRO CB  CG   sing N N 312 
PRO CB  HB2  sing N N 313 
PRO CB  HB3  sing N N 314 
PRO CG  CD   sing N N 315 
PRO CG  HG2  sing N N 316 
PRO CG  HG3  sing N N 317 
PRO CD  HD2  sing N N 318 
PRO CD  HD3  sing N N 319 
PRO OXT HXT  sing N N 320 
SER N   CA   sing N N 321 
SER N   H    sing N N 322 
SER N   H2   sing N N 323 
SER CA  C    sing N N 324 
SER CA  CB   sing N N 325 
SER CA  HA   sing N N 326 
SER C   O    doub N N 327 
SER C   OXT  sing N N 328 
SER CB  OG   sing N N 329 
SER CB  HB2  sing N N 330 
SER CB  HB3  sing N N 331 
SER OG  HG   sing N N 332 
SER OXT HXT  sing N N 333 
THR N   CA   sing N N 334 
THR N   H    sing N N 335 
THR N   H2   sing N N 336 
THR CA  C    sing N N 337 
THR CA  CB   sing N N 338 
THR CA  HA   sing N N 339 
THR C   O    doub N N 340 
THR C   OXT  sing N N 341 
THR CB  OG1  sing N N 342 
THR CB  CG2  sing N N 343 
THR CB  HB   sing N N 344 
THR OG1 HG1  sing N N 345 
THR CG2 HG21 sing N N 346 
THR CG2 HG22 sing N N 347 
THR CG2 HG23 sing N N 348 
THR OXT HXT  sing N N 349 
TRP N   CA   sing N N 350 
TRP N   H    sing N N 351 
TRP N   H2   sing N N 352 
TRP CA  C    sing N N 353 
TRP CA  CB   sing N N 354 
TRP CA  HA   sing N N 355 
TRP C   O    doub N N 356 
TRP C   OXT  sing N N 357 
TRP CB  CG   sing N N 358 
TRP CB  HB2  sing N N 359 
TRP CB  HB3  sing N N 360 
TRP CG  CD1  doub Y N 361 
TRP CG  CD2  sing Y N 362 
TRP CD1 NE1  sing Y N 363 
TRP CD1 HD1  sing N N 364 
TRP CD2 CE2  doub Y N 365 
TRP CD2 CE3  sing Y N 366 
TRP NE1 CE2  sing Y N 367 
TRP NE1 HE1  sing N N 368 
TRP CE2 CZ2  sing Y N 369 
TRP CE3 CZ3  doub Y N 370 
TRP CE3 HE3  sing N N 371 
TRP CZ2 CH2  doub Y N 372 
TRP CZ2 HZ2  sing N N 373 
TRP CZ3 CH2  sing Y N 374 
TRP CZ3 HZ3  sing N N 375 
TRP CH2 HH2  sing N N 376 
TRP OXT HXT  sing N N 377 
TYR N   CA   sing N N 378 
TYR N   H    sing N N 379 
TYR N   H2   sing N N 380 
TYR CA  C    sing N N 381 
TYR CA  CB   sing N N 382 
TYR CA  HA   sing N N 383 
TYR C   O    doub N N 384 
TYR C   OXT  sing N N 385 
TYR CB  CG   sing N N 386 
TYR CB  HB2  sing N N 387 
TYR CB  HB3  sing N N 388 
TYR CG  CD1  doub Y N 389 
TYR CG  CD2  sing Y N 390 
TYR CD1 CE1  sing Y N 391 
TYR CD1 HD1  sing N N 392 
TYR CD2 CE2  doub Y N 393 
TYR CD2 HD2  sing N N 394 
TYR CE1 CZ   doub Y N 395 
TYR CE1 HE1  sing N N 396 
TYR CE2 CZ   sing Y N 397 
TYR CE2 HE2  sing N N 398 
TYR CZ  OH   sing N N 399 
TYR OH  HH   sing N N 400 
TYR OXT HXT  sing N N 401 
VAL N   CA   sing N N 402 
VAL N   H    sing N N 403 
VAL N   H2   sing N N 404 
VAL CA  C    sing N N 405 
VAL CA  CB   sing N N 406 
VAL CA  HA   sing N N 407 
VAL C   O    doub N N 408 
VAL C   OXT  sing N N 409 
VAL CB  CG1  sing N N 410 
VAL CB  CG2  sing N N 411 
VAL CB  HB   sing N N 412 
VAL CG1 HG11 sing N N 413 
VAL CG1 HG12 sing N N 414 
VAL CG1 HG13 sing N N 415 
VAL CG2 HG21 sing N N 416 
VAL CG2 HG22 sing N N 417 
VAL CG2 HG23 sing N N 418 
VAL OXT HXT  sing N N 419 
# 
loop_
_pdbx_entity_nonpoly.entity_id 
_pdbx_entity_nonpoly.name 
_pdbx_entity_nonpoly.comp_id 
2 'INOSITOL-(1,3,4,5)-TETRAKISPHOSPHATE' 4IP 
3 water                                  HOH 
# 
_pdbx_initial_refinement_model.id               1 
_pdbx_initial_refinement_model.entity_id_list   ? 
_pdbx_initial_refinement_model.type             'experimental model' 
_pdbx_initial_refinement_model.source_name      PDB 
_pdbx_initial_refinement_model.accession_code   1FGY 
_pdbx_initial_refinement_model.details          ? 
# 
